data_9N0O
#
_entry.id   9N0O
#
_cell.length_a   1.00
_cell.length_b   1.00
_cell.length_c   1.00
_cell.angle_alpha   90.00
_cell.angle_beta   90.00
_cell.angle_gamma   90.00
#
_symmetry.space_group_name_H-M   'P 1'
#
loop_
_entity.id
_entity.type
_entity.pdbx_description
1 polymer 'Probable amino acid decarboxylase'
2 non-polymer "PYRIDOXAL-5'-PHOSPHATE"
#
_entity_poly.entity_id   1
_entity_poly.type   'polypeptide(L)'
_entity_poly.pdbx_seq_one_letter_code
;ALAAVANPSYTRLDTWNLLDDACRHLAEVDLAGLDTTHDVARAKRLMDRIGAYERYWLYPGAQNLATFRAHLDSHSTVRL
TEEVSLAVRLLSEYGDRTALFDTSASLAEQELVAQAKQQQFYTVLLADDSPATAPDSLAECLRQLRNPADEVQFELLVVA
SIEDAITAVALNGEIQAAIIRHDLPLRSRDRVPLMTTLLGTDGDEAVANETHDWVECAEWIRELRPHIDLYLLTDESIAA
ETQDEPDVYDRTFYRLNDVTDLHSTVLAGLRNRYATPFFDALRAYAAAPVGQFHALPVARGASIFNSKSLHDMGEFYGRN
IFMAETSTTSGGLDSLLDPHGNIKTAMDKAAVTWNANQTYFVTNGTSTANKIVVQALTRPGDIVLIDRNCHKSHHYGLVL
AGAYPMYLDAYPLPQYAIYGAVPLRTIKQALLDLEAAGQLHRVRMLLLTNCTFDGVVYNPRRVMEEVLAIKPDICFLWDE
AWYAFATAVPWARQRTAMIAAERLEQMLSTAEYAEEYRNWCASMDGVDRSEWVDHRLLPDPNRARVRVYATHSTHKSLSA
LRQASMIHVRDQDFKALTRDAFGEAFLTHTSTSPNQQLLASLDLARRQVDIEGFELVRHVYNMALVFRHRVRKDRLISKW
FRILDESDLVPDAFRSSTVSSYRQVRQGALADWNEAWRSDQFVLDPTRLTLFIGATGMNGYDFREKILMERFGIQINKTS
INSVLLIFTIGVTWSSVHYLLDVLRRVAIDLDRSQKAASGADLALHRRHVEEITQDLPHLPDFSEFDLAFRPDDASSFGD
MRSAFYAGYEEADREYVQIGLAGRRLAEGKTLVSTTFVVPYPPGFPVLVPGQLVSKEIIYFLAQLDVKEIHGYNPDLGLS
VFTQAALARMEAARNAVATVGAALPAFEVPRDASALNGTVNGDSVLQGVAEDA
;
_entity_poly.pdbx_strand_id   A,B
#
loop_
_chem_comp.id
_chem_comp.type
_chem_comp.name
_chem_comp.formula
PLP non-polymer PYRIDOXAL-5'-PHOSPHATE 'C8 H10 N O6 P'
#
# COMPACT_ATOMS: atom_id res chain seq x y z
N ALA A 1 16.09 10.18 34.16
CA ALA A 1 15.99 9.20 33.09
C ALA A 1 16.77 9.64 31.86
N LEU A 2 16.56 10.91 31.48
CA LEU A 2 17.28 11.47 30.34
C LEU A 2 18.79 11.47 30.57
N ALA A 3 19.23 11.41 31.82
CA ALA A 3 20.65 11.19 32.10
C ALA A 3 21.17 9.87 31.55
N ALA A 4 20.29 8.90 31.25
CA ALA A 4 20.69 7.73 30.50
C ALA A 4 21.26 8.09 29.13
N VAL A 5 20.93 9.27 28.61
CA VAL A 5 21.56 9.81 27.41
C VAL A 5 22.89 10.46 27.77
N ALA A 6 22.82 11.53 28.55
CA ALA A 6 23.98 12.36 28.89
C ALA A 6 24.79 11.71 30.01
N ASN A 7 25.54 10.67 29.64
CA ASN A 7 26.43 10.00 30.57
C ASN A 7 27.73 9.62 29.86
N PRO A 8 28.85 9.59 30.58
CA PRO A 8 30.09 9.05 30.00
C PRO A 8 29.99 7.59 29.56
N SER A 9 29.24 6.76 30.28
CA SER A 9 29.24 5.33 30.01
C SER A 9 28.79 5.00 28.59
N TYR A 10 28.14 5.94 27.91
CA TYR A 10 27.80 5.73 26.50
C TYR A 10 29.06 5.53 25.66
N THR A 11 30.09 6.34 25.91
CA THR A 11 31.33 6.35 25.14
C THR A 11 32.30 5.25 25.57
N ARG A 12 31.90 4.35 26.46
CA ARG A 12 32.84 3.38 27.02
C ARG A 12 33.48 2.53 25.93
N LEU A 13 32.75 2.25 24.85
CA LEU A 13 33.38 1.53 23.74
C LEU A 13 34.53 2.33 23.17
N ASP A 14 34.31 3.62 22.93
CA ASP A 14 35.40 4.50 22.51
C ASP A 14 36.51 4.52 23.55
N THR A 15 36.13 4.63 24.82
CA THR A 15 37.11 4.65 25.91
C THR A 15 37.89 3.35 25.99
N TRP A 16 37.21 2.22 25.78
CA TRP A 16 37.92 0.95 25.71
C TRP A 16 38.89 0.92 24.53
N ASN A 17 38.53 1.53 23.40
CA ASN A 17 39.49 1.74 22.33
C ASN A 17 40.67 2.61 22.79
N LEU A 18 40.37 3.68 23.53
CA LEU A 18 41.43 4.52 24.09
C LEU A 18 42.41 3.70 24.92
N LEU A 19 41.91 2.83 25.80
CA LEU A 19 42.79 1.94 26.55
C LEU A 19 43.67 1.14 25.62
N ASP A 20 43.08 0.52 24.59
CA ASP A 20 43.87 -0.21 23.61
C ASP A 20 44.92 0.69 22.97
N ASP A 21 44.55 1.92 22.65
CA ASP A 21 45.52 2.90 22.17
C ASP A 21 46.60 3.16 23.23
N ALA A 22 46.19 3.37 24.47
CA ALA A 22 47.13 3.70 25.54
C ALA A 22 47.90 2.48 26.01
N CYS A 23 47.28 1.30 25.99
CA CYS A 23 47.97 0.08 26.37
C CYS A 23 49.01 -0.31 25.33
N ARG A 24 48.63 -0.34 24.05
CA ARG A 24 49.60 -0.66 23.00
C ARG A 24 50.81 0.27 23.07
N HIS A 25 50.58 1.58 23.25
CA HIS A 25 51.69 2.51 23.33
C HIS A 25 52.58 2.21 24.54
N LEU A 26 51.97 1.82 25.65
CA LEU A 26 52.76 1.37 26.80
C LEU A 26 53.73 0.27 26.38
N ALA A 27 53.24 -0.71 25.64
CA ALA A 27 54.11 -1.79 25.15
C ALA A 27 55.20 -1.24 24.23
N GLU A 28 54.85 -0.32 23.33
CA GLU A 28 55.87 0.26 22.46
C GLU A 28 56.92 1.02 23.26
N VAL A 29 56.56 1.50 24.44
CA VAL A 29 57.53 2.10 25.35
C VAL A 29 58.37 1.01 26.01
N ASP A 30 57.73 -0.04 26.50
CA ASP A 30 58.44 -1.09 27.23
C ASP A 30 59.39 -1.85 26.30
N LEU A 31 58.96 -2.11 25.06
CA LEU A 31 59.81 -2.82 24.12
C LEU A 31 61.06 -2.03 23.78
N ALA A 32 60.98 -0.70 23.86
CA ALA A 32 62.15 0.15 23.69
C ALA A 32 62.97 0.33 24.96
N GLY A 33 62.49 -0.21 26.09
CA GLY A 33 63.21 -0.04 27.34
C GLY A 33 63.11 1.34 27.95
N LEU A 34 62.19 2.17 27.48
CA LEU A 34 62.08 3.54 27.93
C LEU A 34 61.31 3.61 29.25
N ASP A 35 61.26 4.81 29.83
CA ASP A 35 60.54 5.02 31.08
C ASP A 35 59.04 4.85 30.85
N THR A 36 58.46 3.83 31.49
CA THR A 36 57.05 3.50 31.31
C THR A 36 56.13 4.39 32.14
N THR A 37 56.67 5.22 33.05
CA THR A 37 55.84 5.89 34.04
C THR A 37 54.71 6.69 33.39
N HIS A 38 54.98 7.31 32.24
CA HIS A 38 53.99 8.16 31.61
C HIS A 38 52.78 7.35 31.13
N ASP A 39 53.02 6.26 30.39
CA ASP A 39 51.94 5.49 29.81
C ASP A 39 51.27 4.53 30.78
N VAL A 40 51.96 4.09 31.84
CA VAL A 40 51.28 3.35 32.90
C VAL A 40 50.30 4.25 33.64
N ALA A 41 50.67 5.51 33.88
CA ALA A 41 49.75 6.43 34.54
C ALA A 41 48.57 6.77 33.66
N ARG A 42 48.80 6.91 32.35
CA ARG A 42 47.68 7.11 31.42
C ARG A 42 46.70 5.96 31.47
N ALA A 43 47.20 4.72 31.34
CA ALA A 43 46.34 3.55 31.36
C ALA A 43 45.59 3.42 32.68
N LYS A 44 46.28 3.61 33.80
CA LYS A 44 45.63 3.59 35.11
C LYS A 44 44.48 4.60 35.18
N ARG A 45 44.73 5.86 34.82
CA ARG A 45 43.66 6.85 34.83
C ARG A 45 42.49 6.41 33.95
N LEU A 46 42.76 6.01 32.71
CA LEU A 46 41.70 5.56 31.81
C LEU A 46 40.91 4.41 32.41
N MET A 47 41.61 3.36 32.85
CA MET A 47 40.94 2.21 33.46
C MET A 47 40.16 2.61 34.72
N ASP A 48 40.72 3.50 35.54
CA ASP A 48 39.96 4.00 36.68
C ASP A 48 38.68 4.70 36.24
N ARG A 49 38.73 5.47 35.15
CA ARG A 49 37.50 6.03 34.60
C ARG A 49 36.55 4.94 34.14
N ILE A 50 37.06 3.96 33.38
CA ILE A 50 36.25 2.82 32.95
C ILE A 50 35.62 2.10 34.14
N GLY A 51 36.38 1.93 35.22
CA GLY A 51 35.87 1.19 36.37
C GLY A 51 34.70 1.82 37.07
N ALA A 52 34.42 3.10 36.80
CA ALA A 52 33.24 3.73 37.39
C ALA A 52 31.94 3.21 36.82
N TYR A 53 31.98 2.55 35.65
CA TYR A 53 30.75 2.04 35.03
C TYR A 53 30.88 0.63 34.46
N GLU A 54 32.08 0.08 34.26
CA GLU A 54 32.23 -1.21 33.61
C GLU A 54 31.63 -2.35 34.42
N ARG A 55 31.49 -2.20 35.73
CA ARG A 55 30.79 -3.19 36.55
C ARG A 55 29.33 -3.39 36.12
N TYR A 56 28.77 -2.50 35.30
CA TYR A 56 27.42 -2.65 34.77
C TYR A 56 27.37 -3.38 33.43
N TRP A 57 28.50 -3.88 32.93
CA TRP A 57 28.54 -4.68 31.71
C TRP A 57 29.17 -6.04 32.02
N LEU A 58 28.77 -7.04 31.22
CA LEU A 58 29.11 -8.42 31.51
C LEU A 58 30.57 -8.76 31.17
N TYR A 59 30.98 -8.56 29.93
CA TYR A 59 32.17 -9.27 29.48
C TYR A 59 33.45 -8.77 30.16
N PRO A 60 33.93 -7.54 29.93
CA PRO A 60 35.09 -7.10 30.71
C PRO A 60 34.75 -6.98 32.18
N GLY A 61 33.77 -6.13 32.49
CA GLY A 61 33.21 -6.08 33.82
C GLY A 61 34.25 -5.68 34.86
N ALA A 62 33.82 -5.83 36.12
CA ALA A 62 34.72 -5.61 37.24
C ALA A 62 35.88 -6.60 37.25
N GLN A 63 35.64 -7.84 36.78
CA GLN A 63 36.64 -8.89 36.88
C GLN A 63 37.84 -8.63 35.97
N ASN A 64 37.61 -8.54 34.66
CA ASN A 64 38.73 -8.35 33.74
C ASN A 64 39.39 -6.99 33.93
N LEU A 65 38.59 -5.95 34.23
CA LEU A 65 39.19 -4.65 34.50
C LEU A 65 40.08 -4.69 35.73
N ALA A 66 39.68 -5.43 36.75
CA ALA A 66 40.55 -5.67 37.90
C ALA A 66 41.75 -6.55 37.56
N THR A 67 41.56 -7.52 36.66
CA THR A 67 42.69 -8.28 36.14
C THR A 67 43.68 -7.39 35.41
N PHE A 68 43.18 -6.50 34.55
CA PHE A 68 44.05 -5.58 33.83
C PHE A 68 44.75 -4.61 34.79
N ARG A 69 44.06 -4.19 35.85
CA ARG A 69 44.71 -3.42 36.90
C ARG A 69 45.87 -4.18 37.52
N ALA A 70 45.65 -5.45 37.87
CA ALA A 70 46.74 -6.27 38.41
C ALA A 70 47.90 -6.34 37.42
N HIS A 71 47.60 -6.65 36.15
CA HIS A 71 48.64 -6.72 35.14
C HIS A 71 49.39 -5.39 35.00
N LEU A 72 48.65 -4.28 34.98
CA LEU A 72 49.27 -2.98 34.82
C LEU A 72 50.08 -2.58 36.04
N ASP A 73 49.64 -2.98 37.24
CA ASP A 73 50.40 -2.76 38.45
C ASP A 73 51.61 -3.69 38.58
N SER A 74 51.65 -4.76 37.77
CA SER A 74 52.82 -5.61 37.66
C SER A 74 53.58 -5.39 36.35
N HIS A 75 53.18 -4.39 35.56
CA HIS A 75 53.91 -3.99 34.36
C HIS A 75 54.06 -5.13 33.36
N SER A 76 53.12 -6.07 33.37
CA SER A 76 53.11 -7.16 32.40
C SER A 76 52.62 -6.63 31.06
N THR A 77 53.28 -5.58 30.55
CA THR A 77 52.75 -4.80 29.43
C THR A 77 52.36 -5.67 28.25
N VAL A 78 53.21 -6.64 27.89
CA VAL A 78 52.92 -7.48 26.73
C VAL A 78 51.62 -8.25 26.95
N ARG A 79 51.53 -8.98 28.06
CA ARG A 79 50.29 -9.68 28.39
C ARG A 79 49.12 -8.71 28.45
N LEU A 80 49.28 -7.61 29.19
CA LEU A 80 48.24 -6.59 29.28
C LEU A 80 47.79 -6.10 27.90
N THR A 81 48.75 -5.75 27.04
CA THR A 81 48.40 -5.33 25.69
C THR A 81 47.60 -6.40 24.95
N GLU A 82 48.10 -7.64 24.94
CA GLU A 82 47.39 -8.71 24.27
C GLU A 82 45.96 -8.85 24.78
N GLU A 83 45.79 -8.94 26.10
CA GLU A 83 44.45 -9.17 26.65
C GLU A 83 43.51 -7.98 26.47
N VAL A 84 44.04 -6.75 26.49
CA VAL A 84 43.22 -5.59 26.19
C VAL A 84 42.80 -5.60 24.72
N SER A 85 43.74 -5.86 23.82
CA SER A 85 43.41 -6.00 22.40
C SER A 85 42.33 -7.05 22.19
N LEU A 86 42.56 -8.26 22.71
CA LEU A 86 41.56 -9.32 22.62
C LEU A 86 40.21 -8.88 23.18
N ALA A 87 40.20 -8.29 24.36
CA ALA A 87 38.94 -7.88 24.97
C ALA A 87 38.22 -6.83 24.14
N VAL A 88 38.92 -5.77 23.74
CA VAL A 88 38.27 -4.70 22.99
C VAL A 88 37.84 -5.18 21.60
N ARG A 89 38.57 -6.13 21.03
CA ARG A 89 38.17 -6.73 19.75
C ARG A 89 36.84 -7.48 19.91
N LEU A 90 36.79 -8.40 20.87
CA LEU A 90 35.54 -9.13 21.15
C LEU A 90 34.42 -8.18 21.55
N LEU A 91 34.74 -7.16 22.35
CA LEU A 91 33.74 -6.18 22.77
C LEU A 91 33.05 -5.53 21.56
N SER A 92 33.78 -5.29 20.48
CA SER A 92 33.22 -4.53 19.37
C SER A 92 32.04 -5.25 18.71
N GLU A 93 32.19 -6.53 18.38
CA GLU A 93 31.15 -7.26 17.67
C GLU A 93 30.28 -8.13 18.59
N TYR A 94 30.91 -8.98 19.39
CA TYR A 94 30.25 -9.98 20.21
C TYR A 94 30.28 -9.65 21.70
N GLY A 95 30.52 -8.39 22.06
CA GLY A 95 30.93 -8.06 23.41
C GLY A 95 29.87 -8.31 24.46
N ASP A 96 28.61 -8.46 24.05
CA ASP A 96 27.62 -9.04 24.95
C ASP A 96 27.83 -10.56 25.04
N ARG A 97 27.85 -11.23 23.88
CA ARG A 97 27.78 -12.69 23.82
C ARG A 97 29.07 -13.35 24.26
N THR A 98 30.18 -12.62 24.29
CA THR A 98 31.46 -13.18 24.71
C THR A 98 31.49 -13.54 26.19
N ALA A 99 30.55 -13.01 26.99
CA ALA A 99 30.49 -13.41 28.40
C ALA A 99 30.22 -14.90 28.55
N LEU A 100 29.48 -15.49 27.61
CA LEU A 100 29.27 -16.94 27.62
C LEU A 100 30.60 -17.66 27.69
N GLN A 119 23.04 -17.68 17.76
CA GLN A 119 22.10 -17.71 18.88
C GLN A 119 21.84 -16.31 19.42
N GLN A 120 20.58 -16.04 19.75
CA GLN A 120 20.24 -14.86 20.52
C GLN A 120 20.87 -14.93 21.90
N PHE A 121 21.58 -13.88 22.28
CA PHE A 121 22.13 -13.75 23.62
C PHE A 121 21.70 -12.42 24.20
N TYR A 122 21.24 -12.45 25.45
CA TYR A 122 20.81 -11.27 26.17
C TYR A 122 21.47 -11.25 27.55
N THR A 123 21.78 -10.06 28.03
CA THR A 123 22.11 -9.90 29.45
C THR A 123 20.82 -9.91 30.27
N VAL A 124 20.87 -10.60 31.41
CA VAL A 124 19.81 -10.54 32.42
C VAL A 124 20.41 -9.96 33.68
N LEU A 125 19.85 -8.86 34.17
CA LEU A 125 20.28 -8.32 35.45
C LEU A 125 19.73 -9.17 36.59
N LEU A 126 20.60 -9.52 37.53
CA LEU A 126 20.21 -10.05 38.84
C LEU A 126 20.56 -9.02 39.91
N ALA A 127 19.53 -8.38 40.47
CA ALA A 127 19.69 -7.51 41.64
C ALA A 127 19.68 -8.39 42.89
N ASP A 128 20.87 -8.81 43.31
CA ASP A 128 21.00 -9.75 44.42
C ASP A 128 22.36 -9.52 45.08
N ASP A 129 22.33 -8.98 46.30
CA ASP A 129 23.53 -8.73 47.08
C ASP A 129 24.03 -9.97 47.81
N SER A 130 23.32 -11.08 47.75
CA SER A 130 23.82 -12.34 48.29
C SER A 130 25.18 -12.69 47.67
N SER A 137 24.07 -19.99 45.35
CA SER A 137 23.64 -18.72 44.76
C SER A 137 22.71 -18.94 43.58
N LEU A 138 21.72 -18.07 43.46
CA LEU A 138 20.83 -18.09 42.30
C LEU A 138 21.62 -17.94 40.99
N ALA A 139 22.63 -17.08 40.98
CA ALA A 139 23.44 -16.87 39.79
C ALA A 139 24.06 -18.18 39.29
N GLU A 140 24.75 -18.90 40.16
CA GLU A 140 25.38 -20.15 39.74
C GLU A 140 24.34 -21.20 39.35
N CYS A 141 23.25 -21.29 40.10
CA CYS A 141 22.16 -22.19 39.74
C CYS A 141 21.58 -21.86 38.37
N LEU A 142 21.24 -20.60 38.13
CA LEU A 142 20.75 -20.19 36.81
C LEU A 142 21.77 -20.46 35.71
N ARG A 143 23.05 -20.18 35.97
CA ARG A 143 24.09 -20.56 35.02
C ARG A 143 24.09 -22.06 34.78
N GLN A 144 24.01 -22.86 35.84
CA GLN A 144 23.95 -24.31 35.67
C GLN A 144 22.75 -24.72 34.82
N LEU A 145 21.61 -24.06 35.01
CA LEU A 145 20.44 -24.36 34.20
C LEU A 145 20.69 -24.11 32.72
N ARG A 146 21.57 -23.15 32.40
CA ARG A 146 21.83 -22.80 31.02
C ARG A 146 22.35 -24.00 30.24
N ASN A 147 21.73 -24.27 29.09
CA ASN A 147 22.19 -25.27 28.14
C ASN A 147 22.78 -24.58 26.93
N PRO A 148 24.07 -24.79 26.61
CA PRO A 148 24.69 -24.06 25.49
C PRO A 148 23.96 -24.15 24.16
N ALA A 149 23.15 -25.19 23.96
CA ALA A 149 22.50 -25.37 22.66
C ALA A 149 21.21 -24.57 22.52
N ASP A 150 20.67 -24.03 23.62
CA ASP A 150 19.40 -23.31 23.54
C ASP A 150 19.48 -22.17 22.54
N GLU A 151 18.37 -21.94 21.83
CA GLU A 151 18.33 -20.90 20.81
C GLU A 151 18.63 -19.53 21.40
N VAL A 152 17.98 -19.20 22.52
CA VAL A 152 18.20 -17.95 23.23
C VAL A 152 19.03 -18.23 24.48
N GLN A 153 20.16 -17.53 24.59
CA GLN A 153 21.09 -17.65 25.70
C GLN A 153 21.08 -16.36 26.50
N PHE A 154 21.38 -16.48 27.80
CA PHE A 154 21.59 -15.29 28.60
C PHE A 154 22.64 -15.59 29.67
N GLU A 155 23.31 -14.52 30.14
CA GLU A 155 24.16 -14.59 31.31
C GLU A 155 23.74 -13.51 32.29
N LEU A 156 23.83 -13.83 33.57
CA LEU A 156 23.41 -12.93 34.64
C LEU A 156 24.46 -11.86 34.91
N LEU A 157 24.09 -10.61 34.72
CA LEU A 157 24.81 -9.48 35.31
C LEU A 157 24.30 -9.28 36.72
N VAL A 158 25.01 -9.84 37.69
CA VAL A 158 24.64 -9.69 39.09
C VAL A 158 25.07 -8.31 39.59
N VAL A 159 24.15 -7.63 40.28
CA VAL A 159 24.42 -6.36 40.95
C VAL A 159 23.84 -6.42 42.34
N ALA A 160 24.40 -5.61 43.23
CA ALA A 160 24.23 -5.77 44.67
C ALA A 160 23.35 -4.69 45.28
N SER A 161 22.64 -3.91 44.47
CA SER A 161 21.86 -2.80 45.02
C SER A 161 20.77 -2.40 44.04
N ILE A 162 19.73 -1.77 44.59
CA ILE A 162 18.73 -1.08 43.78
C ILE A 162 19.37 -0.02 42.89
N GLU A 163 20.18 0.86 43.47
CA GLU A 163 20.76 1.92 42.66
C GLU A 163 21.73 1.38 41.63
N ASP A 164 22.46 0.31 41.95
CA ASP A 164 23.24 -0.36 40.92
C ASP A 164 22.35 -1.05 39.91
N ALA A 165 21.21 -1.61 40.35
CA ALA A 165 20.25 -2.19 39.43
C ALA A 165 19.68 -1.14 38.48
N ILE A 166 19.21 -0.02 39.02
CA ILE A 166 18.66 1.05 38.17
C ILE A 166 19.72 1.55 37.20
N THR A 167 20.91 1.86 37.71
CA THR A 167 22.00 2.33 36.85
C THR A 167 22.38 1.27 35.82
N ALA A 168 22.43 0.00 36.22
CA ALA A 168 22.77 -1.06 35.27
C ALA A 168 21.79 -1.13 34.11
N VAL A 169 20.49 -1.18 34.38
CA VAL A 169 19.50 -1.22 33.31
C VAL A 169 19.64 -0.01 32.40
N ALA A 170 19.61 1.18 32.99
CA ALA A 170 19.65 2.42 32.21
C ALA A 170 20.88 2.49 31.33
N LEU A 171 22.06 2.22 31.90
CA LEU A 171 23.29 2.27 31.12
C LEU A 171 23.39 1.10 30.14
N ASN A 172 23.32 -0.14 30.63
CA ASN A 172 23.51 -1.30 29.78
C ASN A 172 22.20 -1.59 29.03
N GLY A 173 22.12 -1.13 27.80
CA GLY A 173 20.99 -1.39 26.92
C GLY A 173 20.84 -2.84 26.49
N GLU A 174 21.89 -3.64 26.65
CA GLU A 174 21.83 -5.07 26.37
C GLU A 174 21.14 -5.88 27.48
N ILE A 175 20.93 -5.30 28.65
CA ILE A 175 20.07 -5.94 29.65
C ILE A 175 18.64 -5.99 29.11
N GLN A 176 18.11 -7.21 28.97
CA GLN A 176 16.76 -7.45 28.50
C GLN A 176 15.80 -7.91 29.57
N ALA A 177 16.29 -8.51 30.65
CA ALA A 177 15.46 -8.94 31.76
C ALA A 177 16.10 -8.48 33.07
N ALA A 178 15.26 -8.30 34.08
CA ALA A 178 15.70 -7.98 35.42
C ALA A 178 15.10 -8.96 36.41
N ILE A 179 15.92 -9.43 37.35
CA ILE A 179 15.49 -10.25 38.47
C ILE A 179 15.87 -9.51 39.75
N ILE A 180 14.86 -9.15 40.55
CA ILE A 180 15.03 -8.26 41.70
C ILE A 180 14.67 -9.03 42.97
N ARG A 181 15.62 -9.07 43.92
CA ARG A 181 15.33 -9.50 45.27
C ARG A 181 14.41 -8.50 45.96
N HIS A 182 13.46 -9.01 46.75
CA HIS A 182 12.64 -8.13 47.58
C HIS A 182 13.46 -7.40 48.63
N ASP A 183 14.43 -8.07 49.25
CA ASP A 183 15.35 -7.38 50.16
C ASP A 183 16.57 -6.95 49.37
N LEU A 184 16.73 -5.64 49.20
CA LEU A 184 17.90 -5.07 48.53
C LEU A 184 18.35 -3.78 49.19
N PRO A 185 19.65 -3.62 49.48
CA PRO A 185 20.15 -2.38 50.06
C PRO A 185 20.14 -1.26 49.02
N LEU A 186 19.33 -0.24 49.26
CA LEU A 186 19.22 0.85 48.29
C LEU A 186 20.57 1.48 47.99
N ARG A 187 21.33 1.79 49.04
CA ARG A 187 22.69 2.30 48.85
C ARG A 187 23.58 1.26 48.19
N TRP A 214 12.00 -2.24 47.19
CA TRP A 214 12.14 -3.05 45.99
C TRP A 214 11.01 -2.78 44.99
N VAL A 215 9.81 -2.48 45.50
CA VAL A 215 8.72 -2.10 44.60
C VAL A 215 9.07 -0.80 43.90
N GLU A 216 9.68 0.14 44.62
CA GLU A 216 10.07 1.42 44.03
C GLU A 216 11.17 1.23 43.00
N CYS A 217 12.15 0.38 43.32
CA CYS A 217 13.14 -0.07 42.35
C CYS A 217 12.50 -0.57 41.07
N ALA A 218 11.57 -1.51 41.20
CA ALA A 218 10.85 -2.07 40.05
C ALA A 218 10.22 -1.00 39.17
N GLU A 219 9.51 -0.04 39.76
CA GLU A 219 8.89 1.00 38.94
C GLU A 219 9.92 1.83 38.17
N TRP A 220 11.07 2.12 38.79
CA TRP A 220 12.14 2.79 38.04
C TRP A 220 12.62 1.94 36.86
N ILE A 221 12.78 0.64 37.06
CA ILE A 221 13.13 -0.23 35.93
C ILE A 221 12.08 -0.14 34.84
N ARG A 222 10.80 -0.30 35.21
CA ARG A 222 9.73 -0.14 34.23
C ARG A 222 9.76 1.24 33.60
N GLU A 223 10.03 2.28 34.39
CA GLU A 223 10.06 3.62 33.83
C GLU A 223 11.17 3.77 32.81
N LEU A 224 12.40 3.42 33.20
CA LEU A 224 13.55 3.59 32.32
C LEU A 224 13.52 2.61 31.16
N ARG A 225 13.24 1.33 31.45
CA ARG A 225 13.34 0.24 30.49
C ARG A 225 11.98 -0.43 30.35
N PRO A 226 11.06 0.18 29.60
CA PRO A 226 9.66 -0.28 29.63
C PRO A 226 9.46 -1.66 29.01
N HIS A 227 10.33 -2.10 28.10
CA HIS A 227 10.13 -3.35 27.39
C HIS A 227 10.84 -4.53 28.05
N ILE A 228 11.88 -4.30 28.84
CA ILE A 228 12.59 -5.40 29.49
C ILE A 228 11.66 -6.06 30.51
N ASP A 229 11.72 -7.39 30.56
CA ASP A 229 10.94 -8.19 31.50
C ASP A 229 11.46 -8.07 32.93
N LEU A 230 10.55 -7.80 33.86
CA LEU A 230 10.86 -7.43 35.25
C LEU A 230 10.28 -8.48 36.19
N TYR A 231 11.15 -9.22 36.86
CA TYR A 231 10.81 -10.39 37.66
C TYR A 231 11.24 -10.18 39.10
N LEU A 232 10.42 -10.63 40.04
CA LEU A 232 10.68 -10.46 41.47
C LEU A 232 10.95 -11.81 42.12
N LEU A 233 11.95 -11.83 43.00
CA LEU A 233 12.20 -12.93 43.92
C LEU A 233 11.69 -12.56 45.31
N THR A 234 10.99 -13.50 45.94
CA THR A 234 10.43 -13.24 47.27
C THR A 234 10.47 -14.55 48.05
N ASP A 235 11.30 -14.58 49.09
CA ASP A 235 11.41 -15.71 50.00
C ASP A 235 10.35 -15.68 51.10
N GLU A 236 9.52 -14.64 51.16
CA GLU A 236 8.55 -14.53 52.24
C GLU A 236 7.51 -15.64 52.14
N SER A 237 7.12 -16.16 53.30
CA SER A 237 6.09 -17.19 53.37
C SER A 237 4.76 -16.64 52.87
N ARG A 251 6.51 -11.07 37.18
CA ARG A 251 6.11 -12.24 37.94
C ARG A 251 6.97 -12.35 39.19
N THR A 252 6.40 -12.88 40.27
CA THR A 252 7.12 -13.06 41.52
C THR A 252 7.53 -14.52 41.69
N PHE A 253 8.66 -14.72 42.37
CA PHE A 253 9.21 -16.05 42.58
C PHE A 253 9.66 -16.23 44.02
N TYR A 254 9.86 -17.49 44.39
CA TYR A 254 10.58 -17.85 45.60
C TYR A 254 11.99 -18.26 45.16
N ARG A 255 13.00 -17.49 45.58
CA ARG A 255 14.33 -17.67 45.03
C ARG A 255 14.87 -19.07 45.26
N LEU A 256 14.75 -19.58 46.49
CA LEU A 256 15.23 -20.91 46.79
C LEU A 256 14.42 -22.00 46.09
N ASN A 257 13.09 -21.88 46.12
CA ASN A 257 12.24 -22.97 45.64
C ASN A 257 12.34 -23.17 44.13
N ASP A 258 12.37 -22.08 43.35
CA ASP A 258 12.19 -22.19 41.89
C ASP A 258 13.30 -21.43 41.15
N VAL A 259 14.48 -22.07 41.07
CA VAL A 259 15.51 -21.60 40.15
C VAL A 259 15.28 -22.10 38.73
N THR A 260 14.54 -23.21 38.55
CA THR A 260 14.32 -23.79 37.24
C THR A 260 13.15 -23.15 36.50
N ASP A 261 12.12 -22.72 37.21
CA ASP A 261 10.99 -22.09 36.56
C ASP A 261 11.22 -20.60 36.35
N LEU A 262 11.99 -19.98 37.24
CA LEU A 262 12.56 -18.66 36.97
C LEU A 262 13.33 -18.65 35.66
N HIS A 263 14.29 -19.58 35.51
CA HIS A 263 15.01 -19.73 34.26
C HIS A 263 14.05 -19.84 33.07
N SER A 264 13.10 -20.77 33.15
CA SER A 264 12.14 -20.93 32.05
C SER A 264 11.36 -19.65 31.80
N THR A 265 10.96 -18.95 32.87
CA THR A 265 10.20 -17.72 32.71
C THR A 265 11.02 -16.63 32.02
N VAL A 266 12.26 -16.45 32.46
CA VAL A 266 13.17 -15.50 31.80
C VAL A 266 13.30 -15.84 30.32
N LEU A 267 13.65 -17.09 30.02
CA LEU A 267 13.74 -17.54 28.63
C LEU A 267 12.45 -17.27 27.87
N ALA A 268 11.31 -17.58 28.48
CA ALA A 268 10.03 -17.42 27.80
C ALA A 268 9.73 -15.96 27.49
N GLY A 269 9.93 -15.06 28.45
CA GLY A 269 9.74 -13.64 28.18
C GLY A 269 10.64 -13.10 27.09
N LEU A 270 11.92 -13.49 27.10
CA LEU A 270 12.81 -13.14 26.00
C LEU A 270 12.29 -13.66 24.66
N ARG A 271 11.89 -14.93 24.63
CA ARG A 271 11.30 -15.50 23.42
C ARG A 271 10.03 -14.75 23.01
N ASN A 272 9.19 -14.38 23.97
CA ASN A 272 7.97 -13.64 23.66
C ASN A 272 8.28 -12.33 22.93
N ARG A 273 9.28 -11.57 23.40
CA ARG A 273 9.62 -10.31 22.76
C ARG A 273 10.55 -10.46 21.56
N TYR A 274 11.14 -11.63 21.37
CA TYR A 274 11.97 -11.89 20.18
C TYR A 274 11.18 -12.55 19.07
N ALA A 275 10.29 -13.48 19.42
CA ALA A 275 9.52 -14.22 18.42
C ALA A 275 8.70 -13.26 17.57
N THR A 276 8.89 -13.35 16.25
CA THR A 276 8.09 -12.61 15.27
C THR A 276 7.18 -13.61 14.56
N PRO A 277 5.95 -13.81 15.05
CA PRO A 277 5.11 -14.86 14.46
C PRO A 277 4.83 -14.67 12.98
N PHE A 278 4.61 -13.45 12.53
CA PHE A 278 4.18 -13.25 11.14
C PHE A 278 5.36 -13.24 10.18
N PHE A 279 6.48 -12.64 10.56
CA PHE A 279 7.66 -12.71 9.70
C PHE A 279 8.15 -14.15 9.57
N ASP A 280 8.12 -14.92 10.66
CA ASP A 280 8.50 -16.32 10.57
C ASP A 280 7.52 -17.09 9.69
N ALA A 281 6.22 -16.83 9.83
CA ALA A 281 5.23 -17.48 8.99
C ALA A 281 5.44 -17.13 7.52
N LEU A 282 5.76 -15.87 7.24
CA LEU A 282 5.97 -15.46 5.85
C LEU A 282 7.23 -16.08 5.29
N ARG A 283 8.28 -16.22 6.11
CA ARG A 283 9.46 -16.96 5.67
C ARG A 283 9.11 -18.42 5.37
N ALA A 284 8.32 -19.05 6.23
CA ALA A 284 7.93 -20.44 6.00
C ALA A 284 7.06 -20.56 4.76
N TYR A 285 6.21 -19.57 4.50
CA TYR A 285 5.41 -19.59 3.29
C TYR A 285 6.28 -19.43 2.05
N ALA A 286 7.23 -18.50 2.08
CA ALA A 286 8.10 -18.29 0.94
C ALA A 286 9.04 -19.47 0.71
N ALA A 287 9.47 -20.12 1.79
CA ALA A 287 10.33 -21.30 1.68
C ALA A 287 9.61 -22.42 0.92
N HIS A 340 -6.91 -13.44 12.74
CA HIS A 340 -7.05 -14.28 13.93
C HIS A 340 -5.81 -15.14 14.15
N GLY A 341 -4.98 -15.26 13.12
CA GLY A 341 -3.81 -16.12 13.19
C GLY A 341 -2.55 -15.39 13.63
N ASN A 342 -1.45 -15.64 12.91
CA ASN A 342 -0.18 -15.01 13.26
C ASN A 342 -0.26 -13.49 13.14
N ILE A 343 -1.12 -12.99 12.26
CA ILE A 343 -1.27 -11.54 12.13
C ILE A 343 -1.87 -10.95 13.40
N LYS A 344 -2.85 -11.64 13.98
CA LYS A 344 -3.39 -11.21 15.27
C LYS A 344 -2.31 -11.16 16.33
N THR A 345 -1.44 -12.18 16.38
CA THR A 345 -0.39 -12.19 17.39
C THR A 345 0.59 -11.04 17.17
N ALA A 346 0.94 -10.77 15.91
CA ALA A 346 1.84 -9.65 15.62
C ALA A 346 1.23 -8.32 16.06
N MET A 347 -0.07 -8.11 15.78
CA MET A 347 -0.71 -6.88 16.19
C MET A 347 -0.81 -6.78 17.71
N ASP A 348 -1.03 -7.92 18.39
CA ASP A 348 -1.07 -7.90 19.85
C ASP A 348 0.29 -7.55 20.43
N LYS A 349 1.37 -8.08 19.83
CA LYS A 349 2.71 -7.74 20.28
C LYS A 349 3.03 -6.28 20.00
N ALA A 350 2.54 -5.75 18.89
CA ALA A 350 2.69 -4.32 18.61
C ALA A 350 1.94 -3.47 19.63
N ALA A 351 0.73 -3.89 20.00
CA ALA A 351 -0.01 -3.17 21.03
C ALA A 351 0.75 -3.14 22.35
N VAL A 352 1.35 -4.28 22.72
CA VAL A 352 2.10 -4.33 23.98
C VAL A 352 3.37 -3.50 23.88
N THR A 353 4.00 -3.44 22.70
CA THR A 353 5.21 -2.66 22.55
C THR A 353 4.94 -1.17 22.65
N TRP A 354 3.90 -0.69 21.96
CA TRP A 354 3.56 0.72 21.92
C TRP A 354 2.53 1.12 22.97
N ASN A 355 2.29 0.27 23.97
CA ASN A 355 1.43 0.60 25.10
C ASN A 355 0.01 0.93 24.66
N ALA A 356 -0.42 0.36 23.54
CA ALA A 356 -1.79 0.50 23.06
C ALA A 356 -2.67 -0.61 23.62
N ASN A 357 -3.98 -0.33 23.66
CA ASN A 357 -4.94 -1.39 23.90
C ASN A 357 -5.11 -2.28 22.67
N GLN A 358 -5.12 -1.67 21.49
CA GLN A 358 -5.16 -2.41 20.22
C GLN A 358 -4.20 -1.74 19.25
N THR A 359 -3.66 -2.55 18.34
CA THR A 359 -2.86 -2.05 17.22
C THR A 359 -3.40 -2.61 15.92
N TYR A 360 -3.51 -1.75 14.92
CA TYR A 360 -3.98 -2.12 13.59
C TYR A 360 -2.92 -1.79 12.57
N PHE A 361 -2.51 -2.79 11.79
CA PHE A 361 -1.46 -2.62 10.78
C PHE A 361 -2.08 -2.07 9.51
N VAL A 362 -1.71 -0.83 9.14
CA VAL A 362 -2.17 -0.20 7.92
C VAL A 362 -1.07 -0.32 6.88
N THR A 363 -1.33 -1.10 5.82
CA THR A 363 -0.35 -1.31 4.77
C THR A 363 -0.10 -0.08 3.90
N ASN A 364 -1.05 0.87 3.84
CA ASN A 364 -0.91 2.03 2.97
C ASN A 364 -0.33 3.25 3.69
N GLY A 365 0.23 3.07 4.88
CA GLY A 365 0.94 4.14 5.56
C GLY A 365 0.06 4.99 6.45
N THR A 366 0.70 5.95 7.11
CA THR A 366 -0.03 6.84 8.01
C THR A 366 -1.01 7.71 7.25
N SER A 367 -0.73 8.02 5.99
CA SER A 367 -1.70 8.74 5.16
C SER A 367 -3.07 8.11 5.31
N THR A 368 -3.13 6.78 5.23
CA THR A 368 -4.40 6.06 5.26
C THR A 368 -4.81 5.73 6.68
N ALA A 369 -3.85 5.47 7.57
CA ALA A 369 -4.17 5.32 8.98
C ALA A 369 -4.92 6.53 9.50
N ASN A 370 -4.49 7.72 9.10
CA ASN A 370 -5.16 8.93 9.54
C ASN A 370 -6.61 8.96 9.08
N LYS A 371 -6.86 8.53 7.84
CA LYS A 371 -8.21 8.57 7.28
C LYS A 371 -9.10 7.51 7.90
N ILE A 372 -8.55 6.32 8.16
CA ILE A 372 -9.32 5.28 8.86
C ILE A 372 -9.82 5.83 10.19
N VAL A 373 -8.94 6.47 10.96
CA VAL A 373 -9.34 6.97 12.27
C VAL A 373 -10.36 8.09 12.14
N VAL A 374 -10.10 9.06 11.25
CA VAL A 374 -11.01 10.19 11.14
C VAL A 374 -12.40 9.73 10.69
N GLN A 375 -12.44 8.80 9.73
CA GLN A 375 -13.71 8.23 9.31
C GLN A 375 -14.38 7.47 10.46
N ALA A 376 -13.60 6.69 11.20
CA ALA A 376 -14.16 5.88 12.29
C ALA A 376 -14.75 6.74 13.39
N LEU A 377 -14.12 7.87 13.72
CA LEU A 377 -14.60 8.67 14.84
C LEU A 377 -15.59 9.75 14.41
N THR A 378 -15.41 10.36 13.25
CA THR A 378 -16.24 11.49 12.85
C THR A 378 -17.29 11.06 11.83
N ARG A 379 -18.51 11.53 12.05
CA ARG A 379 -19.54 11.59 11.02
C ARG A 379 -19.51 12.94 10.32
N PRO A 380 -20.02 13.01 9.10
CA PRO A 380 -20.15 14.32 8.43
C PRO A 380 -20.75 15.38 9.34
N GLY A 381 -20.14 16.56 9.35
CA GLY A 381 -20.56 17.68 10.15
C GLY A 381 -20.06 17.70 11.57
N ASP A 382 -19.21 16.76 11.96
CA ASP A 382 -18.65 16.73 13.31
C ASP A 382 -17.38 17.56 13.33
N ILE A 383 -17.37 18.64 14.13
CA ILE A 383 -16.24 19.55 14.13
C ILE A 383 -15.01 18.79 14.60
N VAL A 384 -13.91 18.97 13.90
CA VAL A 384 -12.61 18.41 14.28
C VAL A 384 -11.64 19.56 14.46
N LEU A 385 -11.21 19.80 15.69
CA LEU A 385 -10.10 20.73 15.91
C LEU A 385 -8.83 20.08 15.36
N ILE A 386 -8.05 20.84 14.61
CA ILE A 386 -6.86 20.29 13.98
C ILE A 386 -5.83 21.39 13.85
N ASP A 387 -4.56 21.00 13.92
CA ASP A 387 -3.46 21.93 13.65
C ASP A 387 -3.43 22.30 12.18
N ARG A 388 -3.08 23.55 11.89
CA ARG A 388 -3.05 24.01 10.51
C ARG A 388 -1.85 23.43 9.76
N ASN A 389 -0.78 23.10 10.48
CA ASN A 389 0.42 22.52 9.88
C ASN A 389 0.34 20.99 9.82
N CYS A 390 -0.85 20.44 9.99
CA CYS A 390 -1.07 19.00 9.89
C CYS A 390 -0.73 18.50 8.49
N HIS A 391 -0.29 17.24 8.43
CA HIS A 391 -0.01 16.60 7.16
C HIS A 391 -1.20 16.77 6.21
N LYS A 392 -0.93 16.74 4.91
CA LYS A 392 -1.99 16.86 3.92
C LYS A 392 -3.00 15.72 4.01
N SER A 393 -2.57 14.56 4.51
CA SER A 393 -3.49 13.42 4.61
C SER A 393 -4.66 13.71 5.54
N HIS A 394 -4.51 14.65 6.47
CA HIS A 394 -5.63 15.06 7.31
C HIS A 394 -6.59 15.98 6.58
N HIS A 395 -6.06 16.90 5.76
CA HIS A 395 -6.92 17.73 4.95
C HIS A 395 -7.80 16.89 4.04
N TYR A 396 -7.21 15.91 3.35
CA TYR A 396 -7.99 15.05 2.47
C TYR A 396 -8.90 14.11 3.26
N GLY A 397 -8.45 13.66 4.42
CA GLY A 397 -9.31 12.86 5.27
C GLY A 397 -10.51 13.63 5.77
N LEU A 398 -10.37 14.93 6.00
CA LEU A 398 -11.50 15.75 6.42
C LEU A 398 -12.53 15.93 5.29
N VAL A 399 -12.07 16.17 4.07
CA VAL A 399 -13.03 16.30 2.96
C VAL A 399 -13.71 14.97 2.69
N LEU A 400 -13.04 13.85 2.95
CA LEU A 400 -13.70 12.55 2.79
C LEU A 400 -14.72 12.33 3.90
N ALA A 401 -14.32 12.59 5.15
CA ALA A 401 -15.20 12.35 6.27
C ALA A 401 -16.34 13.35 6.35
N GLY A 402 -16.21 14.50 5.71
CA GLY A 402 -17.20 15.55 5.83
C GLY A 402 -17.20 16.26 7.16
N ALA A 403 -16.14 16.09 7.94
CA ALA A 403 -15.99 16.84 9.18
C ALA A 403 -15.65 18.31 8.89
N TYR A 404 -15.93 19.16 9.88
CA TYR A 404 -15.67 20.59 9.76
C TYR A 404 -14.39 20.91 10.51
N PRO A 405 -13.28 21.20 9.82
CA PRO A 405 -12.04 21.55 10.54
C PRO A 405 -12.11 22.93 11.16
N MET A 406 -11.70 23.02 12.42
CA MET A 406 -11.33 24.28 13.05
C MET A 406 -9.81 24.27 13.15
N TYR A 407 -9.17 24.88 12.16
CA TYR A 407 -7.71 24.88 12.08
C TYR A 407 -7.12 25.76 13.17
N LEU A 408 -6.12 25.23 13.88
CA LEU A 408 -5.48 25.90 14.99
C LEU A 408 -4.09 26.37 14.58
N ASP A 409 -3.82 27.66 14.78
CA ASP A 409 -2.54 28.24 14.38
C ASP A 409 -1.40 27.73 15.27
N ALA A 410 -0.46 27.01 14.67
CA ALA A 410 0.83 26.78 15.29
C ALA A 410 1.56 28.10 15.47
N TYR A 411 2.26 28.25 16.59
CA TYR A 411 2.92 29.51 16.88
C TYR A 411 3.99 29.79 15.82
N PRO A 412 4.19 31.05 15.45
CA PRO A 412 5.16 31.38 14.41
C PRO A 412 6.61 31.38 14.90
N LEU A 413 7.50 31.07 13.97
CA LEU A 413 8.95 31.22 14.15
C LEU A 413 9.42 32.13 13.01
N PRO A 414 9.22 33.44 13.14
CA PRO A 414 9.46 34.34 11.98
C PRO A 414 10.87 34.30 11.44
N GLN A 415 11.87 34.10 12.29
CA GLN A 415 13.26 34.12 11.82
C GLN A 415 13.58 32.97 10.88
N TYR A 416 12.77 31.91 10.89
CA TYR A 416 13.10 30.67 10.20
C TYR A 416 12.06 30.24 9.17
N ALA A 417 10.93 30.93 9.11
CA ALA A 417 9.85 30.58 8.18
C ALA A 417 9.42 29.13 8.35
N ILE A 418 9.17 28.75 9.60
CA ILE A 418 8.60 27.45 9.92
C ILE A 418 7.56 27.65 11.01
N TYR A 419 6.58 26.75 11.06
CA TYR A 419 5.61 26.75 12.13
C TYR A 419 6.12 25.90 13.29
N GLY A 420 5.71 26.28 14.49
CA GLY A 420 5.92 25.48 15.68
C GLY A 420 4.82 24.47 15.88
N ALA A 421 4.52 24.22 17.15
CA ALA A 421 3.35 23.46 17.56
C ALA A 421 2.21 24.40 17.91
N VAL A 422 1.02 23.81 18.06
CA VAL A 422 -0.17 24.56 18.46
C VAL A 422 -0.14 24.78 19.96
N PRO A 423 -0.08 26.03 20.45
CA PRO A 423 -0.13 26.24 21.90
C PRO A 423 -1.41 25.68 22.50
N LEU A 424 -1.29 25.19 23.74
CA LEU A 424 -2.45 24.64 24.42
C LEU A 424 -3.49 25.72 24.75
N ARG A 425 -3.06 26.96 24.95
CA ARG A 425 -4.02 28.04 25.09
C ARG A 425 -4.85 28.20 23.82
N THR A 426 -4.25 27.98 22.66
CA THR A 426 -4.99 28.07 21.41
C THR A 426 -6.04 26.96 21.33
N ILE A 427 -5.69 25.75 21.73
CA ILE A 427 -6.65 24.65 21.73
C ILE A 427 -7.78 24.95 22.70
N LYS A 428 -7.43 25.39 23.92
CA LYS A 428 -8.44 25.69 24.92
C LYS A 428 -9.36 26.82 24.47
N GLN A 429 -8.78 27.88 23.89
CA GLN A 429 -9.60 28.99 23.40
C GLN A 429 -10.55 28.55 22.30
N ALA A 430 -10.07 27.70 21.38
CA ALA A 430 -10.95 27.20 20.33
C ALA A 430 -12.12 26.42 20.91
N LEU A 431 -11.85 25.55 21.89
CA LEU A 431 -12.93 24.77 22.49
C LEU A 431 -13.91 25.67 23.24
N LEU A 432 -13.40 26.70 23.93
CA LEU A 432 -14.26 27.59 24.70
C LEU A 432 -15.01 28.56 23.80
N ASP A 433 -14.42 28.94 22.66
CA ASP A 433 -15.17 29.69 21.66
C ASP A 433 -16.32 28.86 21.10
N LEU A 434 -16.05 27.59 20.78
CA LEU A 434 -17.10 26.70 20.31
C LEU A 434 -18.18 26.49 21.35
N GLU A 435 -17.82 26.48 22.64
CA GLU A 435 -18.82 26.38 23.69
C GLU A 435 -19.70 27.61 23.76
N ALA A 436 -19.10 28.80 23.67
CA ALA A 436 -19.89 30.02 23.66
C ALA A 436 -20.82 30.07 22.46
N ALA A 437 -20.39 29.53 21.32
CA ALA A 437 -21.23 29.43 20.14
C ALA A 437 -22.26 28.32 20.25
N GLY A 438 -22.18 27.48 21.28
CA GLY A 438 -23.07 26.35 21.38
C GLY A 438 -22.73 25.20 20.45
N GLN A 439 -21.50 25.14 19.96
CA GLN A 439 -21.07 24.14 19.00
C GLN A 439 -20.07 23.16 19.58
N LEU A 440 -19.82 23.21 20.90
CA LEU A 440 -18.86 22.30 21.50
C LEU A 440 -19.32 20.85 21.38
N HIS A 441 -20.62 20.61 21.48
CA HIS A 441 -21.13 19.24 21.43
C HIS A 441 -20.77 18.58 20.10
N ARG A 442 -20.77 19.35 19.01
CA ARG A 442 -20.42 18.80 17.71
C ARG A 442 -18.98 18.30 17.70
N VAL A 443 -18.09 18.97 18.43
CA VAL A 443 -16.67 18.63 18.39
C VAL A 443 -16.50 17.16 18.76
N ARG A 444 -15.79 16.42 17.91
CA ARG A 444 -15.59 15.00 18.18
C ARG A 444 -14.15 14.58 18.37
N MET A 445 -13.18 15.38 17.92
CA MET A 445 -11.81 14.88 17.93
C MET A 445 -10.87 16.07 17.82
N LEU A 446 -9.71 15.97 18.48
CA LEU A 446 -8.58 16.87 18.25
C LEU A 446 -7.43 16.14 17.57
N LEU A 447 -6.96 16.68 16.44
CA LEU A 447 -5.87 16.12 15.65
C LEU A 447 -4.63 16.99 15.85
N LEU A 448 -3.59 16.43 16.46
CA LEU A 448 -2.30 17.08 16.60
C LEU A 448 -1.18 16.12 16.23
N THR A 449 -0.16 16.63 15.57
CA THR A 449 1.04 15.85 15.26
C THR A 449 1.95 15.92 16.47
N ASN A 450 2.20 14.78 17.12
CA ASN A 450 2.87 14.83 18.41
C ASN A 450 4.27 15.41 18.29
N CYS A 451 5.00 15.01 17.24
CA CYS A 451 6.26 15.65 16.88
C CYS A 451 6.03 16.38 15.56
N THR A 452 6.26 17.69 15.56
CA THR A 452 6.15 18.42 14.31
C THR A 452 7.31 18.03 13.39
N PHE A 453 7.15 18.28 12.09
CA PHE A 453 8.22 17.97 11.15
C PHE A 453 9.55 18.51 11.66
N ASP A 454 9.53 19.72 12.23
CA ASP A 454 10.74 20.40 12.65
C ASP A 454 11.23 19.95 14.03
N GLY A 455 10.47 19.09 14.72
CA GLY A 455 10.94 18.44 15.91
C GLY A 455 10.28 18.89 17.20
N VAL A 456 9.29 19.77 17.14
CA VAL A 456 8.65 20.29 18.34
C VAL A 456 7.70 19.23 18.87
N VAL A 457 7.88 18.82 20.12
CA VAL A 457 7.14 17.72 20.72
C VAL A 457 6.06 18.30 21.62
N TYR A 458 4.80 17.94 21.36
CA TYR A 458 3.72 18.32 22.26
C TYR A 458 3.80 17.47 23.52
N ASN A 459 3.29 18.01 24.61
CA ASN A 459 3.11 17.20 25.80
C ASN A 459 1.69 16.65 25.73
N PRO A 460 1.48 15.39 25.30
CA PRO A 460 0.10 14.92 25.16
C PRO A 460 -0.67 14.87 26.46
N ARG A 461 -0.03 14.49 27.57
CA ARG A 461 -0.78 14.33 28.81
C ARG A 461 -1.40 15.65 29.23
N ARG A 462 -0.68 16.75 29.07
CA ARG A 462 -1.23 18.04 29.47
C ARG A 462 -2.29 18.50 28.49
N VAL A 463 -2.10 18.21 27.21
CA VAL A 463 -3.08 18.64 26.20
C VAL A 463 -4.38 17.87 26.39
N MET A 464 -4.28 16.55 26.61
CA MET A 464 -5.47 15.73 26.82
C MET A 464 -6.15 16.08 28.14
N GLU A 465 -5.36 16.37 29.19
CA GLU A 465 -5.95 16.72 30.47
C GLU A 465 -6.75 18.00 30.37
N GLU A 466 -6.15 19.05 29.80
CA GLU A 466 -6.82 20.35 29.76
C GLU A 466 -7.94 20.37 28.72
N VAL A 467 -7.83 19.55 27.68
CA VAL A 467 -8.89 19.45 26.68
C VAL A 467 -10.06 18.65 27.21
N LEU A 468 -9.79 17.55 27.91
CA LEU A 468 -10.87 16.79 28.55
C LEU A 468 -11.53 17.56 29.68
N ALA A 469 -10.90 18.63 30.19
CA ALA A 469 -11.59 19.53 31.09
C ALA A 469 -12.70 20.28 30.38
N ILE A 470 -12.50 20.64 29.11
CA ILE A 470 -13.55 21.28 28.33
C ILE A 470 -14.53 20.25 27.79
N LYS A 471 -14.00 19.22 27.13
CA LYS A 471 -14.81 18.28 26.35
C LYS A 471 -14.46 16.88 26.83
N PRO A 472 -15.13 16.42 27.89
CA PRO A 472 -14.70 15.16 28.55
C PRO A 472 -14.73 13.94 27.65
N ASP A 473 -15.38 14.00 26.49
CA ASP A 473 -15.54 12.84 25.63
C ASP A 473 -15.01 13.09 24.22
N ILE A 474 -14.15 14.10 24.06
CA ILE A 474 -13.43 14.28 22.81
C ILE A 474 -12.46 13.12 22.60
N CYS A 475 -12.30 12.71 21.35
CA CYS A 475 -11.25 11.77 20.97
C CYS A 475 -10.00 12.54 20.57
N PHE A 476 -8.85 11.91 20.80
CA PHE A 476 -7.57 12.45 20.37
C PHE A 476 -6.96 11.53 19.32
N LEU A 477 -6.63 12.08 18.16
CA LEU A 477 -5.75 11.42 17.20
C LEU A 477 -4.42 12.16 17.20
N TRP A 478 -3.37 11.46 17.59
CA TRP A 478 -2.00 11.96 17.53
C TRP A 478 -1.32 11.38 16.30
N ASP A 479 -1.07 12.23 15.30
CA ASP A 479 -0.35 11.82 14.09
C ASP A 479 1.13 11.74 14.42
N GLU A 480 1.50 10.62 15.04
CA GLU A 480 2.87 10.41 15.51
C GLU A 480 3.70 9.65 14.48
N ALA A 481 3.65 10.09 13.22
CA ALA A 481 4.30 9.35 12.15
C ALA A 481 5.80 9.25 12.36
N TRP A 482 6.42 10.34 12.80
CA TRP A 482 7.86 10.40 13.00
C TRP A 482 8.32 9.83 14.34
N TYR A 483 7.40 9.54 15.27
CA TYR A 483 7.73 9.22 16.65
C TYR A 483 7.50 7.75 17.03
N ALA A 484 7.41 6.84 16.08
CA ALA A 484 7.27 5.43 16.47
C ALA A 484 8.45 4.98 17.32
N PHE A 485 9.67 5.43 16.98
CA PHE A 485 10.85 5.13 17.78
C PHE A 485 10.71 5.60 19.23
N ALA A 486 10.09 6.77 19.44
CA ALA A 486 10.06 7.42 20.75
C ALA A 486 9.66 6.47 21.88
N THR A 487 8.76 5.52 21.62
CA THR A 487 8.33 4.64 22.69
C THR A 487 9.47 3.83 23.28
N ALA A 488 10.60 3.74 22.57
CA ALA A 488 11.74 2.95 23.05
C ALA A 488 12.39 3.56 24.29
N VAL A 489 12.28 4.87 24.47
CA VAL A 489 13.12 5.60 25.44
C VAL A 489 12.26 6.44 26.38
N PRO A 490 12.52 6.40 27.69
CA PRO A 490 11.57 7.00 28.64
C PRO A 490 11.31 8.48 28.43
N TRP A 491 12.33 9.27 28.10
CA TRP A 491 12.14 10.71 27.95
C TRP A 491 11.15 11.01 26.83
N ALA A 492 11.38 10.45 25.64
CA ALA A 492 10.47 10.62 24.52
C ALA A 492 9.21 9.80 24.70
N ARG A 493 9.33 8.60 25.28
CA ARG A 493 8.17 7.74 25.52
C ARG A 493 7.10 8.47 26.32
N GLN A 494 7.49 9.18 27.38
CA GLN A 494 6.49 9.80 28.24
C GLN A 494 5.65 10.83 27.48
N ARG A 495 6.20 11.40 26.41
CA ARG A 495 5.50 12.34 25.56
C ARG A 495 4.73 11.67 24.43
N THR A 496 4.69 10.35 24.40
CA THR A 496 3.98 9.61 23.36
C THR A 496 2.51 9.42 23.75
N ALA A 497 1.64 9.43 22.73
CA ALA A 497 0.20 9.48 22.97
C ALA A 497 -0.29 8.28 23.77
N MET A 498 0.25 7.09 23.51
CA MET A 498 -0.24 5.90 24.19
C MET A 498 0.22 5.86 25.64
N ILE A 499 1.43 6.33 25.92
CA ILE A 499 1.89 6.36 27.30
C ILE A 499 1.18 7.46 28.06
N ALA A 500 1.00 8.62 27.44
CA ALA A 500 0.20 9.68 28.04
C ALA A 500 -1.21 9.21 28.32
N ALA A 501 -1.81 8.49 27.38
CA ALA A 501 -3.17 8.01 27.56
C ALA A 501 -3.26 7.03 28.73
N GLU A 502 -2.32 6.10 28.83
CA GLU A 502 -2.34 5.17 29.95
C GLU A 502 -2.16 5.90 31.27
N ARG A 503 -1.21 6.83 31.31
CA ARG A 503 -0.95 7.56 32.55
C ARG A 503 -2.15 8.42 32.91
N LEU A 504 -2.76 9.04 31.90
CA LEU A 504 -3.96 9.83 32.12
C LEU A 504 -5.10 8.96 32.64
N GLU A 505 -5.26 7.77 32.06
CA GLU A 505 -6.31 6.86 32.52
C GLU A 505 -6.09 6.43 33.96
N GLN A 506 -4.84 6.12 34.31
CA GLN A 506 -4.52 5.71 35.67
C GLN A 506 -4.79 6.83 36.64
N MET A 507 -4.42 8.06 36.28
CA MET A 507 -4.62 9.21 37.16
C MET A 507 -6.11 9.44 37.42
N LEU A 508 -6.94 9.30 36.39
CA LEU A 508 -8.37 9.56 36.56
C LEU A 508 -8.98 8.54 37.52
N SER A 509 -8.52 7.29 37.48
CA SER A 509 -9.10 6.23 38.30
C SER A 509 -8.72 6.37 39.78
N THR A 510 -7.59 7.02 40.09
CA THR A 510 -7.15 7.10 41.47
C THR A 510 -8.05 8.02 42.28
N ALA A 511 -8.31 7.62 43.53
CA ALA A 511 -9.02 8.48 44.47
C ALA A 511 -8.19 9.67 44.90
N GLU A 512 -6.86 9.54 44.90
CA GLU A 512 -6.00 10.69 45.16
C GLU A 512 -6.26 11.80 44.15
N TYR A 513 -6.44 11.45 42.87
CA TYR A 513 -6.78 12.45 41.88
C TYR A 513 -8.18 13.01 42.10
N ALA A 514 -9.12 12.17 42.55
CA ALA A 514 -10.45 12.67 42.82
C ALA A 514 -10.43 13.73 43.91
N GLU A 515 -9.52 13.61 44.88
CA GLU A 515 -9.39 14.65 45.89
C GLU A 515 -8.72 15.88 45.30
N GLU A 516 -7.70 15.68 44.46
CA GLU A 516 -7.05 16.78 43.77
C GLU A 516 -8.04 17.54 42.88
N TYR A 517 -8.90 16.81 42.18
CA TYR A 517 -9.93 17.46 41.38
C TYR A 517 -10.91 18.24 42.23
N ARG A 518 -11.30 17.68 43.38
CA ARG A 518 -12.19 18.41 44.29
C ARG A 518 -11.55 19.71 44.75
N ASN A 519 -10.27 19.67 45.10
CA ASN A 519 -9.59 20.90 45.49
C ASN A 519 -9.52 21.89 44.32
N TRP A 520 -9.29 21.38 43.11
CA TRP A 520 -9.25 22.25 41.94
C TRP A 520 -10.59 22.89 41.67
N CYS A 521 -11.68 22.12 41.75
CA CYS A 521 -13.01 22.70 41.61
C CYS A 521 -13.26 23.77 42.66
N ALA A 522 -12.83 23.53 43.91
CA ALA A 522 -12.97 24.54 44.94
C ALA A 522 -12.19 25.80 44.59
N SER A 523 -11.03 25.64 43.96
CA SER A 523 -10.26 26.80 43.53
C SER A 523 -10.92 27.52 42.35
N MET A 524 -11.79 26.84 41.61
CA MET A 524 -12.44 27.42 40.44
C MET A 524 -13.81 27.98 40.75
N ASP A 525 -14.15 28.15 42.02
CA ASP A 525 -15.46 28.68 42.38
C ASP A 525 -15.60 30.12 41.86
N GLY A 526 -16.65 30.35 41.08
CA GLY A 526 -16.94 31.66 40.56
C GLY A 526 -16.13 32.09 39.36
N VAL A 527 -15.06 31.37 39.03
CA VAL A 527 -14.27 31.67 37.84
C VAL A 527 -15.13 31.43 36.61
N ASP A 528 -15.12 32.39 35.68
CA ASP A 528 -15.87 32.21 34.44
C ASP A 528 -15.14 31.20 33.55
N ARG A 529 -15.92 30.46 32.76
CA ARG A 529 -15.31 29.54 31.82
C ARG A 529 -14.46 30.27 30.78
N SER A 530 -14.82 31.51 30.44
CA SER A 530 -14.01 32.26 29.49
C SER A 530 -12.58 32.41 29.99
N GLU A 531 -12.42 32.64 31.30
CA GLU A 531 -11.10 32.75 31.90
C GLU A 531 -10.35 31.42 31.98
N TRP A 532 -11.01 30.30 31.72
CA TRP A 532 -10.35 29.01 31.89
C TRP A 532 -9.12 28.84 31.01
N VAL A 533 -8.99 29.63 29.94
CA VAL A 533 -7.74 29.62 29.18
C VAL A 533 -6.58 30.05 30.08
N ASP A 534 -6.84 31.00 30.98
CA ASP A 534 -5.80 31.47 31.88
C ASP A 534 -5.31 30.37 32.81
N HIS A 535 -6.22 29.51 33.27
CA HIS A 535 -5.93 28.57 34.35
C HIS A 535 -5.75 27.16 33.84
N ARG A 536 -4.72 26.49 34.36
CA ARG A 536 -4.48 25.08 34.06
C ARG A 536 -5.67 24.24 34.52
N LEU A 537 -6.32 23.56 33.58
CA LEU A 537 -7.53 22.80 33.86
C LEU A 537 -7.23 21.33 34.17
N LEU A 538 -8.17 20.70 34.87
CA LEU A 538 -8.08 19.30 35.25
C LEU A 538 -9.33 18.57 34.77
N PRO A 539 -9.19 17.36 34.21
CA PRO A 539 -10.37 16.62 33.76
C PRO A 539 -11.18 16.07 34.92
N ASP A 540 -12.49 16.12 34.79
CA ASP A 540 -13.39 15.57 35.79
C ASP A 540 -13.30 14.05 35.77
N PRO A 541 -12.87 13.39 36.86
CA PRO A 541 -12.67 11.94 36.80
C PRO A 541 -13.96 11.15 36.60
N ASN A 542 -15.12 11.74 36.87
CA ASN A 542 -16.39 11.06 36.66
C ASN A 542 -17.00 11.34 35.30
N ARG A 543 -16.35 12.14 34.47
CA ARG A 543 -16.84 12.44 33.12
C ARG A 543 -15.80 12.23 32.05
N ALA A 544 -14.56 12.63 32.29
CA ALA A 544 -13.48 12.47 31.32
C ALA A 544 -13.37 11.03 30.86
N ARG A 545 -13.53 10.81 29.55
CA ARG A 545 -13.29 9.52 28.92
C ARG A 545 -12.03 9.64 28.07
N VAL A 546 -11.10 8.73 28.28
CA VAL A 546 -9.81 8.77 27.58
C VAL A 546 -9.95 8.00 26.28
N ARG A 547 -10.01 8.71 25.16
CA ARG A 547 -10.28 8.13 23.85
C ARG A 547 -9.16 8.55 22.91
N VAL A 548 -7.99 7.97 23.09
CA VAL A 548 -6.77 8.43 22.42
C VAL A 548 -6.46 7.49 21.27
N TYR A 549 -5.98 8.07 20.17
CA TYR A 549 -5.53 7.33 19.01
C TYR A 549 -4.17 7.85 18.58
N ALA A 550 -3.37 6.98 17.99
CA ALA A 550 -2.10 7.36 17.41
C ALA A 550 -1.94 6.63 16.08
N THR A 551 -1.16 7.23 15.18
CA THR A 551 -0.79 6.59 13.93
C THR A 551 0.72 6.70 13.76
N HIS A 552 1.36 5.58 13.46
CA HIS A 552 2.81 5.49 13.40
C HIS A 552 3.20 5.02 12.01
N SER A 553 3.97 5.84 11.30
CA SER A 553 4.63 5.42 10.07
C SER A 553 5.93 4.76 10.51
N THR A 554 5.88 3.44 10.67
CA THR A 554 7.02 2.72 11.25
C THR A 554 8.28 2.93 10.43
N HIS A 555 8.16 3.04 9.10
CA HIS A 555 9.35 3.17 8.26
C HIS A 555 10.10 4.47 8.55
N LYS A 556 9.39 5.56 8.82
CA LYS A 556 10.05 6.84 8.99
C LYS A 556 11.02 6.83 10.17
N SER A 557 10.70 6.08 11.21
CA SER A 557 11.49 6.06 12.44
C SER A 557 12.15 4.73 12.74
N LEU A 558 11.80 3.66 12.03
CA LEU A 558 12.22 2.32 12.37
C LEU A 558 12.50 1.55 11.08
N SER A 559 12.97 0.31 11.24
CA SER A 559 13.41 -0.51 10.11
C SER A 559 12.27 -0.94 9.19
N ALA A 560 11.02 -0.71 9.58
CA ALA A 560 9.88 -1.20 8.81
C ALA A 560 9.95 -0.75 7.35
N LEU A 561 9.22 -1.46 6.48
CA LEU A 561 9.21 -1.13 5.07
C LEU A 561 8.38 0.11 4.82
N ARG A 562 8.70 0.80 3.72
CA ARG A 562 8.01 2.03 3.38
C ARG A 562 6.53 1.74 3.13
N GLN A 563 5.68 2.65 3.57
CA GLN A 563 4.22 2.60 3.44
C GLN A 563 3.55 1.76 4.53
N ALA A 564 4.30 1.24 5.50
CA ALA A 564 3.75 0.40 6.56
C ALA A 564 3.47 1.25 7.79
N SER A 565 2.26 1.14 8.34
CA SER A 565 1.81 1.99 9.44
C SER A 565 1.10 1.17 10.49
N MET A 566 0.98 1.75 11.69
CA MET A 566 0.31 1.11 12.83
C MET A 566 -0.61 2.11 13.51
N ILE A 567 -1.92 1.94 13.36
CA ILE A 567 -2.86 2.66 14.21
C ILE A 567 -2.80 2.07 15.62
N HIS A 568 -2.57 2.92 16.62
CA HIS A 568 -2.58 2.53 18.01
C HIS A 568 -3.82 3.12 18.67
N VAL A 569 -4.63 2.25 19.28
CA VAL A 569 -5.88 2.66 19.91
C VAL A 569 -5.79 2.40 21.40
N ARG A 570 -6.05 3.43 22.20
CA ARG A 570 -6.24 3.30 23.65
C ARG A 570 -7.49 4.11 23.95
N ASP A 571 -8.65 3.53 23.67
CA ASP A 571 -9.93 4.20 23.76
C ASP A 571 -10.83 3.44 24.71
N GLN A 572 -11.32 4.12 25.75
CA GLN A 572 -12.15 3.45 26.76
C GLN A 572 -13.50 3.05 26.20
N ASP A 573 -14.00 3.74 25.17
CA ASP A 573 -15.28 3.45 24.57
C ASP A 573 -15.16 2.79 23.20
N PHE A 574 -14.03 2.16 22.89
CA PHE A 574 -13.84 1.61 21.56
C PHE A 574 -14.84 0.50 21.27
N LYS A 575 -15.02 -0.43 22.22
CA LYS A 575 -15.92 -1.54 21.98
C LYS A 575 -17.35 -1.06 21.81
N ALA A 576 -17.78 -0.14 22.67
CA ALA A 576 -19.15 0.34 22.65
C ALA A 576 -19.44 1.16 21.38
N LEU A 577 -18.71 2.25 21.21
CA LEU A 577 -19.02 3.25 20.18
C LEU A 577 -18.24 3.06 18.88
N THR A 578 -16.93 2.85 18.95
CA THR A 578 -16.09 2.93 17.77
C THR A 578 -15.86 1.60 17.04
N ARG A 579 -16.21 0.45 17.65
CA ARG A 579 -15.79 -0.81 17.04
C ARG A 579 -16.41 -1.02 15.67
N ASP A 580 -17.72 -0.78 15.54
CA ASP A 580 -18.36 -0.94 14.24
C ASP A 580 -17.89 0.10 13.24
N ALA A 581 -17.78 1.36 13.67
CA ALA A 581 -17.35 2.42 12.77
C ALA A 581 -15.91 2.20 12.32
N PHE A 582 -15.06 1.70 13.21
CA PHE A 582 -13.66 1.53 12.87
C PHE A 582 -13.43 0.35 11.94
N GLY A 583 -14.23 -0.71 12.06
CA GLY A 583 -14.17 -1.79 11.08
C GLY A 583 -14.57 -1.36 9.69
N GLU A 584 -15.67 -0.62 9.58
CA GLU A 584 -16.12 -0.11 8.29
C GLU A 584 -15.09 0.82 7.66
N ALA A 585 -14.48 1.69 8.46
CA ALA A 585 -13.44 2.56 7.93
C ALA A 585 -12.21 1.77 7.52
N PHE A 586 -11.83 0.77 8.31
CA PHE A 586 -10.68 -0.05 7.94
C PHE A 586 -10.95 -0.81 6.65
N LEU A 587 -12.16 -1.36 6.50
CA LEU A 587 -12.58 -1.95 5.24
C LEU A 587 -12.61 -0.94 4.11
N THR A 588 -13.07 0.27 4.40
CA THR A 588 -13.09 1.34 3.39
C THR A 588 -11.71 1.59 2.79
N HIS A 589 -10.69 1.71 3.63
CA HIS A 589 -9.44 2.29 3.18
C HIS A 589 -8.34 1.28 2.90
N THR A 590 -8.34 0.13 3.56
CA THR A 590 -7.34 -0.90 3.25
C THR A 590 -7.77 -1.72 2.04
N SER A 591 -6.78 -2.21 1.30
CA SER A 591 -7.02 -3.09 0.17
C SER A 591 -7.29 -4.52 0.62
N THR A 592 -8.05 -5.24 -0.19
CA THR A 592 -8.43 -6.60 0.14
C THR A 592 -7.29 -7.59 -0.07
N SER A 593 -6.22 -7.18 -0.73
CA SER A 593 -5.03 -8.01 -0.91
C SER A 593 -3.82 -7.23 -0.38
N PRO A 594 -3.69 -7.12 0.94
CA PRO A 594 -2.57 -6.36 1.50
C PRO A 594 -1.25 -7.09 1.32
N ASN A 595 -0.19 -6.31 1.12
CA ASN A 595 1.13 -6.88 0.87
C ASN A 595 1.67 -7.48 2.17
N GLN A 596 1.97 -8.78 2.15
CA GLN A 596 2.41 -9.45 3.37
C GLN A 596 3.79 -8.99 3.81
N GLN A 597 4.65 -8.59 2.86
CA GLN A 597 5.96 -8.10 3.24
C GLN A 597 5.87 -6.84 4.10
N LEU A 598 4.89 -5.97 3.81
CA LEU A 598 4.71 -4.79 4.65
C LEU A 598 4.29 -5.17 6.07
N LEU A 599 3.36 -6.12 6.20
CA LEU A 599 2.95 -6.56 7.52
C LEU A 599 4.08 -7.24 8.27
N ALA A 600 4.86 -8.06 7.57
CA ALA A 600 6.02 -8.71 8.19
C ALA A 600 7.08 -7.70 8.61
N SER A 601 7.22 -6.62 7.85
CA SER A 601 8.14 -5.56 8.26
C SER A 601 7.67 -4.87 9.53
N LEU A 602 6.35 -4.77 9.74
CA LEU A 602 5.86 -4.20 10.99
C LEU A 602 6.13 -5.14 12.16
N ASP A 603 6.06 -6.45 11.93
CA ASP A 603 6.43 -7.41 12.96
C ASP A 603 7.92 -7.31 13.28
N LEU A 604 8.75 -7.14 12.25
CA LEU A 604 10.19 -6.99 12.47
C LEU A 604 10.49 -5.70 13.22
N ALA A 605 9.83 -4.60 12.87
CA ALA A 605 10.04 -3.34 13.57
C ALA A 605 9.57 -3.41 15.02
N ARG A 606 8.48 -4.15 15.28
CA ARG A 606 8.06 -4.36 16.66
C ARG A 606 9.12 -5.10 17.46
N ARG A 607 9.62 -6.21 16.92
CA ARG A 607 10.72 -6.94 17.57
C ARG A 607 11.91 -6.02 17.81
N GLN A 608 12.25 -5.19 16.82
CA GLN A 608 13.34 -4.23 16.96
C GLN A 608 13.13 -3.32 18.17
N VAL A 609 11.95 -2.70 18.27
CA VAL A 609 11.67 -1.85 19.42
C VAL A 609 11.68 -2.65 20.72
N ASP A 610 11.09 -3.84 20.69
CA ASP A 610 11.00 -4.67 21.89
C ASP A 610 12.38 -4.93 22.49
N ILE A 611 13.35 -5.29 21.65
CA ILE A 611 14.67 -5.69 22.11
C ILE A 611 15.70 -4.59 21.90
N GLU A 612 16.07 -4.37 20.63
CA GLU A 612 17.10 -3.39 20.28
C GLU A 612 16.67 -1.95 20.52
N GLY A 613 15.36 -1.68 20.63
CA GLY A 613 14.89 -0.32 20.47
C GLY A 613 15.53 0.68 21.42
N PHE A 614 15.61 0.33 22.70
CA PHE A 614 16.23 1.25 23.66
C PHE A 614 17.66 1.63 23.25
N GLU A 615 18.55 0.64 23.12
CA GLU A 615 19.92 0.95 22.75
C GLU A 615 19.98 1.67 21.40
N LEU A 616 19.24 1.18 20.41
CA LEU A 616 19.19 1.85 19.12
C LEU A 616 18.75 3.30 19.26
N VAL A 617 17.55 3.51 19.79
CA VAL A 617 16.97 4.86 19.87
C VAL A 617 17.80 5.76 20.78
N ARG A 618 18.23 5.25 21.92
CA ARG A 618 19.08 6.02 22.82
C ARG A 618 20.40 6.40 22.14
N HIS A 619 20.92 5.52 21.30
CA HIS A 619 22.09 5.86 20.48
C HIS A 619 21.81 7.03 19.55
N VAL A 620 20.64 7.03 18.89
CA VAL A 620 20.26 8.15 18.01
C VAL A 620 20.31 9.48 18.76
N TYR A 621 19.64 9.56 19.91
CA TYR A 621 19.68 10.80 20.68
C TYR A 621 21.10 11.19 21.04
N ASN A 622 21.89 10.23 21.53
CA ASN A 622 23.31 10.46 21.75
C ASN A 622 23.96 11.06 20.50
N MET A 623 23.72 10.43 19.34
CA MET A 623 24.32 10.91 18.10
C MET A 623 23.86 12.32 17.76
N ALA A 624 22.57 12.60 17.90
CA ALA A 624 22.07 13.95 17.66
C ALA A 624 22.69 14.96 18.60
N LEU A 625 22.76 14.63 19.90
CA LEU A 625 23.39 15.52 20.87
C LEU A 625 24.88 15.69 20.60
N VAL A 626 25.58 14.60 20.28
CA VAL A 626 26.98 14.70 19.89
C VAL A 626 27.14 15.63 18.69
N PHE A 627 26.34 15.42 17.65
CA PHE A 627 26.42 16.27 16.47
C PHE A 627 26.14 17.73 16.83
N ARG A 628 25.08 17.98 17.59
CA ARG A 628 24.78 19.33 18.03
C ARG A 628 25.95 19.94 18.79
N HIS A 629 26.53 19.19 19.72
CA HIS A 629 27.64 19.70 20.52
C HIS A 629 28.85 20.01 19.64
N ARG A 630 29.19 19.09 18.74
CA ARG A 630 30.37 19.28 17.88
C ARG A 630 30.19 20.50 17.00
N VAL A 631 28.99 20.71 16.46
CA VAL A 631 28.74 21.87 15.63
C VAL A 631 28.86 23.16 16.46
N ARG A 632 28.43 23.13 17.72
CA ARG A 632 28.49 24.34 18.53
C ARG A 632 29.94 24.68 18.88
N LYS A 633 30.74 23.68 19.24
CA LYS A 633 32.10 23.93 19.69
C LYS A 633 33.02 24.27 18.52
N ASP A 634 32.84 23.63 17.37
CA ASP A 634 33.78 23.80 16.28
C ASP A 634 33.68 25.22 15.74
N ARG A 635 34.79 25.97 15.84
CA ARG A 635 34.76 27.37 15.47
C ARG A 635 34.65 27.57 13.96
N LEU A 636 35.08 26.57 13.18
CA LEU A 636 35.04 26.71 11.73
C LEU A 636 33.62 26.46 11.19
N ILE A 637 32.94 25.45 11.72
CA ILE A 637 31.53 25.27 11.38
C ILE A 637 30.68 26.36 12.03
N SER A 638 30.89 26.60 13.32
CA SER A 638 29.98 27.44 14.09
C SER A 638 29.89 28.85 13.52
N LYS A 639 30.91 29.31 12.79
CA LYS A 639 30.84 30.64 12.19
C LYS A 639 29.95 30.69 10.96
N TRP A 640 29.73 29.55 10.29
CA TRP A 640 28.91 29.49 9.09
C TRP A 640 27.62 28.71 9.26
N PHE A 641 27.57 27.77 10.21
CA PHE A 641 26.44 26.87 10.36
C PHE A 641 25.97 26.86 11.80
N ARG A 642 24.66 26.68 11.96
CA ARG A 642 24.04 26.60 13.27
C ARG A 642 22.95 25.54 13.24
N ILE A 643 22.77 24.87 14.36
CA ILE A 643 21.64 23.96 14.57
C ILE A 643 20.74 24.60 15.62
N LEU A 644 19.47 24.78 15.27
CA LEU A 644 18.57 25.58 16.09
C LEU A 644 18.30 24.89 17.42
N ASP A 645 18.45 25.65 18.51
CA ASP A 645 18.27 25.16 19.86
C ASP A 645 16.79 25.06 20.22
N GLU A 646 16.51 24.49 21.40
CA GLU A 646 15.21 24.66 22.02
C GLU A 646 14.80 26.12 22.07
N SER A 647 15.74 27.00 22.43
CA SER A 647 15.40 28.42 22.57
C SER A 647 15.09 29.06 21.22
N ASP A 648 15.63 28.52 20.13
CA ASP A 648 15.29 29.03 18.81
C ASP A 648 13.91 28.56 18.37
N LEU A 649 13.66 27.26 18.46
CA LEU A 649 12.44 26.66 17.92
C LEU A 649 11.29 26.63 18.92
N VAL A 650 11.55 26.86 20.21
CA VAL A 650 10.49 26.89 21.22
C VAL A 650 10.55 28.22 21.96
N PRO A 651 9.60 29.14 21.74
CA PRO A 651 9.55 30.37 22.54
C PRO A 651 9.67 30.13 24.04
N ASP A 652 10.06 31.17 24.77
CA ASP A 652 10.13 31.07 26.22
C ASP A 652 8.75 30.82 26.83
N ALA A 653 7.71 31.42 26.24
CA ALA A 653 6.35 31.24 26.73
C ALA A 653 5.99 29.77 26.96
N PHE A 654 6.68 28.84 26.27
CA PHE A 654 6.32 27.43 26.29
C PHE A 654 7.39 26.56 26.95
N ARG A 655 8.44 27.17 27.51
CA ARG A 655 9.47 26.46 28.23
C ARG A 655 9.59 27.05 29.63
N SER A 656 9.36 26.22 30.64
CA SER A 656 9.47 26.67 32.03
C SER A 656 10.88 26.47 32.55
N LEU A 670 21.48 18.14 34.14
CA LEU A 670 20.63 17.18 33.43
C LEU A 670 19.24 17.12 34.05
N ALA A 671 19.16 17.34 35.37
CA ALA A 671 17.87 17.22 36.05
C ALA A 671 16.87 18.23 35.50
N ASP A 672 17.34 19.45 35.19
CA ASP A 672 16.44 20.45 34.63
C ASP A 672 15.91 20.00 33.28
N TRP A 673 16.76 19.36 32.48
CA TRP A 673 16.33 18.90 31.15
C TRP A 673 15.39 17.70 31.24
N ASN A 674 15.51 16.90 32.30
CA ASN A 674 14.55 15.82 32.52
C ASN A 674 13.17 16.38 32.84
N GLU A 675 13.11 17.40 33.70
CA GLU A 675 11.85 18.05 34.01
C GLU A 675 11.24 18.72 32.78
N ALA A 676 12.09 19.20 31.86
CA ALA A 676 11.57 19.80 30.63
C ALA A 676 10.76 18.79 29.82
N TRP A 677 11.33 17.62 29.55
CA TRP A 677 10.59 16.61 28.80
C TRP A 677 9.35 16.15 29.57
N ARG A 678 9.42 16.11 30.89
CA ARG A 678 8.27 15.68 31.68
C ARG A 678 7.14 16.70 31.63
N SER A 679 7.46 17.99 31.68
CA SER A 679 6.52 18.97 32.17
C SER A 679 6.38 20.19 31.28
N ASP A 680 7.41 20.54 30.51
CA ASP A 680 7.29 21.67 29.60
C ASP A 680 6.20 21.40 28.58
N GLN A 681 5.62 22.48 28.05
CA GLN A 681 4.57 22.33 27.05
C GLN A 681 5.14 21.79 25.74
N PHE A 682 6.22 22.39 25.27
CA PHE A 682 6.94 21.91 24.10
C PHE A 682 8.40 21.66 24.44
N VAL A 683 8.99 20.67 23.77
CA VAL A 683 10.42 20.48 23.75
C VAL A 683 10.85 20.26 22.31
N LEU A 684 12.09 20.61 22.00
CA LEU A 684 12.72 20.23 20.75
C LEU A 684 13.35 18.85 20.89
N ASP A 685 12.93 17.92 20.04
CA ASP A 685 13.62 16.64 19.94
C ASP A 685 14.98 16.83 19.30
N PRO A 686 16.09 16.49 19.98
CA PRO A 686 17.41 16.72 19.38
C PRO A 686 17.63 15.96 18.07
N THR A 687 16.93 14.84 17.86
CA THR A 687 17.11 14.04 16.66
C THR A 687 16.64 14.74 15.40
N ARG A 688 15.81 15.77 15.52
CA ARG A 688 15.43 16.62 14.39
C ARG A 688 16.34 17.84 14.40
N LEU A 689 17.20 17.92 13.40
CA LEU A 689 18.34 18.83 13.39
C LEU A 689 18.14 19.86 12.29
N THR A 690 17.50 20.98 12.63
CA THR A 690 17.35 22.10 11.72
C THR A 690 18.69 22.83 11.66
N LEU A 691 19.50 22.50 10.67
CA LEU A 691 20.73 23.22 10.40
C LEU A 691 20.39 24.58 9.79
N PHE A 692 20.57 25.64 10.59
CA PHE A 692 20.43 27.00 10.07
C PHE A 692 21.64 27.35 9.22
N ILE A 693 21.39 27.72 7.96
CA ILE A 693 22.44 28.01 6.99
C ILE A 693 22.43 29.47 6.55
N GLY A 694 21.62 30.31 7.19
CA GLY A 694 21.47 31.67 6.72
C GLY A 694 22.78 32.42 6.64
N ALA A 695 23.69 32.15 7.59
CA ALA A 695 24.99 32.81 7.57
C ALA A 695 25.78 32.50 6.31
N THR A 696 25.44 31.41 5.60
CA THR A 696 26.10 31.10 4.35
C THR A 696 25.57 31.91 3.17
N GLY A 697 24.40 32.53 3.32
CA GLY A 697 23.88 33.38 2.26
C GLY A 697 23.32 32.65 1.08
N MET A 698 22.92 31.39 1.23
CA MET A 698 22.35 30.61 0.14
C MET A 698 21.07 29.92 0.61
N ASN A 699 20.14 29.78 -0.32
CA ASN A 699 18.81 29.27 0.01
C ASN A 699 18.89 27.84 0.52
N GLY A 700 17.94 27.49 1.39
CA GLY A 700 17.86 26.11 1.84
C GLY A 700 17.55 25.16 0.72
N TYR A 701 16.78 25.61 -0.27
CA TYR A 701 16.49 24.79 -1.44
C TYR A 701 17.77 24.54 -2.24
N ASP A 702 18.51 25.60 -2.57
CA ASP A 702 19.72 25.47 -3.36
C ASP A 702 20.91 25.02 -2.52
N PHE A 703 20.85 25.13 -1.20
CA PHE A 703 21.84 24.45 -0.35
C PHE A 703 21.66 22.94 -0.41
N ARG A 704 20.42 22.47 -0.31
CA ARG A 704 20.15 21.05 -0.48
C ARG A 704 20.59 20.59 -1.87
N GLU A 705 20.18 21.32 -2.91
CA GLU A 705 20.48 20.92 -4.28
C GLU A 705 21.97 21.04 -4.57
N LYS A 706 22.51 22.26 -4.51
CA LYS A 706 23.83 22.54 -5.05
C LYS A 706 24.98 22.23 -4.10
N ILE A 707 24.71 21.86 -2.85
CA ILE A 707 25.77 21.44 -1.95
C ILE A 707 25.51 20.03 -1.45
N LEU A 708 24.44 19.84 -0.67
CA LEU A 708 24.24 18.56 -0.02
C LEU A 708 24.06 17.45 -1.05
N MET A 709 23.14 17.64 -2.00
CA MET A 709 22.88 16.62 -3.00
C MET A 709 23.95 16.61 -4.08
N GLU A 710 24.23 17.77 -4.68
CA GLU A 710 25.17 17.82 -5.80
C GLU A 710 26.58 17.43 -5.38
N ARG A 711 27.06 17.96 -4.25
CA ARG A 711 28.44 17.71 -3.84
C ARG A 711 28.57 16.46 -2.99
N PHE A 712 27.60 16.16 -2.13
CA PHE A 712 27.77 15.17 -1.09
C PHE A 712 26.70 14.07 -1.08
N GLY A 713 25.66 14.17 -1.90
CA GLY A 713 24.66 13.14 -1.93
C GLY A 713 23.88 13.00 -0.64
N ILE A 714 24.01 13.99 0.25
CA ILE A 714 23.34 13.93 1.55
C ILE A 714 21.85 14.20 1.33
N GLN A 715 21.02 13.21 1.66
CA GLN A 715 19.58 13.39 1.69
C GLN A 715 19.16 14.11 2.97
N ILE A 716 18.14 14.96 2.84
CA ILE A 716 17.55 15.66 3.98
C ILE A 716 16.04 15.67 3.80
N ASN A 717 15.34 15.91 4.90
CA ASN A 717 13.90 15.69 4.95
C ASN A 717 13.08 16.93 4.61
N LYS A 718 13.59 18.12 4.91
CA LYS A 718 12.88 19.34 4.54
C LYS A 718 13.91 20.45 4.33
N THR A 719 13.46 21.53 3.70
CA THR A 719 14.26 22.74 3.57
C THR A 719 13.39 23.95 3.83
N SER A 720 14.02 25.03 4.26
CA SER A 720 13.37 26.29 4.54
C SER A 720 14.24 27.40 3.95
N ILE A 721 13.77 28.63 4.06
CA ILE A 721 14.46 29.73 3.40
C ILE A 721 15.92 29.78 3.86
N ASN A 722 16.16 29.63 5.17
CA ASN A 722 17.51 29.70 5.70
C ASN A 722 17.90 28.48 6.54
N SER A 723 17.24 27.33 6.35
CA SER A 723 17.62 26.15 7.12
C SER A 723 17.32 24.88 6.35
N VAL A 724 18.00 23.81 6.75
CA VAL A 724 17.80 22.47 6.20
C VAL A 724 17.59 21.50 7.37
N LEU A 725 16.54 20.69 7.31
CA LEU A 725 16.19 19.77 8.38
C LEU A 725 16.81 18.40 8.11
N LEU A 726 17.63 17.92 9.04
CA LEU A 726 18.21 16.58 8.98
C LEU A 726 17.71 15.76 10.16
N ILE A 727 17.09 14.62 9.87
CA ILE A 727 16.49 13.76 10.88
C ILE A 727 17.38 12.54 11.06
N PHE A 728 17.95 12.39 12.26
CA PHE A 728 18.69 11.19 12.61
C PHE A 728 17.72 10.05 12.96
N THR A 729 18.05 8.85 12.51
CA THR A 729 17.23 7.67 12.75
C THR A 729 18.10 6.53 13.27
N ILE A 730 17.44 5.43 13.62
CA ILE A 730 18.12 4.29 14.25
C ILE A 730 19.36 3.86 13.48
N GLY A 731 19.38 4.06 12.16
CA GLY A 731 20.55 3.67 11.40
C GLY A 731 21.72 4.63 11.47
N VAL A 732 21.54 5.79 12.11
CA VAL A 732 22.63 6.76 12.24
C VAL A 732 23.78 6.13 13.02
N THR A 733 25.00 6.43 12.58
CA THR A 733 26.20 5.96 13.26
C THR A 733 27.17 7.13 13.44
N TRP A 734 28.12 6.96 14.35
CA TRP A 734 29.16 7.97 14.53
C TRP A 734 29.89 8.27 13.22
N SER A 735 30.09 7.26 12.37
CA SER A 735 30.71 7.51 11.08
C SER A 735 29.89 8.47 10.24
N SER A 736 28.56 8.39 10.35
CA SER A 736 27.71 9.36 9.67
C SER A 736 27.89 10.76 10.25
N VAL A 737 28.07 10.84 11.57
CA VAL A 737 28.27 12.14 12.22
C VAL A 737 29.58 12.78 11.78
N HIS A 738 30.66 11.99 11.70
CA HIS A 738 31.90 12.53 11.13
C HIS A 738 31.69 12.98 9.69
N TYR A 739 30.91 12.24 8.92
CA TYR A 739 30.65 12.66 7.54
C TYR A 739 29.96 14.02 7.52
N LEU A 740 28.90 14.18 8.33
CA LEU A 740 28.20 15.46 8.37
C LEU A 740 29.10 16.57 8.85
N LEU A 741 29.86 16.33 9.92
CA LEU A 741 30.78 17.35 10.43
C LEU A 741 31.84 17.70 9.40
N ASP A 742 32.43 16.69 8.76
CA ASP A 742 33.43 16.95 7.73
C ASP A 742 32.84 17.69 6.55
N VAL A 743 31.60 17.36 6.17
CA VAL A 743 30.95 18.07 5.08
C VAL A 743 30.76 19.54 5.42
N LEU A 744 30.25 19.82 6.63
CA LEU A 744 30.07 21.21 7.03
C LEU A 744 31.42 21.93 7.16
N ARG A 745 32.46 21.21 7.59
CA ARG A 745 33.80 21.79 7.61
C ARG A 745 34.25 22.15 6.21
N ARG A 746 34.04 21.26 5.24
CA ARG A 746 34.42 21.56 3.86
C ARG A 746 33.69 22.78 3.32
N VAL A 747 32.37 22.85 3.56
CA VAL A 747 31.61 24.00 3.09
C VAL A 747 32.07 25.27 3.78
N ALA A 748 32.36 25.19 5.08
CA ALA A 748 32.90 26.34 5.79
C ALA A 748 34.27 26.73 5.23
N ILE A 749 35.09 25.75 4.87
CA ILE A 749 36.40 26.06 4.29
C ILE A 749 36.23 26.79 2.96
N ASP A 750 35.33 26.31 2.11
CA ASP A 750 35.09 27.00 0.85
C ASP A 750 34.50 28.39 1.07
N LEU A 751 33.67 28.55 2.10
CA LEU A 751 33.11 29.86 2.39
C LEU A 751 34.18 30.82 2.92
N ASP A 752 35.08 30.30 3.76
CA ASP A 752 36.22 31.11 4.21
C ASP A 752 37.13 31.47 3.04
N ARG A 753 37.34 30.51 2.13
CA ARG A 753 38.12 30.79 0.92
C ARG A 753 37.49 31.92 0.12
N SER A 754 36.16 31.90 -0.06
CA SER A 754 35.49 32.98 -0.78
C SER A 754 35.61 34.30 -0.03
N GLN A 755 35.47 34.28 1.29
CA GLN A 755 35.54 35.52 2.07
C GLN A 755 36.91 36.17 1.95
N LYS A 756 37.98 35.37 1.93
CA LYS A 756 39.31 35.94 1.83
C LYS A 756 39.70 36.28 0.39
N ALA A 757 39.09 35.62 -0.60
CA ALA A 757 39.27 35.99 -1.99
C ALA A 757 38.31 37.09 -2.44
N ALA A 758 37.19 37.28 -1.75
CA ALA A 758 36.17 38.21 -2.22
C ALA A 758 36.69 39.64 -2.19
N SER A 759 36.29 40.41 -3.21
CA SER A 759 36.45 41.85 -3.16
C SER A 759 35.40 42.47 -2.24
N GLY A 760 35.59 43.75 -1.93
CA GLY A 760 34.59 44.48 -1.18
C GLY A 760 33.23 44.47 -1.83
N ALA A 761 33.19 44.40 -3.16
CA ALA A 761 31.91 44.31 -3.85
C ALA A 761 31.31 42.91 -3.74
N ASP A 762 32.15 41.88 -3.80
CA ASP A 762 31.67 40.52 -3.57
C ASP A 762 31.21 40.34 -2.13
N LEU A 763 31.97 40.87 -1.17
CA LEU A 763 31.53 40.83 0.23
C LEU A 763 30.23 41.58 0.43
N ALA A 764 30.03 42.68 -0.31
CA ALA A 764 28.76 43.41 -0.19
C ALA A 764 27.60 42.58 -0.74
N LEU A 765 27.81 41.93 -1.88
CA LEU A 765 26.76 41.07 -2.44
C LEU A 765 26.45 39.92 -1.48
N HIS A 766 27.49 39.29 -0.92
CA HIS A 766 27.27 38.19 0.02
C HIS A 766 26.53 38.67 1.26
N ARG A 767 26.90 39.85 1.77
CA ARG A 767 26.19 40.39 2.92
C ARG A 767 24.72 40.67 2.58
N ARG A 768 24.45 41.07 1.34
CA ARG A 768 23.07 41.27 0.92
C ARG A 768 22.30 39.96 0.91
N HIS A 769 22.93 38.88 0.42
CA HIS A 769 22.26 37.58 0.41
C HIS A 769 21.93 37.11 1.82
N VAL A 770 22.86 37.31 2.77
CA VAL A 770 22.59 36.92 4.14
C VAL A 770 21.42 37.71 4.70
N GLU A 771 21.34 39.01 4.41
CA GLU A 771 20.21 39.79 4.86
C GLU A 771 18.91 39.30 4.24
N GLU A 772 18.93 38.97 2.95
CA GLU A 772 17.74 38.49 2.29
C GLU A 772 17.26 37.17 2.90
N ILE A 773 18.19 36.26 3.14
CA ILE A 773 17.85 34.94 3.67
C ILE A 773 17.44 35.00 5.14
N THR A 774 17.92 36.00 5.88
CA THR A 774 17.77 35.96 7.34
C THR A 774 16.95 37.10 7.94
N GLN A 775 16.94 38.30 7.33
CA GLN A 775 16.40 39.47 8.02
C GLN A 775 14.96 39.79 7.61
N ASP A 776 14.73 40.12 6.34
CA ASP A 776 13.41 40.54 5.88
C ASP A 776 12.56 39.36 5.43
N LEU A 777 12.52 38.31 6.24
CA LEU A 777 11.77 37.12 5.86
C LEU A 777 10.27 37.40 5.84
N PRO A 778 9.53 36.85 4.87
CA PRO A 778 8.07 36.98 4.89
C PRO A 778 7.46 36.10 5.96
N HIS A 779 6.66 36.71 6.83
CA HIS A 779 5.99 35.93 7.88
C HIS A 779 5.08 34.89 7.26
N LEU A 780 5.21 33.65 7.73
CA LEU A 780 4.26 32.61 7.33
C LEU A 780 2.85 33.04 7.71
N PRO A 781 1.89 32.98 6.78
CA PRO A 781 0.57 33.56 7.05
C PRO A 781 -0.29 32.62 7.88
N ASP A 782 -0.88 33.17 8.95
CA ASP A 782 -1.80 32.40 9.76
C ASP A 782 -3.04 32.04 8.95
N PHE A 783 -3.79 31.05 9.44
CA PHE A 783 -5.06 30.72 8.81
C PHE A 783 -5.99 31.92 8.92
N SER A 784 -6.74 32.19 7.85
CA SER A 784 -7.53 33.42 7.83
C SER A 784 -8.97 33.19 8.26
N GLU A 785 -9.75 32.50 7.43
CA GLU A 785 -11.15 32.21 7.68
C GLU A 785 -11.56 31.14 6.66
N PHE A 786 -12.76 30.60 6.86
CA PHE A 786 -13.35 29.67 5.90
C PHE A 786 -14.39 30.31 5.00
N ASP A 787 -14.68 31.60 5.19
CA ASP A 787 -15.65 32.33 4.36
C ASP A 787 -17.03 32.12 4.93
N LEU A 788 -17.98 33.01 4.63
CA LEU A 788 -19.35 32.77 5.09
C LEU A 788 -20.09 31.81 4.18
N ALA A 789 -19.59 31.55 2.98
CA ALA A 789 -20.22 30.58 2.09
C ALA A 789 -20.05 29.16 2.62
N PHE A 790 -19.05 28.93 3.49
CA PHE A 790 -18.65 27.60 3.89
C PHE A 790 -18.62 27.39 5.39
N ARG A 791 -18.64 28.46 6.20
CA ARG A 791 -18.80 28.32 7.63
C ARG A 791 -20.26 28.03 7.95
N PRO A 792 -20.59 26.81 8.41
CA PRO A 792 -22.00 26.52 8.72
C PRO A 792 -22.59 27.39 9.81
N ASP A 793 -21.78 27.79 10.79
CA ASP A 793 -22.20 28.69 11.86
C ASP A 793 -21.46 29.99 11.70
N ASP A 794 -22.22 31.09 11.59
CA ASP A 794 -21.60 32.40 11.40
C ASP A 794 -20.72 32.79 12.58
N ALA A 795 -21.06 32.32 13.78
CA ALA A 795 -20.32 32.68 14.98
C ALA A 795 -19.07 31.83 15.20
N SER A 796 -18.89 30.76 14.44
CA SER A 796 -17.82 29.80 14.68
C SER A 796 -16.93 29.69 13.46
N SER A 797 -15.66 29.34 13.70
CA SER A 797 -14.62 29.39 12.68
C SER A 797 -14.53 28.13 11.82
N PHE A 798 -15.19 27.04 12.22
CA PHE A 798 -15.10 25.81 11.42
C PHE A 798 -15.87 25.98 10.12
N GLY A 799 -15.37 25.32 9.07
CA GLY A 799 -15.98 25.41 7.76
C GLY A 799 -16.19 24.03 7.15
N ASP A 800 -17.20 23.95 6.29
CA ASP A 800 -17.46 22.75 5.51
C ASP A 800 -16.48 22.70 4.34
N MET A 801 -15.24 22.29 4.67
CA MET A 801 -14.19 22.23 3.65
C MET A 801 -14.49 21.19 2.57
N ARG A 802 -15.27 20.16 2.88
CA ARG A 802 -15.71 19.21 1.86
C ARG A 802 -16.51 19.91 0.76
N SER A 803 -17.54 20.67 1.14
CA SER A 803 -18.35 21.38 0.15
C SER A 803 -17.49 22.34 -0.67
N ALA A 804 -16.58 23.05 -0.03
CA ALA A 804 -15.70 23.95 -0.77
C ALA A 804 -14.78 23.16 -1.70
N PHE A 805 -14.31 22.00 -1.26
CA PHE A 805 -13.43 21.19 -2.10
C PHE A 805 -14.13 20.78 -3.39
N TYR A 806 -15.38 20.31 -3.29
CA TYR A 806 -16.13 19.90 -4.48
C TYR A 806 -16.74 21.08 -5.20
N ALA A 807 -17.10 22.16 -4.50
CA ALA A 807 -17.55 23.37 -5.18
C ALA A 807 -16.47 23.94 -6.08
N GLY A 808 -15.20 23.73 -5.73
CA GLY A 808 -14.12 24.24 -6.54
C GLY A 808 -13.98 23.58 -7.89
N TYR A 809 -14.72 22.51 -8.16
CA TYR A 809 -14.68 21.82 -9.43
C TYR A 809 -15.80 22.24 -10.39
N GLU A 810 -16.69 23.13 -9.96
CA GLU A 810 -17.62 23.76 -10.90
C GLU A 810 -16.84 24.84 -11.65
N GLU A 811 -16.55 24.59 -12.92
CA GLU A 811 -15.76 25.53 -13.70
C GLU A 811 -16.49 26.86 -13.90
N ALA A 812 -17.82 26.85 -13.84
CA ALA A 812 -18.56 28.11 -13.93
C ALA A 812 -18.40 28.94 -12.66
N ASP A 813 -18.12 28.30 -11.53
CA ASP A 813 -17.99 28.99 -10.25
C ASP A 813 -16.54 29.35 -9.91
N ARG A 814 -15.58 28.67 -10.52
CA ARG A 814 -14.17 28.98 -10.35
C ARG A 814 -13.71 30.06 -11.32
N GLU A 815 -12.74 30.85 -10.88
CA GLU A 815 -11.99 31.74 -11.75
C GLU A 815 -10.56 31.80 -11.25
N TYR A 816 -9.69 32.41 -12.06
CA TYR A 816 -8.30 32.63 -11.69
C TYR A 816 -8.03 34.12 -11.52
N VAL A 817 -7.39 34.47 -10.41
CA VAL A 817 -6.99 35.85 -10.12
C VAL A 817 -5.49 35.87 -9.96
N GLN A 818 -4.81 36.66 -10.79
CA GLN A 818 -3.37 36.83 -10.66
C GLN A 818 -3.05 37.52 -9.34
N ILE A 819 -1.99 37.07 -8.68
CA ILE A 819 -1.65 37.60 -7.36
C ILE A 819 -1.29 39.07 -7.44
N GLY A 820 -0.78 39.53 -8.59
CA GLY A 820 -0.61 40.96 -8.77
C GLY A 820 -1.94 41.68 -8.79
N LEU A 821 -3.01 40.99 -9.18
CA LEU A 821 -4.36 41.53 -9.13
C LEU A 821 -5.06 41.20 -7.81
N ALA A 822 -4.64 40.15 -7.12
CA ALA A 822 -5.33 39.71 -5.91
C ALA A 822 -5.30 40.78 -4.83
N GLY A 823 -4.14 41.41 -4.63
CA GLY A 823 -4.05 42.45 -3.60
C GLY A 823 -4.94 43.64 -3.89
N ARG A 824 -5.08 43.99 -5.17
CA ARG A 824 -6.01 45.04 -5.55
C ARG A 824 -7.46 44.59 -5.36
N ARG A 825 -7.78 43.36 -5.77
CA ARG A 825 -9.15 42.87 -5.64
C ARG A 825 -9.60 42.83 -4.19
N LEU A 826 -8.67 42.60 -3.26
CA LEU A 826 -9.04 42.68 -1.85
C LEU A 826 -9.44 44.09 -1.45
N ALA A 827 -8.89 45.11 -2.12
CA ALA A 827 -9.31 46.48 -1.86
C ALA A 827 -10.67 46.79 -2.47
N GLU A 828 -11.00 46.15 -3.60
CA GLU A 828 -12.33 46.27 -4.19
C GLU A 828 -13.40 45.58 -3.34
N GLY A 829 -13.01 44.76 -2.37
CA GLY A 829 -13.95 44.02 -1.56
C GLY A 829 -14.49 42.76 -2.22
N LYS A 830 -14.03 42.42 -3.41
CA LYS A 830 -14.41 41.17 -4.07
C LYS A 830 -13.65 40.04 -3.37
N THR A 831 -14.27 39.48 -2.34
CA THR A 831 -13.58 38.54 -1.46
C THR A 831 -13.04 37.37 -2.25
N LEU A 832 -11.72 37.16 -2.15
CA LEU A 832 -11.10 35.98 -2.75
C LEU A 832 -11.24 34.80 -1.81
N VAL A 833 -11.72 33.68 -2.34
CA VAL A 833 -11.89 32.45 -1.58
C VAL A 833 -11.25 31.31 -2.34
N SER A 834 -10.31 30.61 -1.71
CA SER A 834 -9.58 29.54 -2.39
C SER A 834 -10.51 28.39 -2.72
N THR A 835 -10.41 27.88 -3.95
CA THR A 835 -11.10 26.66 -4.32
C THR A 835 -10.30 25.40 -4.02
N THR A 836 -9.01 25.52 -3.75
CA THR A 836 -8.12 24.37 -3.75
C THR A 836 -7.05 24.54 -2.66
N PHE A 837 -6.41 23.43 -2.33
CA PHE A 837 -5.25 23.43 -1.44
C PHE A 837 -4.04 24.02 -2.15
N VAL A 838 -3.64 25.23 -1.75
CA VAL A 838 -2.41 25.84 -2.24
C VAL A 838 -1.30 25.49 -1.23
N VAL A 839 -0.36 24.65 -1.65
CA VAL A 839 0.68 24.13 -0.76
C VAL A 839 2.06 24.66 -1.16
N PRO A 840 2.46 25.84 -0.68
CA PRO A 840 3.78 26.36 -1.05
C PRO A 840 4.91 25.52 -0.48
N TYR A 841 5.99 25.40 -1.25
CA TYR A 841 7.10 24.54 -0.87
C TYR A 841 7.81 24.96 0.42
N PRO A 842 8.10 26.24 0.65
CA PRO A 842 8.86 26.62 1.85
C PRO A 842 8.13 26.24 3.13
N PRO A 843 6.83 26.57 3.26
CA PRO A 843 6.08 26.04 4.41
C PRO A 843 5.87 24.53 4.34
N GLY A 844 5.55 24.01 3.16
CA GLY A 844 5.24 22.60 3.02
C GLY A 844 3.84 22.21 3.46
N PHE A 845 2.99 23.18 3.78
CA PHE A 845 1.65 22.95 4.29
C PHE A 845 0.68 23.77 3.46
N PRO A 846 -0.56 23.30 3.30
CA PRO A 846 -1.57 24.12 2.62
C PRO A 846 -1.67 25.51 3.23
N VAL A 847 -1.20 26.52 2.50
CA VAL A 847 -1.39 27.91 2.93
C VAL A 847 -2.84 28.32 2.73
N LEU A 848 -3.49 27.79 1.69
CA LEU A 848 -4.93 27.91 1.51
C LEU A 848 -5.55 26.52 1.45
N VAL A 849 -6.78 26.42 1.94
CA VAL A 849 -7.59 25.22 1.80
C VAL A 849 -8.87 25.60 1.07
N PRO A 850 -9.56 24.64 0.48
CA PRO A 850 -10.81 24.96 -0.21
C PRO A 850 -11.76 25.76 0.66
N GLY A 851 -12.21 26.89 0.14
CA GLY A 851 -13.13 27.76 0.85
C GLY A 851 -12.46 28.72 1.82
N GLN A 852 -11.14 28.69 1.95
CA GLN A 852 -10.45 29.63 2.81
C GLN A 852 -10.35 31.00 2.14
N LEU A 853 -10.60 32.04 2.93
CA LEU A 853 -10.37 33.41 2.48
C LEU A 853 -8.90 33.64 2.20
N VAL A 854 -8.59 34.08 0.98
CA VAL A 854 -7.23 34.52 0.66
C VAL A 854 -7.04 35.91 1.28
N SER A 855 -6.24 35.97 2.34
CA SER A 855 -6.06 37.21 3.08
C SER A 855 -4.90 38.01 2.51
N LYS A 856 -4.81 39.27 2.94
CA LYS A 856 -3.69 40.11 2.52
C LYS A 856 -2.36 39.46 2.91
N GLU A 857 -2.32 38.80 4.07
CA GLU A 857 -1.10 38.12 4.48
C GLU A 857 -0.78 36.96 3.54
N ILE A 858 -1.80 36.24 3.08
CA ILE A 858 -1.55 35.11 2.18
C ILE A 858 -1.20 35.60 0.79
N ILE A 859 -1.87 36.65 0.30
CA ILE A 859 -1.46 37.27 -0.95
C ILE A 859 -0.01 37.72 -0.86
N TYR A 860 0.34 38.42 0.23
CA TYR A 860 1.71 38.90 0.39
C TYR A 860 2.69 37.75 0.43
N PHE A 861 2.38 36.70 1.19
CA PHE A 861 3.29 35.55 1.27
C PHE A 861 3.51 34.93 -0.10
N LEU A 862 2.42 34.69 -0.83
CA LEU A 862 2.54 34.02 -2.12
C LEU A 862 3.17 34.93 -3.17
N ALA A 863 3.03 36.25 -3.01
CA ALA A 863 3.74 37.17 -3.90
C ALA A 863 5.24 37.14 -3.67
N GLN A 864 5.66 37.04 -2.40
CA GLN A 864 7.08 37.02 -2.05
C GLN A 864 7.74 35.67 -2.28
N LEU A 865 7.09 34.75 -2.98
CA LEU A 865 7.66 33.44 -3.30
C LEU A 865 8.03 33.40 -4.77
N ASP A 866 9.29 33.07 -5.04
CA ASP A 866 9.75 32.76 -6.39
C ASP A 866 9.72 31.27 -6.68
N VAL A 867 9.34 30.44 -5.70
CA VAL A 867 9.47 29.00 -5.84
C VAL A 867 8.51 28.50 -6.90
N LYS A 868 8.95 27.52 -7.69
CA LYS A 868 8.13 26.92 -8.72
C LYS A 868 7.26 25.78 -8.19
N GLU A 869 7.66 25.15 -7.09
CA GLU A 869 6.85 24.11 -6.45
C GLU A 869 5.84 24.77 -5.52
N ILE A 870 4.72 25.21 -6.11
CA ILE A 870 3.49 25.44 -5.40
C ILE A 870 2.42 24.55 -6.03
N HIS A 871 1.86 23.63 -5.25
CA HIS A 871 0.75 22.84 -5.72
C HIS A 871 -0.55 23.62 -5.59
N GLY A 872 -1.44 23.42 -6.55
CA GLY A 872 -2.74 24.06 -6.55
C GLY A 872 -2.73 25.50 -7.02
N TYR A 873 -1.58 26.16 -7.02
CA TYR A 873 -1.42 27.51 -7.56
C TYR A 873 -0.48 27.48 -8.76
N ASN A 874 -0.97 27.96 -9.90
CA ASN A 874 -0.15 28.13 -11.09
C ASN A 874 -0.01 29.62 -11.37
N PRO A 875 1.16 30.23 -11.18
CA PRO A 875 1.31 31.66 -11.52
C PRO A 875 1.07 31.98 -12.99
N ASP A 876 1.02 30.98 -13.87
CA ASP A 876 0.61 31.23 -15.25
C ASP A 876 -0.87 31.59 -15.32
N LEU A 877 -1.69 30.96 -14.47
CA LEU A 877 -3.13 31.19 -14.43
C LEU A 877 -3.53 32.17 -13.34
N GLY A 878 -2.93 32.08 -12.16
CA GLY A 878 -3.35 32.81 -10.99
C GLY A 878 -3.92 31.89 -9.92
N LEU A 879 -4.34 32.51 -8.82
CA LEU A 879 -5.00 31.78 -7.77
C LEU A 879 -6.38 31.33 -8.22
N SER A 880 -6.64 30.03 -8.10
CA SER A 880 -7.97 29.50 -8.32
C SER A 880 -8.88 29.91 -7.17
N VAL A 881 -9.86 30.76 -7.46
CA VAL A 881 -10.75 31.30 -6.45
C VAL A 881 -12.18 31.18 -6.94
N PHE A 882 -13.12 31.20 -6.00
CA PHE A 882 -14.53 31.23 -6.35
C PHE A 882 -14.90 32.57 -6.95
N THR A 883 -15.76 32.53 -7.96
CA THR A 883 -16.36 33.74 -8.49
C THR A 883 -17.28 34.38 -7.44
N GLN A 884 -17.47 35.70 -7.56
CA GLN A 884 -18.32 36.40 -6.62
C GLN A 884 -19.77 35.93 -6.74
N ALA A 885 -20.21 35.62 -7.96
CA ALA A 885 -21.55 35.06 -8.14
C ALA A 885 -21.67 33.71 -7.44
N ALA A 886 -20.65 32.86 -7.57
CA ALA A 886 -20.66 31.57 -6.88
C ALA A 886 -20.72 31.76 -5.37
N LEU A 887 -19.88 32.64 -4.84
CA LEU A 887 -19.86 32.87 -3.39
C LEU A 887 -21.20 33.39 -2.90
N ALA A 888 -21.80 34.33 -3.63
CA ALA A 888 -23.11 34.85 -3.23
C ALA A 888 -24.16 33.75 -3.22
N ARG A 889 -24.17 32.92 -4.26
CA ARG A 889 -25.14 31.83 -4.32
C ARG A 889 -24.93 30.83 -3.18
N MET A 890 -23.68 30.48 -2.91
CA MET A 890 -23.40 29.49 -1.87
C MET A 890 -23.71 30.06 -0.49
N GLU A 891 -23.40 31.34 -0.27
CA GLU A 891 -23.73 31.96 1.01
C GLU A 891 -25.24 32.05 1.19
N ALA A 892 -25.97 32.38 0.12
CA ALA A 892 -27.42 32.42 0.19
C ALA A 892 -27.98 31.07 0.65
N ALA A 893 -27.51 29.99 0.03
CA ALA A 893 -27.97 28.66 0.41
C ALA A 893 -27.60 28.32 1.85
N ARG A 894 -26.39 28.70 2.29
CA ARG A 894 -25.94 28.33 3.63
C ARG A 894 -26.84 28.94 4.70
N ASN A 895 -27.17 30.23 4.57
CA ASN A 895 -28.08 30.84 5.54
C ASN A 895 -29.48 30.24 5.43
N ALA A 896 -29.94 29.98 4.22
CA ALA A 896 -31.27 29.43 4.00
C ALA A 896 -31.36 28.72 2.66
N ALA B 1 -7.38 -15.06 -34.39
CA ALA B 1 -7.15 -14.75 -32.99
C ALA B 1 -7.18 -16.01 -32.14
N LEU B 2 -8.37 -16.41 -31.72
CA LEU B 2 -8.54 -17.54 -30.82
C LEU B 2 -8.01 -18.85 -31.41
N ALA B 3 -7.74 -18.88 -32.72
CA ALA B 3 -7.12 -20.05 -33.33
C ALA B 3 -5.74 -20.32 -32.75
N ALA B 4 -5.02 -19.25 -32.38
CA ALA B 4 -3.69 -19.40 -31.81
C ALA B 4 -3.71 -20.32 -30.59
N VAL B 5 -4.78 -20.29 -29.80
CA VAL B 5 -4.86 -21.15 -28.62
C VAL B 5 -4.88 -22.62 -29.03
N ALA B 6 -5.65 -22.97 -30.06
CA ALA B 6 -5.83 -24.37 -30.43
C ALA B 6 -5.02 -24.64 -31.69
N ASN B 7 -3.92 -25.38 -31.53
CA ASN B 7 -3.12 -25.83 -32.66
C ASN B 7 -2.20 -26.95 -32.17
N PRO B 8 -1.64 -27.75 -33.08
CA PRO B 8 -0.57 -28.66 -32.67
C PRO B 8 0.68 -27.92 -32.18
N SER B 9 0.88 -26.69 -32.67
CA SER B 9 2.12 -25.99 -32.36
C SER B 9 2.30 -25.83 -30.86
N TYR B 10 1.21 -25.58 -30.13
CA TYR B 10 1.41 -25.32 -28.71
C TYR B 10 1.88 -26.59 -27.99
N THR B 11 1.39 -27.75 -28.43
CA THR B 11 1.82 -29.02 -27.89
C THR B 11 3.09 -29.53 -28.58
N ARG B 12 3.74 -28.69 -29.40
CA ARG B 12 4.92 -29.15 -30.12
C ARG B 12 5.97 -29.67 -29.16
N LEU B 13 6.10 -29.05 -27.98
CA LEU B 13 7.12 -29.49 -27.03
C LEU B 13 6.88 -30.93 -26.61
N ASP B 14 5.61 -31.27 -26.36
CA ASP B 14 5.26 -32.65 -26.06
C ASP B 14 5.53 -33.53 -27.28
N THR B 15 5.23 -33.03 -28.47
CA THR B 15 5.36 -33.89 -29.65
C THR B 15 6.83 -34.18 -29.92
N TRP B 16 7.72 -33.21 -29.64
CA TRP B 16 9.14 -33.44 -29.74
C TRP B 16 9.62 -34.44 -28.69
N ASN B 17 9.09 -34.36 -27.47
CA ASN B 17 9.42 -35.41 -26.49
C ASN B 17 8.96 -36.77 -26.98
N LEU B 18 7.79 -36.80 -27.62
CA LEU B 18 7.28 -38.04 -28.20
C LEU B 18 8.24 -38.56 -29.25
N LEU B 19 8.75 -37.67 -30.10
CA LEU B 19 9.73 -38.09 -31.09
C LEU B 19 10.99 -38.62 -30.41
N ASP B 20 11.41 -37.99 -29.31
CA ASP B 20 12.63 -38.43 -28.65
C ASP B 20 12.49 -39.81 -28.01
N ASP B 21 11.25 -40.20 -27.68
CA ASP B 21 11.04 -41.53 -27.14
C ASP B 21 10.74 -42.55 -28.23
N ALA B 22 10.21 -42.11 -29.36
CA ALA B 22 10.09 -43.03 -30.48
C ALA B 22 11.47 -43.31 -31.03
N CYS B 23 12.30 -42.27 -31.15
CA CYS B 23 13.63 -42.44 -31.71
C CYS B 23 14.46 -43.32 -30.80
N ARG B 24 14.40 -43.09 -29.48
CA ARG B 24 15.11 -43.98 -28.57
C ARG B 24 14.61 -45.41 -28.71
N HIS B 25 13.29 -45.61 -28.86
CA HIS B 25 12.78 -46.96 -29.03
C HIS B 25 13.32 -47.59 -30.31
N LEU B 26 13.40 -46.79 -31.38
CA LEU B 26 14.00 -47.27 -32.62
C LEU B 26 15.44 -47.72 -32.40
N ALA B 27 16.20 -46.95 -31.62
CA ALA B 27 17.57 -47.35 -31.31
C ALA B 27 17.58 -48.65 -30.52
N GLU B 28 16.70 -48.77 -29.53
CA GLU B 28 16.62 -50.00 -28.75
C GLU B 28 16.23 -51.21 -29.61
N VAL B 29 15.51 -50.96 -30.71
CA VAL B 29 15.21 -52.01 -31.67
C VAL B 29 16.44 -52.35 -32.51
N ASP B 30 17.13 -51.33 -33.01
CA ASP B 30 18.26 -51.57 -33.90
C ASP B 30 19.41 -52.27 -33.18
N LEU B 31 19.65 -51.88 -31.93
CA LEU B 31 20.73 -52.51 -31.15
C LEU B 31 20.44 -53.98 -30.90
N ALA B 32 19.16 -54.37 -30.88
CA ALA B 32 18.79 -55.78 -30.79
C ALA B 32 18.74 -56.48 -32.13
N GLY B 33 18.94 -55.76 -33.23
CA GLY B 33 18.87 -56.36 -34.55
C GLY B 33 17.48 -56.72 -35.01
N LEU B 34 16.44 -56.21 -34.35
CA LEU B 34 15.07 -56.57 -34.68
C LEU B 34 14.59 -55.76 -35.89
N ASP B 35 13.38 -56.11 -36.35
CA ASP B 35 12.79 -55.40 -37.48
C ASP B 35 12.44 -53.97 -37.08
N THR B 36 13.11 -53.01 -37.73
CA THR B 36 12.94 -51.60 -37.39
C THR B 36 11.69 -50.97 -38.02
N THR B 37 11.00 -51.68 -38.92
CA THR B 37 9.97 -51.05 -39.73
C THR B 37 8.93 -50.33 -38.87
N HIS B 38 8.57 -50.93 -37.73
CA HIS B 38 7.52 -50.34 -36.90
C HIS B 38 7.94 -48.99 -36.34
N ASP B 39 9.12 -48.92 -35.73
CA ASP B 39 9.54 -47.67 -35.09
C ASP B 39 10.08 -46.64 -36.07
N VAL B 40 10.60 -47.08 -37.23
CA VAL B 40 10.91 -46.10 -38.27
C VAL B 40 9.64 -45.49 -38.81
N ALA B 41 8.58 -46.28 -38.97
CA ALA B 41 7.32 -45.71 -39.45
C ALA B 41 6.69 -44.80 -38.40
N ARG B 42 6.81 -45.18 -37.12
CA ARG B 42 6.36 -44.30 -36.04
C ARG B 42 7.10 -42.96 -36.08
N ALA B 43 8.43 -43.00 -36.15
CA ALA B 43 9.20 -41.77 -36.14
C ALA B 43 8.92 -40.93 -37.38
N LYS B 44 8.78 -41.58 -38.54
CA LYS B 44 8.45 -40.86 -39.76
C LYS B 44 7.11 -40.15 -39.62
N ARG B 45 6.09 -40.84 -39.11
CA ARG B 45 4.79 -40.20 -38.94
C ARG B 45 4.89 -39.02 -37.98
N LEU B 46 5.57 -39.20 -36.85
CA LEU B 46 5.68 -38.13 -35.87
C LEU B 46 6.40 -36.92 -36.46
N MET B 47 7.53 -37.15 -37.12
CA MET B 47 8.29 -36.05 -37.70
C MET B 47 7.53 -35.37 -38.84
N ASP B 48 6.76 -36.13 -39.63
CA ASP B 48 5.94 -35.51 -40.65
C ASP B 48 4.84 -34.66 -40.05
N ARG B 49 4.30 -35.07 -38.89
CA ARG B 49 3.34 -34.21 -38.20
C ARG B 49 4.02 -32.94 -37.68
N ILE B 50 5.22 -33.08 -37.11
CA ILE B 50 5.95 -31.92 -36.64
C ILE B 50 6.25 -30.95 -37.79
N GLY B 51 6.55 -31.48 -38.97
CA GLY B 51 6.84 -30.65 -40.13
C GLY B 51 5.68 -29.79 -40.60
N ALA B 52 4.49 -29.94 -40.02
CA ALA B 52 3.40 -29.03 -40.35
C ALA B 52 3.62 -27.63 -39.76
N TYR B 53 4.45 -27.51 -38.74
CA TYR B 53 4.60 -26.24 -38.03
C TYR B 53 6.03 -25.90 -37.63
N GLU B 54 6.98 -26.84 -37.71
CA GLU B 54 8.32 -26.59 -37.21
C GLU B 54 9.08 -25.55 -38.02
N ARG B 55 8.58 -25.19 -39.21
CA ARG B 55 9.22 -24.13 -39.97
C ARG B 55 9.23 -22.82 -39.21
N TYR B 56 8.34 -22.65 -38.24
CA TYR B 56 8.16 -21.40 -37.53
C TYR B 56 9.00 -21.26 -36.27
N TRP B 57 9.84 -22.24 -35.95
CA TRP B 57 10.69 -22.19 -34.77
C TRP B 57 12.16 -22.20 -35.19
N LEU B 58 12.94 -21.30 -34.60
CA LEU B 58 14.32 -21.09 -35.04
C LEU B 58 15.20 -22.31 -34.86
N TYR B 59 15.16 -22.97 -33.70
CA TYR B 59 16.25 -23.91 -33.49
C TYR B 59 16.04 -25.24 -34.20
N PRO B 60 14.98 -26.01 -33.90
CA PRO B 60 14.86 -27.29 -34.61
C PRO B 60 14.61 -27.07 -36.08
N GLY B 61 13.72 -26.15 -36.42
CA GLY B 61 13.60 -25.68 -37.78
C GLY B 61 13.27 -26.73 -38.83
N ALA B 62 13.02 -26.22 -40.04
CA ALA B 62 12.87 -27.10 -41.19
C ALA B 62 14.20 -27.75 -41.53
N GLN B 63 15.31 -27.03 -41.37
CA GLN B 63 16.60 -27.56 -41.79
C GLN B 63 16.94 -28.80 -40.99
N ASN B 64 16.71 -28.79 -39.68
CA ASN B 64 17.10 -29.92 -38.87
C ASN B 64 16.01 -30.98 -38.83
N LEU B 65 14.74 -30.60 -38.99
CA LEU B 65 13.72 -31.63 -39.16
C LEU B 65 14.00 -32.43 -40.45
N ALA B 66 14.41 -31.73 -41.51
CA ALA B 66 14.81 -32.40 -42.75
C ALA B 66 16.06 -33.24 -42.54
N THR B 67 17.02 -32.73 -41.76
CA THR B 67 18.22 -33.52 -41.50
C THR B 67 17.88 -34.80 -40.75
N PHE B 68 16.86 -34.75 -39.88
CA PHE B 68 16.46 -35.93 -39.14
C PHE B 68 15.69 -36.89 -40.03
N ARG B 69 14.89 -36.36 -40.95
CA ARG B 69 14.24 -37.21 -41.95
C ARG B 69 15.28 -37.93 -42.80
N ALA B 70 16.34 -37.21 -43.21
CA ALA B 70 17.40 -37.83 -44.00
C ALA B 70 18.14 -38.89 -43.20
N HIS B 71 18.42 -38.61 -41.92
CA HIS B 71 19.08 -39.62 -41.08
C HIS B 71 18.21 -40.85 -40.92
N LEU B 72 16.90 -40.66 -40.73
CA LEU B 72 16.00 -41.78 -40.52
C LEU B 72 15.83 -42.61 -41.78
N ASP B 73 15.76 -41.93 -42.94
CA ASP B 73 15.69 -42.63 -44.22
C ASP B 73 16.99 -43.35 -44.58
N SER B 74 18.07 -43.14 -43.82
CA SER B 74 19.27 -43.94 -43.94
C SER B 74 19.51 -44.82 -42.72
N HIS B 75 18.50 -44.96 -41.85
CA HIS B 75 18.53 -45.91 -40.74
C HIS B 75 19.76 -45.73 -39.85
N SER B 76 20.28 -44.50 -39.78
CA SER B 76 21.40 -44.18 -38.89
C SER B 76 20.86 -43.97 -37.47
N THR B 77 20.28 -45.04 -36.93
CA THR B 77 19.46 -44.93 -35.72
C THR B 77 20.25 -44.33 -34.56
N VAL B 78 21.52 -44.70 -34.42
CA VAL B 78 22.30 -44.21 -33.29
C VAL B 78 22.53 -42.70 -33.41
N ARG B 79 22.98 -42.26 -34.59
CA ARG B 79 23.18 -40.82 -34.81
C ARG B 79 21.87 -40.06 -34.69
N LEU B 80 20.80 -40.59 -35.29
CA LEU B 80 19.51 -39.93 -35.21
C LEU B 80 19.06 -39.78 -33.76
N THR B 81 19.20 -40.85 -32.96
CA THR B 81 18.81 -40.78 -31.56
C THR B 81 19.64 -39.75 -30.81
N GLU B 82 20.96 -39.75 -31.01
CA GLU B 82 21.81 -38.79 -30.32
C GLU B 82 21.42 -37.36 -30.66
N GLU B 83 21.18 -37.10 -31.96
CA GLU B 83 20.87 -35.74 -32.38
C GLU B 83 19.50 -35.30 -31.91
N VAL B 84 18.51 -36.20 -31.89
CA VAL B 84 17.20 -35.84 -31.39
C VAL B 84 17.25 -35.60 -29.89
N SER B 85 17.98 -36.43 -29.15
CA SER B 85 18.13 -36.20 -27.72
C SER B 85 18.76 -34.84 -27.45
N LEU B 86 19.85 -34.53 -28.16
CA LEU B 86 20.47 -33.22 -28.03
C LEU B 86 19.46 -32.11 -28.34
N ALA B 87 18.75 -32.24 -29.46
CA ALA B 87 17.84 -31.19 -29.90
C ALA B 87 16.77 -30.92 -28.87
N VAL B 88 16.14 -31.98 -28.35
CA VAL B 88 15.05 -31.75 -27.40
C VAL B 88 15.58 -31.33 -26.03
N ARG B 89 16.81 -31.71 -25.68
CA ARG B 89 17.40 -31.21 -24.45
C ARG B 89 17.62 -29.71 -24.53
N LEU B 90 18.22 -29.26 -25.64
CA LEU B 90 18.42 -27.83 -25.83
C LEU B 90 17.08 -27.12 -25.91
N LEU B 91 16.10 -27.75 -26.56
CA LEU B 91 14.78 -27.15 -26.72
C LEU B 91 14.12 -26.89 -25.38
N SER B 92 14.29 -27.82 -24.43
CA SER B 92 13.57 -27.71 -23.16
C SER B 92 13.91 -26.42 -22.44
N GLU B 93 15.20 -26.05 -22.41
CA GLU B 93 15.63 -24.79 -21.82
C GLU B 93 15.89 -23.71 -22.86
N TYR B 94 16.68 -24.02 -23.88
CA TYR B 94 17.02 -23.07 -24.94
C TYR B 94 15.98 -23.16 -26.07
N GLY B 95 14.80 -22.59 -25.79
CA GLY B 95 13.72 -22.68 -26.75
C GLY B 95 14.14 -22.28 -28.15
N ASP B 96 14.79 -21.13 -28.27
CA ASP B 96 15.28 -20.64 -29.56
C ASP B 96 16.70 -20.12 -29.50
N ARG B 97 17.33 -20.12 -28.32
CA ARG B 97 18.68 -19.58 -28.20
C ARG B 97 19.67 -20.41 -29.01
N THR B 98 19.47 -21.72 -29.08
CA THR B 98 20.38 -22.60 -29.80
C THR B 98 20.53 -22.21 -31.27
N ALA B 99 19.68 -21.33 -31.79
CA ALA B 99 19.86 -20.84 -33.15
C ALA B 99 21.22 -20.18 -33.30
N LEU B 100 21.67 -19.46 -32.29
CA LEU B 100 22.99 -18.85 -32.28
C LEU B 100 24.07 -19.89 -32.05
N GLN B 119 22.49 -13.43 -21.66
CA GLN B 119 22.06 -12.45 -22.66
C GLN B 119 20.61 -12.67 -23.05
N GLN B 120 19.90 -11.57 -23.29
CA GLN B 120 18.56 -11.65 -23.86
C GLN B 120 18.63 -12.15 -25.29
N PHE B 121 17.79 -13.12 -25.63
CA PHE B 121 17.68 -13.62 -26.99
C PHE B 121 16.23 -13.60 -27.41
N TYR B 122 15.97 -13.08 -28.61
CA TYR B 122 14.62 -12.98 -29.15
C TYR B 122 14.63 -13.45 -30.59
N THR B 123 13.55 -14.10 -31.01
CA THR B 123 13.34 -14.38 -32.42
C THR B 123 12.79 -13.14 -33.11
N VAL B 124 13.31 -12.85 -34.30
CA VAL B 124 12.78 -11.80 -35.16
C VAL B 124 12.31 -12.44 -36.45
N LEU B 125 11.02 -12.27 -36.76
CA LEU B 125 10.50 -12.74 -38.03
C LEU B 125 10.95 -11.83 -39.16
N LEU B 126 11.45 -12.42 -40.24
CA LEU B 126 11.63 -11.72 -41.51
C LEU B 126 10.70 -12.36 -42.52
N ALA B 127 9.71 -11.60 -42.98
CA ALA B 127 8.85 -12.03 -44.08
C ALA B 127 9.50 -11.57 -45.37
N ASP B 128 10.23 -12.47 -46.02
CA ASP B 128 10.96 -12.14 -47.25
C ASP B 128 11.15 -13.41 -48.04
N ASP B 129 10.54 -13.48 -49.22
CA ASP B 129 10.63 -14.65 -50.08
C ASP B 129 11.85 -14.61 -51.00
N SER B 130 12.70 -13.60 -50.87
CA SER B 130 13.97 -13.57 -51.60
C SER B 130 14.84 -14.75 -51.21
N SER B 137 21.48 -11.29 -49.37
CA SER B 137 20.19 -11.39 -48.69
C SER B 137 20.18 -10.55 -47.42
N LEU B 138 19.01 -10.02 -47.09
CA LEU B 138 18.87 -9.25 -45.85
C LEU B 138 19.15 -10.10 -44.63
N ALA B 139 18.76 -11.38 -44.67
CA ALA B 139 18.97 -12.27 -43.52
C ALA B 139 20.46 -12.40 -43.20
N GLU B 140 21.29 -12.65 -44.21
CA GLU B 140 22.71 -12.83 -43.96
C GLU B 140 23.39 -11.52 -43.57
N CYS B 141 22.95 -10.40 -44.12
CA CYS B 141 23.49 -9.11 -43.71
C CYS B 141 23.17 -8.82 -42.25
N LEU B 142 21.92 -9.06 -41.85
CA LEU B 142 21.55 -8.83 -40.45
C LEU B 142 22.27 -9.79 -39.52
N ARG B 143 22.50 -11.03 -39.95
CA ARG B 143 23.31 -11.95 -39.16
C ARG B 143 24.74 -11.43 -39.02
N GLN B 144 25.31 -10.92 -40.12
CA GLN B 144 26.67 -10.39 -40.06
C GLN B 144 26.74 -9.18 -39.14
N LEU B 145 25.68 -8.38 -39.07
CA LEU B 145 25.66 -7.24 -38.17
C LEU B 145 25.68 -7.65 -36.71
N ARG B 146 25.23 -8.87 -36.40
CA ARG B 146 25.15 -9.31 -35.02
C ARG B 146 26.52 -9.39 -34.39
N ASN B 147 26.65 -8.86 -33.17
CA ASN B 147 27.86 -8.99 -32.38
C ASN B 147 27.60 -9.93 -31.21
N PRO B 148 28.30 -11.06 -31.10
CA PRO B 148 27.97 -12.04 -30.05
C PRO B 148 28.00 -11.49 -28.64
N ALA B 149 28.68 -10.37 -28.41
CA ALA B 149 28.81 -9.82 -27.06
C ALA B 149 27.64 -8.93 -26.66
N ASP B 150 26.79 -8.53 -27.61
CA ASP B 150 25.73 -7.59 -27.29
C ASP B 150 24.78 -8.17 -26.24
N GLU B 151 24.20 -7.27 -25.44
CA GLU B 151 23.37 -7.71 -24.33
C GLU B 151 22.11 -8.41 -24.83
N VAL B 152 21.50 -7.88 -25.88
CA VAL B 152 20.33 -8.48 -26.50
C VAL B 152 20.73 -9.05 -27.86
N GLN B 153 20.41 -10.31 -28.09
CA GLN B 153 20.71 -11.02 -29.32
C GLN B 153 19.42 -11.42 -30.01
N PHE B 154 19.47 -11.60 -31.32
CA PHE B 154 18.34 -12.19 -32.01
C PHE B 154 18.83 -12.96 -33.22
N GLU B 155 18.00 -13.89 -33.68
CA GLU B 155 18.21 -14.61 -34.93
C GLU B 155 16.96 -14.48 -35.78
N LEU B 156 17.14 -14.36 -37.08
CA LEU B 156 16.04 -14.14 -38.01
C LEU B 156 15.36 -15.46 -38.35
N LEU B 157 14.05 -15.52 -38.12
CA LEU B 157 13.21 -16.60 -38.63
C LEU B 157 12.59 -16.13 -39.95
N VAL B 158 13.17 -16.54 -41.07
CA VAL B 158 12.74 -16.08 -42.37
C VAL B 158 11.53 -16.90 -42.83
N VAL B 159 10.50 -16.21 -43.31
CA VAL B 159 9.29 -16.83 -43.85
C VAL B 159 9.00 -16.19 -45.21
N ALA B 160 8.49 -17.00 -46.14
CA ALA B 160 8.40 -16.62 -47.54
C ALA B 160 6.99 -16.21 -47.96
N SER B 161 6.12 -15.86 -47.02
CA SER B 161 4.76 -15.48 -47.40
C SER B 161 4.10 -14.70 -46.27
N ILE B 162 3.05 -13.96 -46.63
CA ILE B 162 2.21 -13.30 -45.64
C ILE B 162 1.53 -14.32 -44.75
N GLU B 163 0.97 -15.38 -45.34
CA GLU B 163 0.31 -16.40 -44.53
C GLU B 163 1.30 -17.06 -43.59
N ASP B 164 2.51 -17.33 -44.07
CA ASP B 164 3.53 -17.91 -43.20
C ASP B 164 3.98 -16.92 -42.14
N ALA B 165 4.02 -15.63 -42.47
CA ALA B 165 4.35 -14.62 -41.45
C ALA B 165 3.31 -14.62 -40.33
N ILE B 166 2.04 -14.56 -40.68
CA ILE B 166 0.99 -14.50 -39.67
C ILE B 166 0.99 -15.78 -38.85
N THR B 167 1.13 -16.93 -39.51
CA THR B 167 1.20 -18.18 -38.78
C THR B 167 2.41 -18.21 -37.85
N ALA B 168 3.55 -17.71 -38.32
CA ALA B 168 4.76 -17.75 -37.52
C ALA B 168 4.59 -16.91 -36.25
N VAL B 169 4.08 -15.70 -36.40
CA VAL B 169 3.90 -14.84 -35.23
C VAL B 169 2.91 -15.47 -34.27
N ALA B 170 1.74 -15.89 -34.77
CA ALA B 170 0.70 -16.39 -33.89
C ALA B 170 1.15 -17.65 -33.15
N LEU B 171 1.75 -18.59 -33.89
CA LEU B 171 2.20 -19.84 -33.27
C LEU B 171 3.39 -19.62 -32.34
N ASN B 172 4.37 -18.83 -32.76
CA ASN B 172 5.63 -18.70 -32.03
C ASN B 172 5.59 -17.44 -31.17
N GLY B 173 5.41 -17.63 -29.86
CA GLY B 173 5.43 -16.53 -28.91
C GLY B 173 6.77 -15.84 -28.78
N GLU B 174 7.85 -16.53 -29.14
CA GLU B 174 9.20 -15.97 -29.04
C GLU B 174 9.50 -14.91 -30.08
N ILE B 175 8.63 -14.71 -31.07
CA ILE B 175 8.91 -13.76 -32.15
C ILE B 175 8.61 -12.35 -31.65
N GLN B 176 9.59 -11.75 -30.98
CA GLN B 176 9.42 -10.41 -30.42
C GLN B 176 9.28 -9.35 -31.50
N ALA B 177 9.97 -9.50 -32.62
CA ALA B 177 9.91 -8.52 -33.70
C ALA B 177 9.57 -9.18 -35.02
N ALA B 178 9.06 -8.38 -35.95
CA ALA B 178 8.73 -8.83 -37.29
C ALA B 178 9.29 -7.84 -38.30
N ILE B 179 9.75 -8.35 -39.43
CA ILE B 179 10.22 -7.52 -40.55
C ILE B 179 9.49 -8.00 -41.80
N ILE B 180 8.80 -7.10 -42.48
CA ILE B 180 7.90 -7.44 -43.57
C ILE B 180 8.37 -6.73 -44.84
N ARG B 181 8.55 -7.50 -45.92
CA ARG B 181 8.75 -6.91 -47.23
C ARG B 181 7.46 -6.33 -47.78
N HIS B 182 7.58 -5.23 -48.51
CA HIS B 182 6.42 -4.67 -49.19
C HIS B 182 5.89 -5.62 -50.24
N ASP B 183 6.78 -6.28 -50.98
CA ASP B 183 6.40 -7.30 -51.95
C ASP B 183 6.48 -8.66 -51.27
N LEU B 184 5.32 -9.29 -51.04
CA LEU B 184 5.27 -10.63 -50.48
C LEU B 184 4.10 -11.41 -51.08
N PRO B 185 4.30 -12.67 -51.44
CA PRO B 185 3.17 -13.48 -51.91
C PRO B 185 2.23 -13.79 -50.76
N LEU B 186 0.93 -13.52 -50.96
CA LEU B 186 -0.05 -13.87 -49.94
C LEU B 186 -0.15 -15.38 -49.76
N ARG B 187 -0.19 -16.13 -50.86
CA ARG B 187 -0.35 -17.58 -50.76
C ARG B 187 0.87 -18.23 -50.15
N SER B 188 0.64 -19.19 -49.26
CA SER B 188 1.73 -19.98 -48.70
C SER B 188 2.29 -20.93 -49.75
N ARG B 189 3.61 -21.09 -49.76
CA ARG B 189 4.22 -22.05 -50.68
C ARG B 189 3.76 -23.47 -50.36
N ASP B 190 3.66 -23.82 -49.08
CA ASP B 190 3.20 -25.14 -48.68
C ASP B 190 1.70 -25.29 -48.91
N TRP B 214 0.25 -5.92 -48.41
CA TRP B 214 1.17 -6.22 -47.33
C TRP B 214 0.82 -5.41 -46.08
N VAL B 215 0.08 -4.32 -46.27
CA VAL B 215 -0.42 -3.57 -45.12
C VAL B 215 -1.42 -4.41 -44.34
N GLU B 216 -2.20 -5.23 -45.04
CA GLU B 216 -3.13 -6.13 -44.37
C GLU B 216 -2.41 -7.20 -43.56
N CYS B 217 -1.25 -7.64 -44.05
CA CYS B 217 -0.41 -8.52 -43.27
C CYS B 217 0.02 -7.83 -41.97
N ALA B 218 0.50 -6.58 -42.08
CA ALA B 218 0.92 -5.85 -40.89
C ALA B 218 -0.20 -5.66 -39.89
N GLU B 219 -1.41 -5.34 -40.37
CA GLU B 219 -2.52 -5.20 -39.42
C GLU B 219 -2.85 -6.53 -38.76
N TRP B 220 -2.76 -7.64 -39.48
CA TRP B 220 -2.97 -8.92 -38.82
C TRP B 220 -1.89 -9.23 -37.80
N ILE B 221 -0.64 -8.85 -38.07
CA ILE B 221 0.42 -9.04 -37.08
C ILE B 221 0.12 -8.21 -35.84
N ARG B 222 -0.24 -6.94 -36.02
CA ARG B 222 -0.63 -6.10 -34.89
C ARG B 222 -1.80 -6.70 -34.13
N GLU B 223 -2.78 -7.26 -34.85
CA GLU B 223 -3.95 -7.82 -34.20
C GLU B 223 -3.56 -9.02 -33.33
N LEU B 224 -2.82 -9.97 -33.90
CA LEU B 224 -2.52 -11.20 -33.19
C LEU B 224 -1.46 -10.99 -32.13
N ARG B 225 -0.44 -10.18 -32.43
CA ARG B 225 0.71 -9.98 -31.56
C ARG B 225 0.84 -8.50 -31.29
N PRO B 226 0.08 -7.97 -30.31
CA PRO B 226 -0.01 -6.51 -30.14
C PRO B 226 1.27 -5.86 -29.64
N HIS B 227 2.15 -6.60 -28.96
CA HIS B 227 3.33 -6.00 -28.35
C HIS B 227 4.60 -6.19 -29.16
N ILE B 228 4.62 -7.13 -30.11
CA ILE B 228 5.82 -7.33 -30.91
C ILE B 228 6.02 -6.16 -31.86
N ASP B 229 7.29 -5.79 -32.07
CA ASP B 229 7.62 -4.67 -32.94
C ASP B 229 7.51 -5.08 -34.40
N LEU B 230 6.87 -4.23 -35.20
CA LEU B 230 6.49 -4.55 -36.57
C LEU B 230 7.12 -3.54 -37.52
N TYR B 231 7.97 -4.02 -38.43
CA TYR B 231 8.79 -3.17 -39.27
C TYR B 231 8.54 -3.50 -40.74
N LEU B 232 8.61 -2.47 -41.58
CA LEU B 232 8.33 -2.59 -43.00
C LEU B 232 9.61 -2.34 -43.78
N LEU B 233 9.84 -3.14 -44.81
CA LEU B 233 10.86 -2.89 -45.81
C LEU B 233 10.19 -2.44 -47.10
N THR B 234 10.79 -1.44 -47.76
CA THR B 234 10.21 -0.89 -48.97
C THR B 234 11.34 -0.49 -49.92
N ASP B 235 11.45 -1.20 -51.04
CA ASP B 235 12.42 -0.86 -52.07
C ASP B 235 11.92 0.22 -53.02
N GLU B 236 10.68 0.67 -52.85
CA GLU B 236 10.12 1.64 -53.77
C GLU B 236 10.84 2.97 -53.67
N SER B 237 11.05 3.61 -54.82
CA SER B 237 11.67 4.92 -54.87
C SER B 237 10.82 5.95 -54.13
N ARG B 251 7.80 1.13 -38.39
CA ARG B 251 8.70 1.99 -39.16
C ARG B 251 9.01 1.32 -40.50
N THR B 252 9.20 2.13 -41.54
CA THR B 252 9.53 1.64 -42.86
C THR B 252 11.00 1.82 -43.17
N PHE B 253 11.54 0.91 -43.98
CA PHE B 253 12.95 0.92 -44.34
C PHE B 253 13.10 0.69 -45.84
N TYR B 254 14.27 1.05 -46.36
CA TYR B 254 14.72 0.62 -47.68
C TYR B 254 15.65 -0.57 -47.45
N ARG B 255 15.26 -1.75 -47.92
CA ARG B 255 15.95 -2.97 -47.54
C ARG B 255 17.42 -2.94 -47.95
N LEU B 256 17.70 -2.54 -49.19
CA LEU B 256 19.09 -2.50 -49.64
C LEU B 256 19.90 -1.44 -48.92
N ASN B 257 19.33 -0.23 -48.78
CA ASN B 257 20.11 0.90 -48.26
C ASN B 257 20.48 0.72 -46.79
N ASP B 258 19.57 0.22 -45.96
CA ASP B 258 19.75 0.28 -44.50
C ASP B 258 19.53 -1.08 -43.83
N VAL B 259 20.54 -1.95 -43.90
CA VAL B 259 20.51 -3.14 -43.06
C VAL B 259 21.15 -2.89 -41.70
N THR B 260 21.93 -1.82 -41.56
CA THR B 260 22.59 -1.50 -40.30
C THR B 260 21.67 -0.68 -39.43
N ASP B 261 20.85 0.15 -40.04
CA ASP B 261 19.91 0.95 -39.28
C ASP B 261 18.65 0.15 -38.99
N LEU B 262 18.30 -0.78 -39.89
CA LEU B 262 17.30 -1.78 -39.57
C LEU B 262 17.73 -2.61 -38.36
N HIS B 263 18.97 -3.12 -38.39
CA HIS B 263 19.48 -3.86 -37.23
C HIS B 263 19.40 -3.01 -35.96
N SER B 264 19.89 -1.77 -36.04
CA SER B 264 19.86 -0.89 -34.87
C SER B 264 18.44 -0.66 -34.38
N THR B 265 17.48 -0.51 -35.30
CA THR B 265 16.11 -0.23 -34.91
C THR B 265 15.47 -1.45 -34.24
N VAL B 266 15.74 -2.64 -34.76
CA VAL B 266 15.23 -3.85 -34.13
C VAL B 266 15.79 -3.97 -32.71
N LEU B 267 17.11 -3.80 -32.57
CA LEU B 267 17.72 -3.86 -31.24
C LEU B 267 17.12 -2.79 -30.33
N ALA B 268 16.87 -1.60 -30.87
CA ALA B 268 16.34 -0.51 -30.05
C ALA B 268 14.95 -0.83 -29.55
N GLY B 269 14.08 -1.34 -30.43
CA GLY B 269 12.74 -1.70 -30.00
C GLY B 269 12.75 -2.81 -28.97
N LEU B 270 13.61 -3.81 -29.17
CA LEU B 270 13.71 -4.88 -28.19
C LEU B 270 14.18 -4.37 -26.84
N ARG B 271 15.20 -3.50 -26.83
CA ARG B 271 15.62 -2.94 -25.54
C ARG B 271 14.53 -2.06 -24.94
N ASN B 272 13.78 -1.34 -25.78
CA ASN B 272 12.71 -0.49 -25.28
C ASN B 272 11.65 -1.31 -24.57
N ARG B 273 11.32 -2.49 -25.10
CA ARG B 273 10.30 -3.31 -24.46
C ARG B 273 10.87 -4.27 -23.42
N TYR B 274 12.20 -4.35 -23.31
CA TYR B 274 12.83 -5.15 -22.26
C TYR B 274 13.31 -4.30 -21.10
N ALA B 275 13.74 -3.07 -21.35
CA ALA B 275 14.30 -2.23 -20.32
C ALA B 275 13.23 -1.88 -19.28
N THR B 276 13.57 -2.09 -18.01
CA THR B 276 12.73 -1.68 -16.88
C THR B 276 13.42 -0.52 -16.20
N PRO B 277 13.10 0.72 -16.56
CA PRO B 277 13.86 1.85 -15.98
C PRO B 277 13.77 1.91 -14.46
N PHE B 278 12.59 1.65 -13.90
CA PHE B 278 12.41 1.86 -12.47
C PHE B 278 12.94 0.68 -11.66
N PHE B 279 12.73 -0.55 -12.13
CA PHE B 279 13.32 -1.69 -11.43
C PHE B 279 14.84 -1.62 -11.45
N ASP B 280 15.41 -1.22 -12.60
CA ASP B 280 16.85 -1.04 -12.67
C ASP B 280 17.33 0.08 -11.75
N ALA B 281 16.60 1.19 -11.70
CA ALA B 281 16.97 2.28 -10.81
C ALA B 281 16.91 1.83 -9.35
N LEU B 282 15.89 1.04 -8.99
CA LEU B 282 15.76 0.57 -7.62
C LEU B 282 16.87 -0.43 -7.28
N ARG B 283 17.25 -1.28 -8.23
CA ARG B 283 18.41 -2.15 -8.02
C ARG B 283 19.68 -1.34 -7.80
N ALA B 284 19.89 -0.30 -8.61
CA ALA B 284 21.08 0.52 -8.44
C ALA B 284 21.06 1.27 -7.12
N TYR B 285 19.89 1.70 -6.66
CA TYR B 285 19.77 2.35 -5.36
C TYR B 285 20.08 1.38 -4.23
N ALA B 286 19.52 0.17 -4.30
CA ALA B 286 19.77 -0.82 -3.26
C ALA B 286 21.20 -1.29 -3.25
N ALA B 287 21.83 -1.37 -4.42
CA ALA B 287 23.23 -1.77 -4.50
C ALA B 287 24.13 -0.78 -3.76
N HIS B 340 8.57 12.38 -12.70
CA HIS B 340 9.14 12.90 -13.94
C HIS B 340 10.33 12.07 -14.39
N GLY B 341 10.87 11.25 -13.49
CA GLY B 341 12.06 10.49 -13.79
C GLY B 341 11.77 9.09 -14.31
N ASN B 342 12.48 8.10 -13.76
CA ASN B 342 12.28 6.73 -14.21
C ASN B 342 10.87 6.24 -13.94
N ILE B 343 10.20 6.78 -12.91
CA ILE B 343 8.82 6.38 -12.64
C ILE B 343 7.91 6.84 -13.77
N LYS B 344 8.13 8.04 -14.29
CA LYS B 344 7.37 8.49 -15.45
C LYS B 344 7.58 7.57 -16.64
N THR B 345 8.83 7.15 -16.88
CA THR B 345 9.09 6.25 -18.00
C THR B 345 8.39 4.92 -17.80
N ALA B 346 8.42 4.38 -16.58
CA ALA B 346 7.73 3.13 -16.31
C ALA B 346 6.24 3.25 -16.54
N MET B 347 5.63 4.36 -16.09
CA MET B 347 4.20 4.56 -16.31
C MET B 347 3.89 4.73 -17.79
N ASP B 348 4.76 5.39 -18.55
CA ASP B 348 4.55 5.53 -19.98
C ASP B 348 4.64 4.18 -20.68
N LYS B 349 5.58 3.34 -20.28
CA LYS B 349 5.68 2.01 -20.85
C LYS B 349 4.49 1.16 -20.48
N ALA B 350 3.95 1.33 -19.27
CA ALA B 350 2.71 0.64 -18.89
C ALA B 350 1.55 1.11 -19.74
N ALA B 351 1.46 2.42 -19.99
CA ALA B 351 0.40 2.94 -20.84
C ALA B 351 0.50 2.36 -22.25
N VAL B 352 1.72 2.25 -22.78
CA VAL B 352 1.89 1.69 -24.11
C VAL B 352 1.57 0.20 -24.12
N THR B 353 1.87 -0.50 -23.03
CA THR B 353 1.59 -1.93 -22.97
C THR B 353 0.09 -2.20 -22.91
N TRP B 354 -0.63 -1.47 -22.06
CA TRP B 354 -2.05 -1.69 -21.86
C TRP B 354 -2.92 -0.79 -22.73
N ASN B 355 -2.35 -0.17 -23.76
CA ASN B 355 -3.11 0.60 -24.75
C ASN B 355 -3.85 1.77 -24.11
N ALA B 356 -3.32 2.30 -23.01
CA ALA B 356 -3.87 3.48 -22.37
C ALA B 356 -3.23 4.75 -22.93
N ASN B 357 -3.95 5.86 -22.81
CA ASN B 357 -3.33 7.17 -23.03
C ASN B 357 -2.41 7.54 -21.88
N GLN B 358 -2.83 7.26 -20.65
CA GLN B 358 -2.00 7.44 -19.47
C GLN B 358 -2.18 6.25 -18.56
N THR B 359 -1.12 5.95 -17.80
CA THR B 359 -1.18 4.94 -16.75
C THR B 359 -0.67 5.55 -15.45
N TYR B 360 -1.38 5.25 -14.37
CA TYR B 360 -1.02 5.71 -13.04
C TYR B 360 -0.81 4.50 -12.14
N PHE B 361 0.39 4.37 -11.59
CA PHE B 361 0.68 3.29 -10.66
C PHE B 361 0.08 3.59 -9.30
N VAL B 362 -0.58 2.61 -8.71
CA VAL B 362 -1.22 2.72 -7.41
C VAL B 362 -0.64 1.64 -6.52
N THR B 363 -0.25 2.01 -5.30
CA THR B 363 0.39 1.09 -4.37
C THR B 363 -0.50 0.73 -3.19
N ASN B 364 -1.82 0.91 -3.33
CA ASN B 364 -2.77 0.40 -2.36
C ASN B 364 -3.84 -0.43 -3.08
N GLY B 365 -3.48 -1.03 -4.21
CA GLY B 365 -4.34 -1.97 -4.89
C GLY B 365 -5.44 -1.33 -5.71
N THR B 366 -6.24 -2.20 -6.32
CA THR B 366 -7.38 -1.73 -7.10
C THR B 366 -8.52 -1.27 -6.21
N SER B 367 -8.47 -1.60 -4.91
CA SER B 367 -9.44 -1.05 -3.98
C SER B 367 -9.30 0.46 -3.94
N THR B 368 -8.07 0.94 -3.95
CA THR B 368 -7.79 2.37 -3.92
C THR B 368 -7.80 2.99 -5.30
N ALA B 369 -7.36 2.26 -6.32
CA ALA B 369 -7.52 2.76 -7.69
C ALA B 369 -8.97 3.06 -8.01
N ASN B 370 -9.89 2.17 -7.61
CA ASN B 370 -11.32 2.40 -7.83
C ASN B 370 -11.76 3.72 -7.21
N LYS B 371 -11.34 3.98 -5.97
CA LYS B 371 -11.72 5.19 -5.26
C LYS B 371 -11.12 6.42 -5.90
N ILE B 372 -9.84 6.36 -6.27
CA ILE B 372 -9.23 7.49 -6.98
C ILE B 372 -10.05 7.84 -8.21
N VAL B 373 -10.41 6.84 -9.01
CA VAL B 373 -11.16 7.13 -10.24
C VAL B 373 -12.53 7.69 -9.92
N VAL B 374 -13.26 7.03 -9.00
CA VAL B 374 -14.60 7.47 -8.63
C VAL B 374 -14.59 8.91 -8.15
N GLN B 375 -13.65 9.26 -7.27
CA GLN B 375 -13.56 10.62 -6.79
C GLN B 375 -13.16 11.58 -7.89
N ALA B 376 -12.26 11.17 -8.78
CA ALA B 376 -11.84 12.06 -9.85
C ALA B 376 -13.01 12.42 -10.77
N LEU B 377 -13.87 11.44 -11.08
CA LEU B 377 -14.95 11.67 -12.03
C LEU B 377 -16.24 12.14 -11.38
N THR B 378 -16.57 11.63 -10.19
CA THR B 378 -17.84 11.90 -9.54
C THR B 378 -17.70 12.99 -8.49
N ARG B 379 -18.60 13.97 -8.55
CA ARG B 379 -18.84 14.85 -7.41
C ARG B 379 -20.02 14.32 -6.59
N PRO B 380 -20.15 14.74 -5.34
CA PRO B 380 -21.33 14.36 -4.55
C PRO B 380 -22.65 14.55 -5.28
N GLY B 381 -23.48 13.51 -5.20
CA GLY B 381 -24.76 13.44 -5.87
C GLY B 381 -24.75 13.11 -7.35
N ASP B 382 -23.59 12.81 -7.92
CA ASP B 382 -23.56 12.20 -9.24
C ASP B 382 -24.12 10.78 -9.18
N ILE B 383 -25.03 10.46 -10.09
CA ILE B 383 -25.56 9.11 -10.20
C ILE B 383 -24.50 8.24 -10.88
N VAL B 384 -24.20 7.10 -10.27
CA VAL B 384 -23.28 6.11 -10.83
C VAL B 384 -24.06 4.82 -11.06
N LEU B 385 -24.21 4.44 -12.34
CA LEU B 385 -24.63 3.09 -12.68
C LEU B 385 -23.51 2.11 -12.36
N ILE B 386 -23.83 1.10 -11.57
CA ILE B 386 -22.82 0.16 -11.06
C ILE B 386 -23.43 -1.23 -10.99
N ASP B 387 -22.67 -2.23 -11.44
CA ASP B 387 -23.02 -3.62 -11.19
C ASP B 387 -23.30 -3.83 -9.70
N ARG B 388 -24.52 -4.27 -9.41
CA ARG B 388 -24.92 -4.54 -8.03
C ARG B 388 -23.91 -5.43 -7.32
N ASN B 389 -23.29 -6.36 -8.05
CA ASN B 389 -22.31 -7.30 -7.53
C ASN B 389 -20.88 -6.82 -7.73
N CYS B 390 -20.69 -5.52 -7.81
CA CYS B 390 -19.36 -4.91 -7.81
C CYS B 390 -18.58 -5.26 -6.54
N HIS B 391 -17.27 -5.10 -6.63
CA HIS B 391 -16.40 -5.20 -5.46
C HIS B 391 -16.80 -4.18 -4.39
N LYS B 392 -16.65 -4.59 -3.13
CA LYS B 392 -16.91 -3.70 -1.99
C LYS B 392 -16.16 -2.38 -2.09
N SER B 393 -14.96 -2.38 -2.68
CA SER B 393 -14.21 -1.14 -2.79
C SER B 393 -15.00 -0.08 -3.54
N HIS B 394 -15.88 -0.49 -4.45
CA HIS B 394 -16.76 0.45 -5.11
C HIS B 394 -17.85 0.99 -4.18
N HIS B 395 -18.46 0.11 -3.38
CA HIS B 395 -19.44 0.58 -2.40
C HIS B 395 -18.83 1.64 -1.48
N TYR B 396 -17.66 1.35 -0.94
CA TYR B 396 -16.98 2.32 -0.07
C TYR B 396 -16.55 3.57 -0.81
N GLY B 397 -16.03 3.44 -2.03
CA GLY B 397 -15.76 4.62 -2.83
C GLY B 397 -16.98 5.48 -3.10
N LEU B 398 -18.14 4.85 -3.30
CA LEU B 398 -19.38 5.59 -3.43
C LEU B 398 -19.76 6.34 -2.16
N VAL B 399 -19.71 5.67 -1.00
CA VAL B 399 -20.00 6.38 0.25
C VAL B 399 -19.01 7.51 0.49
N LEU B 400 -17.74 7.33 0.11
CA LEU B 400 -16.78 8.43 0.21
C LEU B 400 -17.13 9.57 -0.74
N ALA B 401 -17.34 9.25 -2.02
CA ALA B 401 -17.64 10.27 -3.02
C ALA B 401 -19.00 10.92 -2.76
N GLY B 402 -19.91 10.20 -2.09
CA GLY B 402 -21.29 10.63 -2.01
C GLY B 402 -22.06 10.55 -3.30
N ALA B 403 -21.57 9.78 -4.26
CA ALA B 403 -22.34 9.49 -5.46
C ALA B 403 -23.55 8.63 -5.12
N TYR B 404 -24.60 8.76 -5.94
CA TYR B 404 -25.82 7.98 -5.79
C TYR B 404 -25.79 6.76 -6.69
N PRO B 405 -25.46 5.57 -6.17
CA PRO B 405 -25.48 4.38 -7.02
C PRO B 405 -26.91 4.02 -7.43
N MET B 406 -27.06 3.72 -8.72
CA MET B 406 -28.18 2.92 -9.23
C MET B 406 -27.61 1.54 -9.56
N TYR B 407 -27.79 0.62 -8.62
CA TYR B 407 -27.26 -0.74 -8.77
C TYR B 407 -28.01 -1.52 -9.84
N LEU B 408 -27.24 -2.16 -10.72
CA LEU B 408 -27.75 -2.95 -11.85
C LEU B 408 -27.63 -4.44 -11.52
N ASP B 409 -28.76 -5.14 -11.55
CA ASP B 409 -28.80 -6.57 -11.25
C ASP B 409 -28.11 -7.38 -12.34
N ALA B 410 -27.00 -8.03 -11.98
CA ALA B 410 -26.45 -9.14 -12.76
C ALA B 410 -27.46 -10.27 -12.89
N TYR B 411 -27.55 -10.82 -14.10
CA TYR B 411 -28.49 -11.91 -14.37
C TYR B 411 -28.22 -13.10 -13.44
N PRO B 412 -29.24 -13.76 -12.93
CA PRO B 412 -29.04 -14.88 -12.00
C PRO B 412 -28.62 -16.17 -12.67
N LEU B 413 -27.83 -16.94 -11.93
CA LEU B 413 -27.49 -18.33 -12.24
C LEU B 413 -27.99 -19.23 -11.10
N PRO B 414 -29.31 -19.44 -11.01
CA PRO B 414 -29.89 -20.11 -9.84
C PRO B 414 -29.29 -21.47 -9.51
N GLN B 415 -28.91 -22.26 -10.52
CA GLN B 415 -28.37 -23.59 -10.27
C GLN B 415 -27.10 -23.54 -9.43
N TYR B 416 -26.38 -22.42 -9.45
CA TYR B 416 -25.03 -22.32 -8.92
C TYR B 416 -24.91 -21.30 -7.79
N ALA B 417 -25.92 -20.45 -7.59
CA ALA B 417 -25.88 -19.38 -6.59
C ALA B 417 -24.70 -18.45 -6.80
N ILE B 418 -24.54 -18.00 -8.04
CA ILE B 418 -23.53 -17.03 -8.44
C ILE B 418 -24.24 -16.05 -9.37
N TYR B 419 -23.80 -14.79 -9.33
CA TYR B 419 -24.28 -13.82 -10.30
C TYR B 419 -23.43 -13.85 -11.56
N GLY B 420 -24.09 -13.60 -12.68
CA GLY B 420 -23.41 -13.33 -13.93
C GLY B 420 -22.88 -11.92 -14.07
N ALA B 421 -22.89 -11.44 -15.31
CA ALA B 421 -22.69 -10.05 -15.65
C ALA B 421 -24.02 -9.30 -15.74
N VAL B 422 -23.92 -7.98 -15.72
CA VAL B 422 -25.06 -7.07 -15.93
C VAL B 422 -25.42 -7.04 -17.41
N PRO B 423 -26.57 -7.56 -17.81
CA PRO B 423 -26.99 -7.43 -19.21
C PRO B 423 -27.00 -5.98 -19.69
N LEU B 424 -26.62 -5.80 -20.95
CA LEU B 424 -26.65 -4.48 -21.58
C LEU B 424 -28.05 -3.89 -21.64
N ARG B 425 -29.07 -4.73 -21.83
CA ARG B 425 -30.42 -4.21 -21.76
C ARG B 425 -30.73 -3.62 -20.40
N THR B 426 -30.20 -4.21 -19.33
CA THR B 426 -30.39 -3.64 -18.00
C THR B 426 -29.79 -2.24 -17.89
N ILE B 427 -28.55 -2.07 -18.36
CA ILE B 427 -27.91 -0.75 -18.39
C ILE B 427 -28.73 0.25 -19.20
N LYS B 428 -29.08 -0.12 -20.44
CA LYS B 428 -29.89 0.76 -21.28
C LYS B 428 -31.20 1.15 -20.60
N GLN B 429 -31.93 0.17 -20.06
CA GLN B 429 -33.17 0.45 -19.35
C GLN B 429 -32.94 1.41 -18.18
N ALA B 430 -31.91 1.18 -17.38
CA ALA B 430 -31.58 2.10 -16.29
C ALA B 430 -31.37 3.53 -16.80
N LEU B 431 -30.54 3.69 -17.83
CA LEU B 431 -30.28 5.00 -18.40
C LEU B 431 -31.55 5.67 -18.91
N LEU B 432 -32.38 4.92 -19.63
CA LEU B 432 -33.61 5.48 -20.19
C LEU B 432 -34.65 5.80 -19.11
N ASP B 433 -34.73 4.98 -18.06
CA ASP B 433 -35.51 5.35 -16.89
C ASP B 433 -35.04 6.67 -16.27
N LEU B 434 -33.73 6.79 -16.04
CA LEU B 434 -33.18 8.05 -15.55
C LEU B 434 -33.51 9.22 -16.47
N GLU B 435 -33.47 9.00 -17.78
CA GLU B 435 -33.88 10.03 -18.73
C GLU B 435 -35.35 10.41 -18.55
N ALA B 436 -36.23 9.41 -18.48
CA ALA B 436 -37.64 9.67 -18.21
C ALA B 436 -37.82 10.44 -16.91
N ALA B 437 -37.03 10.09 -15.89
CA ALA B 437 -37.03 10.85 -14.64
C ALA B 437 -36.42 12.23 -14.80
N GLY B 438 -35.73 12.50 -15.90
CA GLY B 438 -34.95 13.71 -16.05
C GLY B 438 -33.68 13.74 -15.23
N GLN B 439 -33.15 12.58 -14.86
CA GLN B 439 -31.97 12.48 -14.02
C GLN B 439 -30.76 11.96 -14.79
N LEU B 440 -30.91 11.74 -16.10
CA LEU B 440 -29.80 11.27 -16.92
C LEU B 440 -28.62 12.24 -16.86
N HIS B 441 -28.90 13.54 -16.93
CA HIS B 441 -27.81 14.52 -16.90
C HIS B 441 -26.92 14.31 -15.66
N ARG B 442 -27.54 14.07 -14.51
CA ARG B 442 -26.77 13.82 -13.29
C ARG B 442 -25.82 12.64 -13.48
N VAL B 443 -26.27 11.60 -14.17
CA VAL B 443 -25.46 10.40 -14.35
C VAL B 443 -24.09 10.78 -14.89
N ARG B 444 -23.04 10.34 -14.19
CA ARG B 444 -21.67 10.64 -14.58
C ARG B 444 -20.86 9.44 -15.05
N MET B 445 -21.16 8.22 -14.61
CA MET B 445 -20.23 7.14 -14.89
C MET B 445 -20.94 5.80 -14.72
N LEU B 446 -20.53 4.82 -15.53
CA LEU B 446 -20.86 3.41 -15.36
C LEU B 446 -19.68 2.58 -14.86
N LEU B 447 -19.88 1.91 -13.73
CA LEU B 447 -18.87 1.00 -13.13
C LEU B 447 -19.25 -0.44 -13.45
N LEU B 448 -18.43 -1.11 -14.25
CA LEU B 448 -18.60 -2.54 -14.51
C LEU B 448 -17.27 -3.26 -14.36
N THR B 449 -17.33 -4.44 -13.75
CA THR B 449 -16.17 -5.34 -13.64
C THR B 449 -16.06 -6.10 -14.95
N ASN B 450 -15.02 -5.81 -15.73
CA ASN B 450 -14.98 -6.32 -17.11
C ASN B 450 -15.00 -7.84 -17.14
N CYS B 451 -14.26 -8.47 -16.24
CA CYS B 451 -14.38 -9.91 -16.01
C CYS B 451 -14.94 -10.11 -14.61
N THR B 452 -16.09 -10.79 -14.53
CA THR B 452 -16.64 -11.13 -13.24
C THR B 452 -15.73 -12.13 -12.53
N PHE B 453 -15.84 -12.16 -11.20
CA PHE B 453 -15.03 -13.09 -10.42
C PHE B 453 -15.13 -14.49 -11.02
N ASP B 454 -16.33 -14.90 -11.43
CA ASP B 454 -16.59 -16.22 -11.98
C ASP B 454 -16.11 -16.36 -13.42
N GLY B 455 -15.73 -15.26 -14.06
CA GLY B 455 -15.15 -15.27 -15.39
C GLY B 455 -16.04 -14.79 -16.53
N VAL B 456 -17.21 -14.26 -16.23
CA VAL B 456 -18.13 -13.78 -17.27
C VAL B 456 -17.58 -12.47 -17.81
N VAL B 457 -17.19 -12.44 -19.08
CA VAL B 457 -16.51 -11.28 -19.65
C VAL B 457 -17.52 -10.42 -20.40
N TYR B 458 -17.62 -9.16 -20.00
CA TYR B 458 -18.36 -8.15 -20.75
C TYR B 458 -17.67 -7.84 -22.07
N ASN B 459 -18.48 -7.50 -23.07
CA ASN B 459 -17.92 -6.94 -24.29
C ASN B 459 -17.91 -5.43 -24.10
N PRO B 460 -16.78 -4.82 -23.74
CA PRO B 460 -16.79 -3.38 -23.46
C PRO B 460 -17.14 -2.52 -24.66
N ARG B 461 -16.70 -2.87 -25.86
CA ARG B 461 -16.94 -2.00 -27.00
C ARG B 461 -18.44 -1.85 -27.23
N ARG B 462 -19.19 -2.94 -27.12
CA ARG B 462 -20.63 -2.89 -27.38
C ARG B 462 -21.34 -2.16 -26.26
N VAL B 463 -20.89 -2.36 -25.02
CA VAL B 463 -21.54 -1.71 -23.89
C VAL B 463 -21.32 -0.22 -23.95
N MET B 464 -20.09 0.20 -24.25
CA MET B 464 -19.78 1.62 -24.35
C MET B 464 -20.49 2.25 -25.54
N GLU B 465 -20.60 1.52 -26.65
CA GLU B 465 -21.31 2.07 -27.81
C GLU B 465 -22.76 2.33 -27.47
N GLU B 466 -23.44 1.34 -26.88
CA GLU B 466 -24.86 1.50 -26.64
C GLU B 466 -25.13 2.44 -25.48
N VAL B 467 -24.20 2.56 -24.54
CA VAL B 467 -24.37 3.51 -23.44
C VAL B 467 -24.11 4.95 -23.91
N LEU B 468 -23.06 5.15 -24.72
CA LEU B 468 -22.82 6.46 -25.31
C LEU B 468 -23.90 6.86 -26.31
N ALA B 469 -24.69 5.90 -26.79
CA ALA B 469 -25.87 6.27 -27.56
C ALA B 469 -26.89 6.98 -26.67
N ILE B 470 -27.01 6.57 -25.41
CA ILE B 470 -27.90 7.24 -24.47
C ILE B 470 -27.23 8.49 -23.90
N LYS B 471 -26.01 8.34 -23.39
CA LYS B 471 -25.35 9.36 -22.58
C LYS B 471 -23.98 9.60 -23.21
N PRO B 472 -23.90 10.48 -24.21
CA PRO B 472 -22.67 10.61 -25.00
C PRO B 472 -21.44 11.02 -24.21
N ASP B 473 -21.59 11.50 -22.97
CA ASP B 473 -20.46 12.00 -22.19
C ASP B 473 -20.33 11.29 -20.85
N ILE B 474 -20.93 10.11 -20.72
CA ILE B 474 -20.70 9.26 -19.56
C ILE B 474 -19.26 8.77 -19.56
N CYS B 475 -18.68 8.68 -18.37
CA CYS B 475 -17.39 8.01 -18.18
C CYS B 475 -17.62 6.53 -17.89
N PHE B 476 -16.65 5.71 -18.30
CA PHE B 476 -16.65 4.29 -17.98
C PHE B 476 -15.45 3.97 -17.11
N LEU B 477 -15.70 3.35 -15.96
CA LEU B 477 -14.66 2.70 -15.18
C LEU B 477 -14.87 1.19 -15.29
N TRP B 478 -13.90 0.50 -15.87
CA TRP B 478 -13.90 -0.95 -15.94
C TRP B 478 -12.96 -1.49 -14.86
N ASP B 479 -13.53 -2.10 -13.82
CA ASP B 479 -12.76 -2.72 -12.76
C ASP B 479 -12.25 -4.07 -13.24
N GLU B 480 -11.19 -4.04 -14.03
CA GLU B 480 -10.62 -5.25 -14.63
C GLU B 480 -9.46 -5.78 -13.81
N ALA B 481 -9.68 -5.95 -12.51
CA ALA B 481 -8.59 -6.35 -11.61
C ALA B 481 -8.02 -7.69 -12.01
N TRP B 482 -8.87 -8.63 -12.41
CA TRP B 482 -8.47 -9.98 -12.78
C TRP B 482 -7.95 -10.07 -14.21
N TYR B 483 -8.12 -9.03 -15.03
CA TYR B 483 -7.86 -9.06 -16.47
C TYR B 483 -6.63 -8.26 -16.91
N ALA B 484 -5.69 -7.98 -15.99
CA ALA B 484 -4.47 -7.30 -16.44
C ALA B 484 -3.74 -8.13 -17.49
N PHE B 485 -3.70 -9.45 -17.30
CA PHE B 485 -3.06 -10.33 -18.27
C PHE B 485 -3.72 -10.28 -19.64
N ALA B 486 -5.04 -10.07 -19.67
CA ALA B 486 -5.81 -10.22 -20.91
C ALA B 486 -5.25 -9.41 -22.06
N THR B 487 -4.63 -8.26 -21.78
CA THR B 487 -4.10 -7.43 -22.87
C THR B 487 -3.03 -8.17 -23.67
N ALA B 488 -2.48 -9.25 -23.14
CA ALA B 488 -1.40 -9.95 -23.82
C ALA B 488 -1.87 -10.75 -25.03
N VAL B 489 -3.15 -11.07 -25.13
CA VAL B 489 -3.63 -12.03 -26.12
C VAL B 489 -4.83 -11.48 -26.87
N PRO B 490 -4.91 -11.66 -28.20
CA PRO B 490 -5.88 -10.88 -28.99
C PRO B 490 -7.33 -11.14 -28.63
N TRP B 491 -7.68 -12.39 -28.30
CA TRP B 491 -9.08 -12.71 -28.05
C TRP B 491 -9.58 -12.02 -26.80
N ALA B 492 -8.81 -12.09 -25.71
CA ALA B 492 -9.20 -11.40 -24.49
C ALA B 492 -8.84 -9.92 -24.55
N ARG B 493 -7.77 -9.58 -25.28
CA ARG B 493 -7.40 -8.18 -25.46
C ARG B 493 -8.55 -7.38 -26.05
N GLN B 494 -9.22 -7.92 -27.07
CA GLN B 494 -10.25 -7.14 -27.73
C GLN B 494 -11.39 -6.79 -26.77
N ARG B 495 -11.58 -7.60 -25.75
CA ARG B 495 -12.59 -7.38 -24.72
C ARG B 495 -12.08 -6.52 -23.56
N THR B 496 -10.87 -6.00 -23.65
CA THR B 496 -10.29 -5.16 -22.60
C THR B 496 -10.70 -3.71 -22.81
N ALA B 497 -10.86 -2.99 -21.70
CA ALA B 497 -11.46 -1.67 -21.73
C ALA B 497 -10.64 -0.69 -22.57
N MET B 498 -9.31 -0.76 -22.50
CA MET B 498 -8.48 0.20 -23.23
C MET B 498 -8.49 -0.08 -24.73
N ILE B 499 -8.52 -1.36 -25.12
CA ILE B 499 -8.56 -1.69 -26.54
C ILE B 499 -9.94 -1.38 -27.10
N ALA B 500 -10.99 -1.69 -26.34
CA ALA B 500 -12.33 -1.30 -26.74
C ALA B 500 -12.44 0.21 -26.89
N ALA B 501 -11.86 0.96 -25.95
CA ALA B 501 -11.92 2.42 -26.01
C ALA B 501 -11.19 2.95 -27.24
N GLU B 502 -10.00 2.42 -27.54
CA GLU B 502 -9.28 2.87 -28.73
C GLU B 502 -10.06 2.54 -30.00
N ARG B 503 -10.60 1.32 -30.07
CA ARG B 503 -11.34 0.92 -31.26
C ARG B 503 -12.60 1.77 -31.44
N LEU B 504 -13.27 2.08 -30.33
CA LEU B 504 -14.45 2.93 -30.37
C LEU B 504 -14.09 4.35 -30.82
N GLU B 505 -12.97 4.88 -30.33
CA GLU B 505 -12.54 6.21 -30.77
C GLU B 505 -12.23 6.20 -32.27
N GLN B 506 -11.57 5.15 -32.74
CA GLN B 506 -11.17 5.10 -34.13
C GLN B 506 -12.38 4.91 -35.04
N MET B 507 -13.40 4.21 -34.56
CA MET B 507 -14.66 4.12 -35.29
C MET B 507 -15.35 5.48 -35.32
N LEU B 508 -15.50 6.12 -34.16
CA LEU B 508 -16.17 7.41 -34.11
C LEU B 508 -15.49 8.45 -34.99
N SER B 509 -14.20 8.30 -35.25
CA SER B 509 -13.49 9.27 -36.09
C SER B 509 -13.70 9.03 -37.59
N THR B 510 -14.04 7.82 -38.00
CA THR B 510 -14.12 7.49 -39.42
C THR B 510 -15.36 8.07 -40.08
N ALA B 511 -15.19 8.55 -41.31
CA ALA B 511 -16.32 9.02 -42.10
C ALA B 511 -17.29 7.88 -42.41
N GLU B 512 -16.76 6.68 -42.66
CA GLU B 512 -17.62 5.54 -42.95
C GLU B 512 -18.55 5.26 -41.78
N TYR B 513 -18.03 5.38 -40.55
CA TYR B 513 -18.91 5.25 -39.40
C TYR B 513 -19.97 6.35 -39.41
N ALA B 514 -19.59 7.56 -39.82
CA ALA B 514 -20.56 8.65 -39.84
C ALA B 514 -21.71 8.32 -40.80
N GLU B 515 -21.37 7.71 -41.94
CA GLU B 515 -22.41 7.26 -42.85
C GLU B 515 -23.26 6.16 -42.22
N GLU B 516 -22.62 5.24 -41.51
CA GLU B 516 -23.37 4.16 -40.85
C GLU B 516 -24.30 4.72 -39.79
N TYR B 517 -23.86 5.74 -39.07
CA TYR B 517 -24.71 6.39 -38.08
C TYR B 517 -25.86 7.14 -38.74
N ARG B 518 -25.60 7.79 -39.88
CA ARG B 518 -26.71 8.44 -40.59
C ARG B 518 -27.75 7.42 -41.01
N ASN B 519 -27.31 6.27 -41.52
CA ASN B 519 -28.24 5.21 -41.89
C ASN B 519 -29.00 4.70 -40.67
N TRP B 520 -28.31 4.55 -39.53
CA TRP B 520 -28.97 4.09 -38.31
C TRP B 520 -30.02 5.09 -37.83
N CYS B 521 -29.69 6.38 -37.84
CA CYS B 521 -30.67 7.40 -37.49
C CYS B 521 -31.86 7.35 -38.43
N ALA B 522 -31.62 7.13 -39.73
CA ALA B 522 -32.72 6.99 -40.66
C ALA B 522 -33.58 5.79 -40.31
N SER B 523 -32.95 4.71 -39.83
CA SER B 523 -33.69 3.54 -39.39
C SER B 523 -34.46 3.80 -38.09
N MET B 524 -34.05 4.80 -37.32
CA MET B 524 -34.67 5.11 -36.04
C MET B 524 -35.71 6.21 -36.15
N ASP B 525 -36.15 6.56 -37.36
CA ASP B 525 -37.14 7.61 -37.53
C ASP B 525 -38.46 7.20 -36.88
N GLY B 526 -38.88 7.96 -35.88
CA GLY B 526 -40.13 7.75 -35.20
C GLY B 526 -40.11 6.72 -34.11
N VAL B 527 -39.03 5.94 -33.97
CA VAL B 527 -38.91 5.00 -32.86
C VAL B 527 -38.83 5.78 -31.56
N ASP B 528 -39.60 5.36 -30.56
CA ASP B 528 -39.56 6.03 -29.28
C ASP B 528 -38.26 5.68 -28.56
N ARG B 529 -37.79 6.62 -27.74
CA ARG B 529 -36.59 6.33 -26.95
C ARG B 529 -36.82 5.19 -25.97
N SER B 530 -38.06 5.05 -25.47
CA SER B 530 -38.35 3.93 -24.58
C SER B 530 -38.09 2.60 -25.28
N GLU B 531 -38.43 2.51 -26.57
CA GLU B 531 -38.18 1.32 -27.36
C GLU B 531 -36.70 1.04 -27.56
N TRP B 532 -35.82 2.04 -27.39
CA TRP B 532 -34.41 1.87 -27.70
C TRP B 532 -33.78 0.67 -27.00
N VAL B 533 -34.34 0.20 -25.88
CA VAL B 533 -33.82 -1.01 -25.27
C VAL B 533 -33.92 -2.17 -26.25
N ASP B 534 -34.99 -2.22 -27.03
CA ASP B 534 -35.16 -3.29 -28.00
C ASP B 534 -34.07 -3.27 -29.07
N HIS B 535 -33.67 -2.07 -29.51
CA HIS B 535 -32.82 -1.91 -30.68
C HIS B 535 -31.38 -1.61 -30.31
N ARG B 536 -30.46 -2.23 -31.06
CA ARG B 536 -29.04 -1.90 -30.91
C ARG B 536 -28.82 -0.43 -31.23
N LEU B 537 -27.94 0.22 -30.46
CA LEU B 537 -27.76 1.66 -30.54
C LEU B 537 -26.33 2.02 -30.89
N LEU B 538 -26.19 3.07 -31.71
CA LEU B 538 -24.91 3.56 -32.19
C LEU B 538 -24.63 4.93 -31.60
N PRO B 539 -23.44 5.19 -31.05
CA PRO B 539 -23.15 6.54 -30.56
C PRO B 539 -23.09 7.55 -31.68
N ASP B 540 -23.50 8.78 -31.36
CA ASP B 540 -23.32 9.88 -32.30
C ASP B 540 -21.83 10.13 -32.48
N PRO B 541 -21.34 10.29 -33.72
CA PRO B 541 -19.92 10.69 -33.87
C PRO B 541 -19.63 12.07 -33.33
N ASN B 542 -20.55 13.02 -33.49
CA ASN B 542 -20.32 14.41 -33.14
C ASN B 542 -20.66 14.73 -31.68
N ARG B 543 -21.10 13.75 -30.91
CA ARG B 543 -21.38 13.99 -29.50
C ARG B 543 -20.71 12.99 -28.58
N ALA B 544 -20.70 11.71 -28.94
CA ALA B 544 -20.07 10.68 -28.12
C ALA B 544 -18.63 11.05 -27.79
N ARG B 545 -18.33 11.17 -26.50
CA ARG B 545 -16.98 11.37 -26.00
C ARG B 545 -16.55 10.09 -25.31
N VAL B 546 -15.38 9.56 -25.70
CA VAL B 546 -14.90 8.30 -25.16
C VAL B 546 -14.07 8.61 -23.92
N ARG B 547 -14.62 8.30 -22.74
CA ARG B 547 -14.00 8.66 -21.47
C ARG B 547 -13.90 7.38 -20.64
N VAL B 548 -12.97 6.51 -21.03
CA VAL B 548 -12.90 5.17 -20.46
C VAL B 548 -11.77 5.10 -19.44
N TYR B 549 -12.01 4.35 -18.38
CA TYR B 549 -11.02 4.10 -17.34
C TYR B 549 -10.97 2.62 -17.05
N ALA B 550 -9.81 2.15 -16.62
CA ALA B 550 -9.65 0.78 -16.16
C ALA B 550 -8.76 0.79 -14.93
N THR B 551 -8.94 -0.21 -14.07
CA THR B 551 -8.07 -0.44 -12.93
C THR B 551 -7.64 -1.89 -12.93
N HIS B 552 -6.33 -2.11 -12.80
CA HIS B 552 -5.74 -3.43 -12.92
C HIS B 552 -5.00 -3.74 -11.63
N SER B 553 -5.41 -4.81 -10.95
CA SER B 553 -4.64 -5.38 -9.85
C SER B 553 -3.62 -6.31 -10.49
N THR B 554 -2.43 -5.76 -10.77
CA THR B 554 -1.43 -6.50 -11.54
C THR B 554 -1.07 -7.82 -10.87
N HIS B 555 -1.06 -7.85 -9.53
CA HIS B 555 -0.66 -9.07 -8.82
C HIS B 555 -1.60 -10.23 -9.12
N LYS B 556 -2.91 -9.98 -9.23
CA LYS B 556 -3.85 -11.07 -9.38
C LYS B 556 -3.60 -11.86 -10.65
N SER B 557 -3.14 -11.21 -11.72
CA SER B 557 -2.98 -11.84 -13.01
C SER B 557 -1.54 -11.90 -13.50
N LEU B 558 -0.60 -11.24 -12.83
CA LEU B 558 0.76 -11.08 -13.33
C LEU B 558 1.72 -11.16 -12.16
N SER B 559 3.02 -11.09 -12.47
CA SER B 559 4.07 -11.28 -11.48
C SER B 559 4.14 -10.15 -10.45
N ALA B 560 3.41 -9.06 -10.65
CA ALA B 560 3.53 -7.91 -9.76
C ALA B 560 3.28 -8.32 -8.31
N LEU B 561 3.77 -7.47 -7.40
CA LEU B 561 3.59 -7.71 -5.97
C LEU B 561 2.17 -7.39 -5.54
N ARG B 562 1.78 -8.00 -4.42
CA ARG B 562 0.46 -7.79 -3.86
C ARG B 562 0.29 -6.31 -3.51
N GLN B 563 -0.92 -5.78 -3.74
CA GLN B 563 -1.28 -4.40 -3.43
C GLN B 563 -0.75 -3.42 -4.46
N ALA B 564 -0.28 -3.89 -5.61
CA ALA B 564 0.19 -3.02 -6.70
C ALA B 564 -0.85 -2.99 -7.81
N SER B 565 -1.23 -1.79 -8.23
CA SER B 565 -2.32 -1.60 -9.18
C SER B 565 -1.93 -0.55 -10.22
N MET B 566 -2.69 -0.52 -11.31
CA MET B 566 -2.47 0.44 -12.40
C MET B 566 -3.82 0.98 -12.86
N ILE B 567 -4.04 2.29 -12.68
CA ILE B 567 -5.16 2.95 -13.33
C ILE B 567 -4.78 3.24 -14.78
N HIS B 568 -5.61 2.80 -15.71
CA HIS B 568 -5.42 3.06 -17.13
C HIS B 568 -6.48 4.06 -17.58
N VAL B 569 -6.04 5.17 -18.15
CA VAL B 569 -6.94 6.24 -18.58
C VAL B 569 -6.84 6.37 -20.09
N ARG B 570 -7.99 6.30 -20.76
CA ARG B 570 -8.12 6.64 -22.18
C ARG B 570 -9.35 7.53 -22.27
N ASP B 571 -9.17 8.80 -21.90
CA ASP B 571 -10.27 9.76 -21.77
C ASP B 571 -9.98 10.96 -22.66
N GLN B 572 -10.91 11.25 -23.57
CA GLN B 572 -10.71 12.36 -24.51
C GLN B 572 -10.76 13.72 -23.83
N ASP B 573 -11.45 13.82 -22.68
CA ASP B 573 -11.57 15.08 -21.96
C ASP B 573 -10.77 15.08 -20.66
N PHE B 574 -9.78 14.20 -20.53
CA PHE B 574 -9.04 14.10 -19.27
C PHE B 574 -8.30 15.39 -18.95
N LYS B 575 -7.64 15.98 -19.95
CA LYS B 575 -6.75 17.11 -19.68
C LYS B 575 -7.53 18.29 -19.10
N ALA B 576 -8.74 18.53 -19.60
CA ALA B 576 -9.53 19.67 -19.16
C ALA B 576 -10.44 19.29 -17.99
N LEU B 577 -11.42 18.44 -18.26
CA LEU B 577 -12.44 18.14 -17.26
C LEU B 577 -11.89 17.44 -16.03
N THR B 578 -11.01 16.46 -16.20
CA THR B 578 -10.67 15.56 -15.11
C THR B 578 -9.23 15.64 -14.57
N ARG B 579 -8.30 16.33 -15.24
CA ARG B 579 -6.91 16.21 -14.81
C ARG B 579 -6.70 16.76 -13.40
N ASP B 580 -7.27 17.93 -13.09
CA ASP B 580 -7.14 18.47 -11.74
C ASP B 580 -7.87 17.62 -10.72
N ALA B 581 -9.07 17.16 -11.05
CA ALA B 581 -9.83 16.32 -10.12
C ALA B 581 -9.09 15.02 -9.87
N PHE B 582 -8.45 14.47 -10.91
CA PHE B 582 -7.79 13.19 -10.79
C PHE B 582 -6.48 13.33 -10.04
N GLY B 583 -5.83 14.48 -10.17
CA GLY B 583 -4.65 14.73 -9.34
C GLY B 583 -5.01 14.87 -7.88
N GLU B 584 -6.08 15.61 -7.58
CA GLU B 584 -6.50 15.76 -6.19
C GLU B 584 -6.97 14.43 -5.59
N ALA B 585 -7.63 13.59 -6.38
CA ALA B 585 -8.03 12.27 -5.87
C ALA B 585 -6.81 11.38 -5.65
N PHE B 586 -5.83 11.45 -6.54
CA PHE B 586 -4.62 10.66 -6.40
C PHE B 586 -3.85 11.09 -5.15
N LEU B 587 -3.78 12.39 -4.89
CA LEU B 587 -3.18 12.86 -3.64
C LEU B 587 -4.01 12.48 -2.44
N THR B 588 -5.33 12.45 -2.57
CA THR B 588 -6.19 12.06 -1.47
C THR B 588 -5.90 10.62 -1.04
N HIS B 589 -5.74 9.72 -2.00
CA HIS B 589 -5.79 8.30 -1.67
C HIS B 589 -4.44 7.62 -1.59
N THR B 590 -3.43 8.10 -2.31
CA THR B 590 -2.10 7.53 -2.20
C THR B 590 -1.34 8.12 -1.02
N SER B 591 -0.45 7.30 -0.46
CA SER B 591 0.42 7.74 0.62
C SER B 591 1.63 8.51 0.08
N THR B 592 2.14 9.41 0.91
CA THR B 592 3.25 10.27 0.52
C THR B 592 4.59 9.55 0.49
N SER B 593 4.65 8.34 1.05
CA SER B 593 5.86 7.51 1.01
C SER B 593 5.48 6.16 0.41
N PRO B 594 5.26 6.11 -0.90
CA PRO B 594 4.87 4.85 -1.52
C PRO B 594 6.02 3.86 -1.58
N ASN B 595 5.69 2.58 -1.45
CA ASN B 595 6.71 1.54 -1.41
C ASN B 595 7.29 1.36 -2.81
N GLN B 596 8.61 1.54 -2.93
CA GLN B 596 9.25 1.49 -4.23
C GLN B 596 9.26 0.07 -4.80
N GLN B 597 9.27 -0.94 -3.93
CA GLN B 597 9.24 -2.32 -4.42
C GLN B 597 7.95 -2.61 -5.18
N LEU B 598 6.83 -2.04 -4.75
CA LEU B 598 5.58 -2.24 -5.47
C LEU B 598 5.64 -1.61 -6.86
N LEU B 599 6.18 -0.40 -6.97
CA LEU B 599 6.31 0.25 -8.27
C LEU B 599 7.25 -0.53 -9.18
N ALA B 600 8.37 -1.03 -8.62
CA ALA B 600 9.28 -1.84 -9.41
C ALA B 600 8.64 -3.14 -9.84
N SER B 601 7.77 -3.71 -9.01
CA SER B 601 7.02 -4.89 -9.40
C SER B 601 6.05 -4.58 -10.53
N LEU B 602 5.48 -3.37 -10.55
CA LEU B 602 4.63 -2.99 -11.67
C LEU B 602 5.43 -2.81 -12.94
N ASP B 603 6.65 -2.29 -12.82
CA ASP B 603 7.54 -2.21 -13.98
C ASP B 603 7.92 -3.60 -14.48
N LEU B 604 8.19 -4.53 -13.56
CA LEU B 604 8.50 -5.89 -13.96
C LEU B 604 7.32 -6.57 -14.63
N ALA B 605 6.11 -6.38 -14.11
CA ALA B 605 4.93 -6.95 -14.74
C ALA B 605 4.67 -6.33 -16.11
N ARG B 606 4.97 -5.04 -16.27
CA ARG B 606 4.87 -4.42 -17.57
C ARG B 606 5.84 -5.06 -18.55
N ARG B 607 7.11 -5.21 -18.14
CA ARG B 607 8.07 -5.88 -19.01
C ARG B 607 7.64 -7.30 -19.33
N GLN B 608 7.06 -8.00 -18.35
CA GLN B 608 6.59 -9.36 -18.57
C GLN B 608 5.51 -9.41 -19.64
N VAL B 609 4.54 -8.50 -19.56
CA VAL B 609 3.50 -8.45 -20.59
C VAL B 609 4.09 -8.07 -21.93
N ASP B 610 5.03 -7.12 -21.95
CA ASP B 610 5.59 -6.62 -23.20
C ASP B 610 6.33 -7.71 -23.97
N ILE B 611 7.05 -8.58 -23.27
CA ILE B 611 7.87 -9.59 -23.93
C ILE B 611 7.26 -10.96 -23.74
N GLU B 612 7.24 -11.45 -22.49
CA GLU B 612 6.75 -12.80 -22.22
C GLU B 612 5.24 -12.91 -22.29
N GLY B 613 4.53 -11.77 -22.34
CA GLY B 613 3.11 -11.78 -22.03
C GLY B 613 2.31 -12.69 -22.93
N PHE B 614 2.54 -12.61 -24.25
CA PHE B 614 1.74 -13.41 -25.16
C PHE B 614 1.91 -14.90 -24.92
N GLU B 615 3.15 -15.38 -24.90
CA GLU B 615 3.36 -16.82 -24.71
C GLU B 615 2.86 -17.27 -23.35
N LEU B 616 3.10 -16.47 -22.31
CA LEU B 616 2.64 -16.83 -20.97
C LEU B 616 1.12 -16.96 -20.93
N VAL B 617 0.41 -15.92 -21.35
CA VAL B 617 -1.04 -15.89 -21.21
C VAL B 617 -1.69 -16.89 -22.15
N ARG B 618 -1.17 -17.02 -23.37
CA ARG B 618 -1.64 -18.05 -24.28
C ARG B 618 -1.45 -19.44 -23.67
N HIS B 619 -0.34 -19.66 -22.98
CA HIS B 619 -0.15 -20.93 -22.29
C HIS B 619 -1.17 -21.11 -21.18
N VAL B 620 -1.49 -20.04 -20.45
CA VAL B 620 -2.51 -20.14 -19.41
C VAL B 620 -3.84 -20.60 -20.01
N TYR B 621 -4.25 -19.95 -21.10
CA TYR B 621 -5.50 -20.34 -21.75
C TYR B 621 -5.44 -21.76 -22.26
N ASN B 622 -4.32 -22.15 -22.87
CA ASN B 622 -4.12 -23.53 -23.29
C ASN B 622 -4.29 -24.49 -22.13
N MET B 623 -3.69 -24.16 -20.98
CA MET B 623 -3.73 -25.06 -19.83
C MET B 623 -5.14 -25.16 -19.26
N ALA B 624 -5.87 -24.04 -19.25
CA ALA B 624 -7.25 -24.07 -18.77
C ALA B 624 -8.14 -24.88 -19.70
N LEU B 625 -7.92 -24.76 -21.01
CA LEU B 625 -8.72 -25.54 -21.94
C LEU B 625 -8.36 -27.03 -21.88
N VAL B 626 -7.08 -27.33 -21.69
CA VAL B 626 -6.66 -28.72 -21.50
C VAL B 626 -7.29 -29.30 -20.25
N PHE B 627 -7.27 -28.54 -19.16
CA PHE B 627 -7.89 -29.01 -17.91
C PHE B 627 -9.37 -29.27 -18.12
N ARG B 628 -10.07 -28.32 -18.74
CA ARG B 628 -11.49 -28.51 -19.02
C ARG B 628 -11.74 -29.76 -19.84
N HIS B 629 -10.95 -29.94 -20.90
CA HIS B 629 -11.12 -31.10 -21.78
C HIS B 629 -10.87 -32.40 -21.02
N ARG B 630 -9.79 -32.46 -20.26
CA ARG B 630 -9.45 -33.68 -19.53
C ARG B 630 -10.52 -34.02 -18.49
N VAL B 631 -11.02 -33.01 -17.78
CA VAL B 631 -12.07 -33.24 -16.80
C VAL B 631 -13.35 -33.70 -17.48
N ARG B 632 -13.67 -33.15 -18.64
CA ARG B 632 -14.90 -33.53 -19.33
C ARG B 632 -14.82 -34.93 -19.92
N LYS B 633 -13.67 -35.27 -20.50
CA LYS B 633 -13.51 -36.57 -21.16
C LYS B 633 -13.34 -37.69 -20.14
N ASP B 634 -12.64 -37.41 -19.03
CA ASP B 634 -12.32 -38.46 -18.07
C ASP B 634 -13.60 -38.96 -17.41
N ARG B 635 -13.90 -40.25 -17.59
CA ARG B 635 -15.15 -40.80 -17.10
C ARG B 635 -15.16 -40.91 -15.58
N LEU B 636 -13.99 -41.02 -14.95
CA LEU B 636 -13.94 -41.15 -13.50
C LEU B 636 -14.14 -39.80 -12.81
N ILE B 637 -13.51 -38.74 -13.32
CA ILE B 637 -13.79 -37.41 -12.82
C ILE B 637 -15.18 -36.95 -13.25
N SER B 638 -15.51 -37.12 -14.53
CA SER B 638 -16.71 -36.51 -15.08
C SER B 638 -17.98 -36.98 -14.40
N LYS B 639 -17.97 -38.16 -13.77
CA LYS B 639 -19.14 -38.62 -13.05
C LYS B 639 -19.35 -37.91 -11.72
N TRP B 640 -18.28 -37.37 -11.12
CA TRP B 640 -18.36 -36.69 -9.84
C TRP B 640 -18.10 -35.19 -9.92
N PHE B 641 -17.36 -34.74 -10.93
CA PHE B 641 -16.93 -33.36 -11.02
C PHE B 641 -17.26 -32.80 -12.39
N ARG B 642 -17.56 -31.50 -12.41
CA ARG B 642 -17.86 -30.79 -13.64
C ARG B 642 -17.26 -29.39 -13.56
N ILE B 643 -16.83 -28.89 -14.71
CA ILE B 643 -16.42 -27.50 -14.86
C ILE B 643 -17.45 -26.80 -15.72
N LEU B 644 -18.02 -25.72 -15.21
CA LEU B 644 -19.19 -25.11 -15.83
C LEU B 644 -18.82 -24.50 -17.18
N ASP B 645 -19.61 -24.82 -18.20
CA ASP B 645 -19.39 -24.36 -19.56
C ASP B 645 -19.87 -22.92 -19.74
N GLU B 646 -19.59 -22.36 -20.92
CA GLU B 646 -20.28 -21.15 -21.35
C GLU B 646 -21.78 -21.29 -21.22
N SER B 647 -22.34 -22.44 -21.62
CA SER B 647 -23.79 -22.59 -21.59
C SER B 647 -24.32 -22.65 -20.17
N ASP B 648 -23.50 -23.08 -19.22
CA ASP B 648 -23.88 -23.03 -17.82
C ASP B 648 -23.91 -21.60 -17.30
N LEU B 649 -22.78 -20.91 -17.42
CA LEU B 649 -22.59 -19.59 -16.83
C LEU B 649 -23.13 -18.45 -17.69
N VAL B 650 -23.33 -18.66 -18.98
CA VAL B 650 -23.83 -17.63 -19.89
C VAL B 650 -25.12 -18.12 -20.53
N PRO B 651 -26.29 -17.63 -20.07
CA PRO B 651 -27.55 -17.91 -20.76
C PRO B 651 -27.47 -17.77 -22.27
N ASP B 652 -28.38 -18.46 -22.97
CA ASP B 652 -28.47 -18.32 -24.42
C ASP B 652 -28.82 -16.90 -24.84
N ALA B 653 -29.66 -16.22 -24.07
CA ALA B 653 -30.04 -14.84 -24.41
C ALA B 653 -28.83 -13.96 -24.72
N PHE B 654 -27.66 -14.31 -24.19
CA PHE B 654 -26.46 -13.49 -24.29
C PHE B 654 -25.38 -14.07 -25.19
N ARG B 655 -25.55 -15.30 -25.66
CA ARG B 655 -24.64 -15.91 -26.63
C ARG B 655 -25.35 -16.06 -27.96
N SER B 656 -24.74 -15.51 -29.02
CA SER B 656 -25.24 -15.68 -30.38
C SER B 656 -24.52 -16.84 -31.07
N LEU B 670 -14.00 -22.95 -34.32
CA LEU B 670 -13.10 -21.89 -33.87
C LEU B 670 -13.49 -20.55 -34.50
N ALA B 671 -14.01 -20.58 -35.73
CA ALA B 671 -14.53 -19.37 -36.34
C ALA B 671 -15.70 -18.82 -35.53
N ASP B 672 -16.61 -19.70 -35.12
CA ASP B 672 -17.74 -19.24 -34.30
C ASP B 672 -17.28 -18.87 -32.90
N TRP B 673 -16.23 -19.51 -32.39
CA TRP B 673 -15.71 -19.18 -31.07
C TRP B 673 -14.81 -17.94 -31.11
N ASN B 674 -14.14 -17.70 -32.23
CA ASN B 674 -13.49 -16.39 -32.42
C ASN B 674 -14.51 -15.27 -32.50
N GLU B 675 -15.58 -15.49 -33.26
CA GLU B 675 -16.66 -14.50 -33.33
C GLU B 675 -17.34 -14.32 -31.98
N ALA B 676 -17.39 -15.38 -31.16
CA ALA B 676 -17.99 -15.26 -29.84
C ALA B 676 -17.26 -14.21 -29.00
N TRP B 677 -15.94 -14.33 -28.90
CA TRP B 677 -15.17 -13.34 -28.13
C TRP B 677 -15.28 -11.97 -28.77
N ARG B 678 -15.36 -11.91 -30.10
CA ARG B 678 -15.48 -10.62 -30.78
C ARG B 678 -16.82 -9.95 -30.53
N SER B 679 -17.90 -10.73 -30.50
CA SER B 679 -19.21 -10.17 -30.80
C SER B 679 -20.29 -10.56 -29.79
N ASP B 680 -20.15 -11.70 -29.11
CA ASP B 680 -21.14 -12.05 -28.10
C ASP B 680 -21.12 -11.02 -26.98
N GLN B 681 -22.26 -10.89 -26.30
CA GLN B 681 -22.33 -9.94 -25.19
C GLN B 681 -21.47 -10.40 -24.02
N PHE B 682 -21.63 -11.66 -23.63
CA PHE B 682 -20.83 -12.30 -22.60
C PHE B 682 -20.13 -13.54 -23.16
N VAL B 683 -18.91 -13.76 -22.70
CA VAL B 683 -18.23 -15.04 -22.88
C VAL B 683 -17.67 -15.45 -21.53
N LEU B 684 -17.51 -16.76 -21.34
CA LEU B 684 -16.77 -17.29 -20.21
C LEU B 684 -15.29 -17.36 -20.55
N ASP B 685 -14.48 -16.71 -19.74
CA ASP B 685 -13.03 -16.87 -19.82
C ASP B 685 -12.67 -18.26 -19.33
N PRO B 686 -12.03 -19.10 -20.15
CA PRO B 686 -11.77 -20.48 -19.71
C PRO B 686 -10.82 -20.56 -18.53
N THR B 687 -10.01 -19.53 -18.28
CA THR B 687 -9.05 -19.57 -17.19
C THR B 687 -9.71 -19.43 -15.81
N ARG B 688 -10.98 -19.06 -15.77
CA ARG B 688 -11.76 -19.10 -14.53
C ARG B 688 -12.57 -20.39 -14.54
N LEU B 689 -12.22 -21.30 -13.64
CA LEU B 689 -12.65 -22.70 -13.71
C LEU B 689 -13.56 -22.96 -12.51
N THR B 690 -14.86 -22.74 -12.70
CA THR B 690 -15.84 -23.08 -11.68
C THR B 690 -16.05 -24.59 -11.72
N LEU B 691 -15.33 -25.30 -10.85
CA LEU B 691 -15.54 -26.73 -10.68
C LEU B 691 -16.84 -26.96 -9.93
N PHE B 692 -17.86 -27.45 -10.64
CA PHE B 692 -19.11 -27.85 -10.00
C PHE B 692 -18.92 -29.17 -9.28
N ILE B 693 -19.19 -29.18 -7.98
CA ILE B 693 -18.97 -30.34 -7.12
C ILE B 693 -20.28 -30.88 -6.54
N GLY B 694 -21.42 -30.37 -7.01
CA GLY B 694 -22.68 -30.77 -6.40
C GLY B 694 -22.90 -32.27 -6.43
N ALA B 695 -22.46 -32.93 -7.49
CA ALA B 695 -22.61 -34.38 -7.57
C ALA B 695 -21.90 -35.10 -6.43
N THR B 696 -20.93 -34.45 -5.79
CA THR B 696 -20.25 -35.05 -4.65
C THR B 696 -21.05 -34.93 -3.36
N GLY B 697 -22.05 -34.06 -3.33
CA GLY B 697 -22.92 -33.95 -2.17
C GLY B 697 -22.32 -33.23 -0.98
N MET B 698 -21.28 -32.42 -1.18
CA MET B 698 -20.63 -31.71 -0.10
C MET B 698 -20.47 -30.24 -0.47
N ASN B 699 -20.70 -29.36 0.51
CA ASN B 699 -20.66 -27.93 0.28
C ASN B 699 -19.37 -27.53 -0.43
N GLY B 700 -19.43 -26.43 -1.18
CA GLY B 700 -18.21 -25.81 -1.66
C GLY B 700 -17.29 -25.39 -0.54
N TYR B 701 -17.86 -24.80 0.52
CA TYR B 701 -17.04 -24.35 1.64
C TYR B 701 -16.28 -25.52 2.27
N ASP B 702 -17.00 -26.60 2.57
CA ASP B 702 -16.37 -27.75 3.21
C ASP B 702 -15.64 -28.64 2.21
N PHE B 703 -15.90 -28.49 0.91
CA PHE B 703 -15.03 -29.11 -0.08
C PHE B 703 -13.67 -28.42 -0.12
N ARG B 704 -13.66 -27.08 -0.10
CA ARG B 704 -12.42 -26.35 0.00
C ARG B 704 -11.68 -26.69 1.28
N GLU B 705 -12.38 -26.66 2.42
CA GLU B 705 -11.74 -26.91 3.71
C GLU B 705 -11.27 -28.35 3.83
N LYS B 706 -12.21 -29.30 3.81
CA LYS B 706 -11.92 -30.67 4.22
C LYS B 706 -11.35 -31.54 3.10
N ILE B 707 -11.27 -31.05 1.87
CA ILE B 707 -10.63 -31.81 0.81
C ILE B 707 -9.47 -31.02 0.22
N LEU B 708 -9.76 -29.91 -0.44
CA LEU B 708 -8.71 -29.22 -1.18
C LEU B 708 -7.61 -28.74 -0.25
N MET B 709 -8.00 -28.03 0.81
CA MET B 709 -7.01 -27.49 1.75
C MET B 709 -6.49 -28.57 2.68
N GLU B 710 -7.39 -29.30 3.34
CA GLU B 710 -6.96 -30.29 4.33
C GLU B 710 -6.16 -31.41 3.67
N ARG B 711 -6.64 -31.94 2.55
CA ARG B 711 -5.97 -33.08 1.93
C ARG B 711 -4.88 -32.70 0.93
N PHE B 712 -5.06 -31.61 0.17
CA PHE B 712 -4.21 -31.36 -0.98
C PHE B 712 -3.56 -29.98 -0.99
N GLY B 713 -3.89 -29.11 -0.06
CA GLY B 713 -3.27 -27.79 -0.01
C GLY B 713 -3.59 -26.91 -1.21
N ILE B 714 -4.57 -27.30 -2.01
CA ILE B 714 -4.91 -26.52 -3.20
C ILE B 714 -5.64 -25.26 -2.75
N GLN B 715 -5.05 -24.10 -3.02
CA GLN B 715 -5.73 -22.83 -2.82
C GLN B 715 -6.70 -22.56 -3.95
N ILE B 716 -7.84 -21.96 -3.61
CA ILE B 716 -8.86 -21.56 -4.57
C ILE B 716 -9.40 -20.20 -4.17
N ASN B 717 -10.03 -19.51 -5.12
CA ASN B 717 -10.36 -18.10 -4.95
C ASN B 717 -11.76 -17.86 -4.41
N LYS B 718 -12.73 -18.71 -4.73
CA LYS B 718 -14.07 -18.56 -4.20
C LYS B 718 -14.71 -19.93 -4.04
N THR B 719 -15.58 -20.04 -3.05
CA THR B 719 -16.43 -21.21 -2.89
C THR B 719 -17.89 -20.83 -3.05
N SER B 720 -18.68 -21.80 -3.49
CA SER B 720 -20.12 -21.64 -3.72
C SER B 720 -20.82 -22.86 -3.15
N ILE B 721 -22.15 -22.77 -3.08
CA ILE B 721 -22.92 -23.86 -2.48
C ILE B 721 -22.55 -25.20 -3.12
N ASN B 722 -22.47 -25.24 -4.45
CA ASN B 722 -22.15 -26.49 -5.14
C ASN B 722 -20.90 -26.41 -6.03
N SER B 723 -20.15 -25.31 -6.00
CA SER B 723 -19.02 -25.17 -6.91
C SER B 723 -17.87 -24.45 -6.23
N VAL B 724 -16.66 -24.70 -6.74
CA VAL B 724 -15.44 -24.05 -6.29
C VAL B 724 -14.75 -23.41 -7.50
N LEU B 725 -14.38 -22.13 -7.37
CA LEU B 725 -13.74 -21.39 -8.45
C LEU B 725 -12.22 -21.55 -8.35
N LEU B 726 -11.61 -22.02 -9.44
CA LEU B 726 -10.16 -22.11 -9.57
C LEU B 726 -9.70 -21.24 -10.73
N ILE B 727 -8.81 -20.29 -10.46
CA ILE B 727 -8.33 -19.34 -11.45
C ILE B 727 -6.90 -19.70 -11.82
N PHE B 728 -6.69 -20.05 -13.10
CA PHE B 728 -5.34 -20.27 -13.62
C PHE B 728 -4.67 -18.94 -13.93
N THR B 729 -3.38 -18.85 -13.62
CA THR B 729 -2.59 -17.65 -13.84
C THR B 729 -1.29 -18.01 -14.53
N ILE B 730 -0.52 -16.99 -14.90
CA ILE B 730 0.68 -17.15 -15.72
C ILE B 730 1.64 -18.15 -15.10
N GLY B 731 1.55 -18.37 -13.79
CA GLY B 731 2.41 -19.35 -13.14
C GLY B 731 1.98 -20.79 -13.31
N VAL B 732 0.80 -21.04 -13.89
CA VAL B 732 0.34 -22.40 -14.04
C VAL B 732 1.23 -23.17 -14.99
N THR B 733 1.40 -24.46 -14.72
CA THR B 733 2.20 -25.36 -15.53
C THR B 733 1.41 -26.63 -15.76
N TRP B 734 1.82 -27.41 -16.78
CA TRP B 734 1.13 -28.68 -17.01
C TRP B 734 1.26 -29.60 -15.82
N SER B 735 2.33 -29.48 -15.05
CA SER B 735 2.45 -30.26 -13.81
C SER B 735 1.35 -29.90 -12.84
N SER B 736 0.95 -28.63 -12.80
CA SER B 736 -0.19 -28.23 -11.96
C SER B 736 -1.48 -28.85 -12.48
N VAL B 737 -1.64 -28.93 -13.80
CA VAL B 737 -2.85 -29.52 -14.36
C VAL B 737 -2.91 -31.01 -14.04
N HIS B 738 -1.79 -31.73 -14.16
CA HIS B 738 -1.76 -33.11 -13.70
C HIS B 738 -2.05 -33.22 -12.21
N TYR B 739 -1.53 -32.31 -11.40
CA TYR B 739 -1.83 -32.36 -9.97
C TYR B 739 -3.32 -32.23 -9.71
N LEU B 740 -3.96 -31.24 -10.33
CA LEU B 740 -5.39 -31.05 -10.13
C LEU B 740 -6.20 -32.24 -10.65
N LEU B 741 -5.84 -32.75 -11.82
CA LEU B 741 -6.54 -33.90 -12.37
C LEU B 741 -6.39 -35.12 -11.46
N ASP B 742 -5.18 -35.37 -10.97
CA ASP B 742 -4.95 -36.48 -10.06
C ASP B 742 -5.73 -36.30 -8.76
N VAL B 743 -5.81 -35.06 -8.26
CA VAL B 743 -6.58 -34.80 -7.05
C VAL B 743 -8.05 -35.13 -7.27
N LEU B 744 -8.61 -34.65 -8.38
CA LEU B 744 -10.01 -34.95 -8.66
C LEU B 744 -10.22 -36.44 -8.90
N ARG B 745 -9.26 -37.12 -9.51
CA ARG B 745 -9.33 -38.57 -9.66
C ARG B 745 -9.36 -39.26 -8.30
N ARG B 746 -8.48 -38.82 -7.37
CA ARG B 746 -8.46 -39.41 -6.05
C ARG B 746 -9.79 -39.21 -5.32
N VAL B 747 -10.35 -38.00 -5.40
CA VAL B 747 -11.62 -37.74 -4.74
C VAL B 747 -12.73 -38.56 -5.37
N ALA B 748 -12.71 -38.70 -6.69
CA ALA B 748 -13.68 -39.56 -7.37
C ALA B 748 -13.52 -41.01 -6.95
N ILE B 749 -12.28 -41.47 -6.79
CA ILE B 749 -12.03 -42.84 -6.35
C ILE B 749 -12.60 -43.06 -4.95
N ASP B 750 -12.36 -42.12 -4.05
CA ASP B 750 -12.93 -42.24 -2.71
C ASP B 750 -14.45 -42.19 -2.72
N LEU B 751 -15.02 -41.39 -3.62
CA LEU B 751 -16.48 -41.32 -3.71
C LEU B 751 -17.06 -42.62 -4.26
N ASP B 752 -16.40 -43.22 -5.25
CA ASP B 752 -16.82 -44.53 -5.74
C ASP B 752 -16.67 -45.59 -4.66
N ARG B 753 -15.59 -45.52 -3.88
CA ARG B 753 -15.42 -46.43 -2.75
C ARG B 753 -16.58 -46.31 -1.77
N SER B 754 -16.98 -45.08 -1.45
CA SER B 754 -18.11 -44.88 -0.56
C SER B 754 -19.41 -45.39 -1.17
N GLN B 755 -19.60 -45.15 -2.48
CA GLN B 755 -20.83 -45.58 -3.14
C GLN B 755 -20.94 -47.10 -3.15
N LYS B 756 -19.82 -47.81 -3.33
CA LYS B 756 -19.87 -49.26 -3.35
C LYS B 756 -19.87 -49.87 -1.96
N ALA B 757 -19.35 -49.15 -0.97
CA ALA B 757 -19.46 -49.58 0.42
C ALA B 757 -20.75 -49.14 1.08
N ALA B 758 -21.40 -48.11 0.55
CA ALA B 758 -22.56 -47.53 1.20
C ALA B 758 -23.73 -48.51 1.23
N SER B 759 -24.47 -48.51 2.34
CA SER B 759 -25.76 -49.16 2.39
C SER B 759 -26.80 -48.31 1.65
N GLY B 760 -27.97 -48.91 1.43
CA GLY B 760 -29.07 -48.16 0.84
C GLY B 760 -29.45 -46.93 1.66
N ALA B 761 -29.24 -46.98 2.97
CA ALA B 761 -29.50 -45.80 3.80
C ALA B 761 -28.40 -44.76 3.65
N ASP B 762 -27.15 -45.21 3.53
CA ASP B 762 -26.06 -44.27 3.26
C ASP B 762 -26.21 -43.67 1.87
N LEU B 763 -26.58 -44.48 0.88
CA LEU B 763 -26.85 -43.94 -0.45
C LEU B 763 -28.02 -42.97 -0.43
N ALA B 764 -29.03 -43.24 0.41
CA ALA B 764 -30.15 -42.31 0.51
C ALA B 764 -29.72 -40.98 1.12
N LEU B 765 -28.90 -41.04 2.18
CA LEU B 765 -28.39 -39.81 2.78
C LEU B 765 -27.56 -39.02 1.78
N HIS B 766 -26.68 -39.70 1.04
CA HIS B 766 -25.85 -39.03 0.04
C HIS B 766 -26.70 -38.40 -1.05
N ARG B 767 -27.72 -39.11 -1.53
CA ARG B 767 -28.60 -38.55 -2.54
C ARG B 767 -29.37 -37.35 -1.98
N ARG B 768 -29.73 -37.38 -0.70
CA ARG B 768 -30.38 -36.23 -0.10
C ARG B 768 -29.43 -35.04 -0.06
N HIS B 769 -28.16 -35.28 0.29
CA HIS B 769 -27.19 -34.20 0.31
C HIS B 769 -27.00 -33.61 -1.08
N VAL B 770 -26.95 -34.47 -2.10
CA VAL B 770 -26.82 -33.99 -3.47
C VAL B 770 -28.01 -33.13 -3.86
N GLU B 771 -29.23 -33.55 -3.48
CA GLU B 771 -30.39 -32.73 -3.77
C GLU B 771 -30.34 -31.39 -3.04
N GLU B 772 -29.90 -31.40 -1.78
CA GLU B 772 -29.80 -30.16 -1.02
C GLU B 772 -28.82 -29.20 -1.66
N ILE B 773 -27.66 -29.71 -2.07
CA ILE B 773 -26.62 -28.88 -2.66
C ILE B 773 -27.01 -28.37 -4.04
N THR B 774 -27.83 -29.12 -4.78
CA THR B 774 -28.04 -28.82 -6.19
C THR B 774 -29.46 -28.40 -6.57
N GLN B 775 -30.49 -28.86 -5.88
CA GLN B 775 -31.86 -28.69 -6.39
C GLN B 775 -32.60 -27.50 -5.81
N ASP B 776 -32.86 -27.49 -4.50
CA ASP B 776 -33.67 -26.43 -3.90
C ASP B 776 -32.81 -25.24 -3.47
N LEU B 777 -31.92 -24.79 -4.35
CA LEU B 777 -31.05 -23.68 -4.02
C LEU B 777 -31.86 -22.41 -3.80
N PRO B 778 -31.56 -21.62 -2.76
CA PRO B 778 -32.19 -20.30 -2.62
C PRO B 778 -31.69 -19.33 -3.67
N HIS B 779 -32.62 -18.77 -4.45
CA HIS B 779 -32.29 -17.75 -5.42
C HIS B 779 -31.56 -16.58 -4.77
N LEU B 780 -30.39 -16.23 -5.30
CA LEU B 780 -29.71 -15.03 -4.87
C LEU B 780 -30.59 -13.82 -5.14
N PRO B 781 -30.83 -12.96 -4.15
CA PRO B 781 -31.82 -11.89 -4.31
C PRO B 781 -31.34 -10.76 -5.20
N ASP B 782 -32.29 -10.20 -5.96
CA ASP B 782 -32.06 -8.95 -6.66
C ASP B 782 -31.89 -7.80 -5.67
N PHE B 783 -31.40 -6.67 -6.17
CA PHE B 783 -31.40 -5.42 -5.41
C PHE B 783 -32.81 -4.93 -5.17
N SER B 784 -33.33 -5.16 -3.97
CA SER B 784 -34.43 -4.36 -3.46
C SER B 784 -34.00 -2.90 -3.35
N GLU B 785 -34.93 -1.99 -3.65
CA GLU B 785 -34.57 -0.59 -3.78
C GLU B 785 -34.04 -0.03 -2.46
N PHE B 786 -33.44 1.16 -2.56
CA PHE B 786 -33.27 2.05 -1.41
C PHE B 786 -34.62 2.48 -0.84
N ASP B 787 -34.65 2.74 0.46
CA ASP B 787 -35.85 3.29 1.06
C ASP B 787 -36.10 4.71 0.55
N LEU B 788 -37.37 5.10 0.57
CA LEU B 788 -37.74 6.46 0.18
C LEU B 788 -37.11 7.52 1.07
N ALA B 789 -36.66 7.14 2.27
CA ALA B 789 -35.80 8.01 3.06
C ALA B 789 -34.48 8.34 2.37
N PHE B 790 -34.01 7.45 1.49
CA PHE B 790 -32.68 7.58 0.91
C PHE B 790 -32.66 7.72 -0.60
N ARG B 791 -33.77 7.47 -1.29
CA ARG B 791 -33.83 7.84 -2.69
C ARG B 791 -34.11 9.35 -2.81
N PRO B 792 -33.16 10.13 -3.33
CA PRO B 792 -33.44 11.56 -3.55
C PRO B 792 -34.60 11.85 -4.48
N ASP B 793 -34.75 11.04 -5.54
CA ASP B 793 -35.83 11.17 -6.49
C ASP B 793 -36.78 9.99 -6.31
N ASP B 794 -38.03 10.29 -5.96
CA ASP B 794 -39.01 9.22 -5.74
C ASP B 794 -39.21 8.39 -6.99
N ALA B 795 -39.03 8.99 -8.17
CA ALA B 795 -39.22 8.30 -9.43
C ALA B 795 -38.02 7.47 -9.86
N SER B 796 -36.86 7.62 -9.21
CA SER B 796 -35.62 7.01 -9.67
C SER B 796 -35.03 6.12 -8.59
N SER B 797 -34.32 5.08 -9.03
CA SER B 797 -33.79 4.04 -8.16
C SER B 797 -32.47 4.38 -7.48
N PHE B 798 -31.79 5.46 -7.86
CA PHE B 798 -30.51 5.76 -7.22
C PHE B 798 -30.74 6.23 -5.79
N GLY B 799 -29.81 5.86 -4.90
CA GLY B 799 -29.92 6.16 -3.49
C GLY B 799 -28.73 6.96 -2.97
N ASP B 800 -29.02 7.81 -1.98
CA ASP B 800 -28.00 8.53 -1.21
C ASP B 800 -27.32 7.63 -0.17
N MET B 801 -26.64 6.60 -0.67
CA MET B 801 -26.11 5.54 0.19
C MET B 801 -25.11 6.08 1.23
N ARG B 802 -24.38 7.14 0.93
CA ARG B 802 -23.54 7.78 1.93
C ARG B 802 -24.32 8.21 3.17
N SER B 803 -25.41 8.96 2.96
CA SER B 803 -26.27 9.36 4.07
C SER B 803 -26.74 8.17 4.89
N ALA B 804 -27.20 7.10 4.24
CA ALA B 804 -27.65 5.93 4.99
C ALA B 804 -26.50 5.26 5.72
N PHE B 805 -25.31 5.27 5.12
CA PHE B 805 -24.12 4.72 5.76
C PHE B 805 -23.84 5.41 7.09
N TYR B 806 -23.78 6.75 7.08
CA TYR B 806 -23.53 7.47 8.33
C TYR B 806 -24.74 7.49 9.26
N ALA B 807 -25.95 7.56 8.72
CA ALA B 807 -27.15 7.43 9.53
C ALA B 807 -27.18 6.12 10.33
N GLY B 808 -26.64 5.06 9.76
CA GLY B 808 -26.61 3.81 10.50
C GLY B 808 -25.76 3.82 11.77
N TYR B 809 -24.96 4.86 11.97
CA TYR B 809 -24.16 5.00 13.18
C TYR B 809 -24.87 5.78 14.29
N GLU B 810 -26.01 6.40 14.00
CA GLU B 810 -26.89 6.92 15.04
C GLU B 810 -27.51 5.74 15.76
N GLU B 811 -27.00 5.41 16.94
CA GLU B 811 -27.49 4.25 17.68
C GLU B 811 -28.94 4.42 18.10
N ALA B 812 -29.43 5.65 18.24
CA ALA B 812 -30.84 5.85 18.53
C ALA B 812 -31.70 5.52 17.32
N ASP B 813 -31.13 5.62 16.12
CA ASP B 813 -31.84 5.35 14.87
C ASP B 813 -31.72 3.90 14.44
N ARG B 814 -30.64 3.24 14.83
CA ARG B 814 -30.46 1.81 14.56
C ARG B 814 -31.19 0.94 15.58
N GLU B 815 -31.70 -0.18 15.09
CA GLU B 815 -32.20 -1.27 15.92
C GLU B 815 -31.82 -2.57 15.25
N TYR B 816 -31.95 -3.68 15.99
CA TYR B 816 -31.72 -5.00 15.43
C TYR B 816 -33.02 -5.79 15.38
N VAL B 817 -33.29 -6.39 14.22
CA VAL B 817 -34.46 -7.23 13.98
C VAL B 817 -33.97 -8.64 13.65
N GLN B 818 -34.31 -9.59 14.51
CA GLN B 818 -34.04 -10.99 14.21
C GLN B 818 -34.73 -11.40 12.92
N ILE B 819 -34.01 -12.13 12.06
CA ILE B 819 -34.53 -12.54 10.77
C ILE B 819 -35.80 -13.38 10.92
N GLY B 820 -35.91 -14.15 11.99
CA GLY B 820 -37.16 -14.83 12.25
C GLY B 820 -38.29 -13.86 12.52
N LEU B 821 -37.97 -12.67 13.01
CA LEU B 821 -38.96 -11.61 13.20
C LEU B 821 -39.08 -10.71 11.98
N ALA B 822 -38.03 -10.63 11.16
CA ALA B 822 -38.01 -9.76 10.00
C ALA B 822 -39.16 -10.04 9.03
N GLY B 823 -39.36 -11.30 8.68
CA GLY B 823 -40.45 -11.67 7.79
C GLY B 823 -41.83 -11.31 8.31
N ARG B 824 -42.05 -11.46 9.62
CA ARG B 824 -43.31 -10.98 10.20
C ARG B 824 -43.39 -9.46 10.16
N ARG B 825 -42.32 -8.76 10.53
CA ARG B 825 -42.33 -7.30 10.50
C ARG B 825 -42.68 -6.77 9.11
N LEU B 826 -42.21 -7.45 8.07
CA LEU B 826 -42.64 -7.09 6.71
C LEU B 826 -44.15 -7.19 6.54
N ALA B 827 -44.78 -8.15 7.21
CA ALA B 827 -46.24 -8.22 7.16
C ALA B 827 -46.87 -7.07 7.92
N GLU B 828 -46.27 -6.67 9.05
CA GLU B 828 -46.71 -5.47 9.74
C GLU B 828 -46.53 -4.21 8.89
N GLY B 829 -45.68 -4.26 7.87
CA GLY B 829 -45.29 -3.09 7.11
C GLY B 829 -44.31 -2.16 7.76
N LYS B 830 -43.74 -2.53 8.92
CA LYS B 830 -42.66 -1.76 9.53
C LYS B 830 -41.41 -1.98 8.69
N THR B 831 -41.31 -1.16 7.62
CA THR B 831 -40.26 -1.32 6.63
C THR B 831 -38.89 -1.47 7.26
N LEU B 832 -38.29 -2.64 7.04
CA LEU B 832 -36.90 -2.91 7.37
C LEU B 832 -35.98 -2.28 6.33
N VAL B 833 -35.04 -1.44 6.78
CA VAL B 833 -34.08 -0.80 5.89
C VAL B 833 -32.69 -0.99 6.49
N SER B 834 -31.81 -1.59 5.69
CA SER B 834 -30.45 -1.89 6.14
C SER B 834 -29.68 -0.63 6.50
N THR B 835 -29.07 -0.65 7.68
CA THR B 835 -28.12 0.39 8.06
C THR B 835 -26.73 0.14 7.49
N THR B 836 -26.41 -1.11 7.13
CA THR B 836 -25.03 -1.53 6.93
C THR B 836 -24.96 -2.48 5.75
N PHE B 837 -23.76 -2.61 5.18
CA PHE B 837 -23.42 -3.64 4.21
C PHE B 837 -23.42 -5.05 4.77
N VAL B 838 -24.54 -5.76 4.65
CA VAL B 838 -24.59 -7.19 4.94
C VAL B 838 -23.98 -7.93 3.75
N VAL B 839 -22.89 -8.65 4.00
CA VAL B 839 -22.08 -9.25 2.94
C VAL B 839 -21.92 -10.75 3.14
N PRO B 840 -22.95 -11.56 2.94
CA PRO B 840 -22.76 -13.02 3.02
C PRO B 840 -21.72 -13.51 2.02
N TYR B 841 -20.80 -14.32 2.52
CA TYR B 841 -19.74 -14.88 1.67
C TYR B 841 -20.20 -15.77 0.52
N PRO B 842 -21.18 -16.66 0.65
CA PRO B 842 -21.55 -17.52 -0.49
C PRO B 842 -21.83 -16.69 -1.74
N PRO B 843 -22.65 -15.63 -1.68
CA PRO B 843 -22.62 -14.67 -2.79
C PRO B 843 -21.29 -13.95 -2.87
N GLY B 844 -20.76 -13.51 -1.73
CA GLY B 844 -19.55 -12.72 -1.63
C GLY B 844 -19.72 -11.24 -1.87
N PHE B 845 -20.94 -10.76 -2.01
CA PHE B 845 -21.24 -9.37 -2.33
C PHE B 845 -22.21 -8.84 -1.30
N PRO B 846 -22.17 -7.53 -1.01
CA PRO B 846 -23.22 -6.94 -0.17
C PRO B 846 -24.62 -7.26 -0.65
N VAL B 847 -25.30 -8.15 0.07
CA VAL B 847 -26.69 -8.47 -0.25
C VAL B 847 -27.60 -7.32 0.18
N LEU B 848 -27.22 -6.60 1.23
CA LEU B 848 -27.80 -5.32 1.59
C LEU B 848 -26.72 -4.25 1.60
N VAL B 849 -27.12 -3.03 1.27
CA VAL B 849 -26.29 -1.84 1.43
C VAL B 849 -27.03 -0.90 2.37
N PRO B 850 -26.32 0.04 2.99
CA PRO B 850 -27.00 1.03 3.83
C PRO B 850 -28.14 1.71 3.09
N GLY B 851 -29.30 1.71 3.72
CA GLY B 851 -30.50 2.32 3.15
C GLY B 851 -31.28 1.42 2.22
N GLN B 852 -30.80 0.22 1.94
CA GLN B 852 -31.55 -0.71 1.12
C GLN B 852 -32.71 -1.33 1.88
N LEU B 853 -33.86 -1.39 1.24
CA LEU B 853 -35.00 -2.15 1.74
C LEU B 853 -34.63 -3.62 1.91
N VAL B 854 -34.78 -4.13 3.12
CA VAL B 854 -34.70 -5.58 3.34
C VAL B 854 -36.00 -6.18 2.82
N SER B 855 -35.95 -6.84 1.66
CA SER B 855 -37.11 -7.42 1.03
C SER B 855 -37.34 -8.87 1.49
N LYS B 856 -38.55 -9.36 1.19
CA LYS B 856 -38.90 -10.74 1.47
C LYS B 856 -37.85 -11.70 0.96
N GLU B 857 -37.33 -11.47 -0.24
CA GLU B 857 -36.31 -12.34 -0.80
C GLU B 857 -34.98 -12.24 -0.06
N ILE B 858 -34.61 -11.05 0.42
CA ILE B 858 -33.37 -10.96 1.20
C ILE B 858 -33.53 -11.59 2.59
N ILE B 859 -34.65 -11.35 3.27
CA ILE B 859 -34.94 -12.07 4.50
C ILE B 859 -34.84 -13.57 4.28
N TYR B 860 -35.54 -14.07 3.26
CA TYR B 860 -35.50 -15.50 2.94
C TYR B 860 -34.07 -15.98 2.70
N PHE B 861 -33.32 -15.30 1.84
CA PHE B 861 -31.95 -15.70 1.57
C PHE B 861 -31.12 -15.79 2.85
N LEU B 862 -31.10 -14.72 3.65
CA LEU B 862 -30.28 -14.73 4.86
C LEU B 862 -30.77 -15.74 5.89
N ALA B 863 -32.07 -16.01 5.94
CA ALA B 863 -32.61 -17.08 6.78
C ALA B 863 -32.10 -18.46 6.36
N GLN B 864 -32.11 -18.74 5.06
CA GLN B 864 -31.64 -20.04 4.56
C GLN B 864 -30.13 -20.19 4.62
N LEU B 865 -29.41 -19.25 5.21
CA LEU B 865 -27.96 -19.32 5.35
C LEU B 865 -27.62 -19.74 6.76
N ASP B 866 -26.92 -20.86 6.89
CA ASP B 866 -26.33 -21.27 8.15
C ASP B 866 -24.90 -20.79 8.31
N VAL B 867 -24.36 -20.12 7.29
CA VAL B 867 -22.93 -19.78 7.29
C VAL B 867 -22.67 -18.77 8.41
N LYS B 868 -21.54 -18.92 9.08
CA LYS B 868 -21.17 -18.01 10.16
C LYS B 868 -20.48 -16.76 9.68
N GLU B 869 -19.81 -16.78 8.53
CA GLU B 869 -19.18 -15.58 7.99
C GLU B 869 -20.23 -14.79 7.18
N ILE B 870 -21.00 -13.99 7.89
CA ILE B 870 -21.75 -12.86 7.34
C ILE B 870 -21.20 -11.60 8.00
N HIS B 871 -20.56 -10.74 7.20
CA HIS B 871 -20.15 -9.44 7.68
C HIS B 871 -21.35 -8.49 7.78
N GLY B 872 -21.36 -7.69 8.83
CA GLY B 872 -22.43 -6.73 9.08
C GLY B 872 -23.73 -7.34 9.60
N TYR B 873 -23.89 -8.64 9.46
CA TYR B 873 -25.02 -9.38 10.03
C TYR B 873 -24.53 -10.29 11.15
N ASN B 874 -25.02 -10.05 12.36
CA ASN B 874 -24.76 -10.94 13.48
C ASN B 874 -26.07 -11.61 13.88
N PRO B 875 -26.25 -12.90 13.61
CA PRO B 875 -27.49 -13.58 14.04
C PRO B 875 -27.71 -13.58 15.55
N ASP B 876 -26.71 -13.22 16.35
CA ASP B 876 -26.95 -13.03 17.78
C ASP B 876 -27.80 -11.79 18.03
N LEU B 877 -27.61 -10.74 17.23
CA LEU B 877 -28.35 -9.50 17.37
C LEU B 877 -29.52 -9.39 16.40
N GLY B 878 -29.32 -9.80 15.16
CA GLY B 878 -30.27 -9.60 14.09
C GLY B 878 -29.75 -8.63 13.04
N LEU B 879 -30.60 -8.39 12.04
CA LEU B 879 -30.33 -7.36 11.05
C LEU B 879 -30.32 -5.98 11.69
N SER B 880 -29.20 -5.28 11.57
CA SER B 880 -29.12 -3.87 11.91
C SER B 880 -29.95 -3.05 10.93
N VAL B 881 -31.08 -2.53 11.40
CA VAL B 881 -32.03 -1.82 10.55
C VAL B 881 -32.37 -0.48 11.20
N PHE B 882 -32.74 0.49 10.38
CA PHE B 882 -33.29 1.74 10.89
C PHE B 882 -34.60 1.53 11.63
N THR B 883 -34.74 2.22 12.77
CA THR B 883 -36.03 2.36 13.43
C THR B 883 -37.03 3.08 12.53
N GLN B 884 -38.31 2.73 12.70
CA GLN B 884 -39.38 3.40 11.97
C GLN B 884 -39.40 4.90 12.24
N ALA B 885 -39.19 5.31 13.49
CA ALA B 885 -39.07 6.74 13.80
C ALA B 885 -37.95 7.39 12.99
N ALA B 886 -36.77 6.77 12.98
CA ALA B 886 -35.67 7.26 12.16
C ALA B 886 -36.06 7.39 10.70
N LEU B 887 -36.63 6.33 10.12
CA LEU B 887 -37.03 6.35 8.73
C LEU B 887 -38.03 7.46 8.45
N ALA B 888 -39.03 7.61 9.32
CA ALA B 888 -40.01 8.69 9.18
C ALA B 888 -39.34 10.06 9.18
N ARG B 889 -38.47 10.32 10.15
CA ARG B 889 -37.75 11.60 10.20
C ARG B 889 -36.96 11.84 8.92
N MET B 890 -36.20 10.85 8.48
CA MET B 890 -35.37 11.00 7.29
C MET B 890 -36.22 11.20 6.04
N GLU B 891 -37.33 10.47 5.91
CA GLU B 891 -38.27 10.74 4.81
C GLU B 891 -38.82 12.16 4.87
N ALA B 892 -39.15 12.64 6.08
CA ALA B 892 -39.59 14.03 6.23
C ALA B 892 -38.53 15.00 5.69
N ALA B 893 -37.29 14.82 6.14
CA ALA B 893 -36.18 15.65 5.68
C ALA B 893 -36.03 15.57 4.16
N ARG B 894 -36.09 14.36 3.61
CA ARG B 894 -35.94 14.17 2.17
C ARG B 894 -37.04 14.89 1.40
N ASN B 895 -38.25 14.94 1.95
CA ASN B 895 -39.29 15.76 1.34
C ASN B 895 -38.97 17.23 1.49
N ALA B 896 -38.53 17.67 2.66
CA ALA B 896 -38.28 19.08 2.92
C ALA B 896 -37.34 19.26 4.10
N1 PLP C . 1.80 12.26 9.03
C2 PLP C . 3.03 12.88 9.13
C2A PLP C . 3.30 13.82 10.27
C3 PLP C . 4.01 12.62 8.18
O3 PLP C . 5.23 13.24 8.29
C4 PLP C . 3.77 11.76 7.12
C4A PLP C . 4.96 11.11 6.47
C5 PLP C . 2.52 11.14 7.05
C6 PLP C . 1.54 11.40 7.99
C5A PLP C . 2.16 10.18 5.92
O4P PLP C . 2.53 8.86 6.21
P PLP C . 3.35 7.99 5.14
O1P PLP C . 4.73 8.56 4.98
O2P PLP C . 3.43 6.56 5.61
O3P PLP C . 2.61 8.03 3.82
H2A1 PLP C . 4.14 13.43 10.86
H2A2 PLP C . 2.42 13.90 10.88
H2A3 PLP C . 3.57 14.80 9.87
HO3 PLP C . 5.86 12.65 8.71
H4A PLP C . 5.08 11.16 5.39
H6 PLP C . 0.57 10.91 7.92
H5A1 PLP C . 2.67 10.50 5.00
H5A2 PLP C . 1.10 10.23 5.73
N1 PLP D . -11.76 -5.28 -8.01
C2 PLP D . -11.98 -6.63 -8.16
C2A PLP D . -12.91 -7.12 -9.22
C3 PLP D . -11.34 -7.54 -7.31
O3 PLP D . -11.58 -8.88 -7.48
C4 PLP D . -10.46 -7.09 -6.34
C4A PLP D . -9.40 -8.03 -5.85
C5 PLP D . -10.25 -5.72 -6.21
C6 PLP D . -10.90 -4.83 -7.04
C5A PLP D . -9.33 -5.18 -5.14
O4P PLP D . -8.02 -5.08 -5.61
P PLP D . -6.79 -5.33 -4.63
O1P PLP D . -6.78 -6.79 -4.23
O2P PLP D . -5.49 -4.99 -5.30
O3P PLP D . -6.96 -4.48 -3.39
H2A1 PLP D . -12.55 -8.06 -9.62
H2A2 PLP D . -12.95 -6.38 -10.02
H2A3 PLP D . -13.91 -7.26 -8.79
HO3 PLP D . -10.80 -9.31 -7.89
H4A PLP D . -9.13 -8.03 -4.78
H6 PLP D . -10.73 -3.76 -6.92
H5A1 PLP D . -9.36 -5.83 -4.26
H5A2 PLP D . -9.69 -4.19 -4.85
#